data_6KJ0
#
_entry.id   6KJ0
#
_cell.length_a   79.998
_cell.length_b   182.228
_cell.length_c   241.525
_cell.angle_alpha   90.000
_cell.angle_beta   90.000
_cell.angle_gamma   90.000
#
_symmetry.space_group_name_H-M   'C 2 2 21'
#
loop_
_entity.id
_entity.type
_entity.pdbx_description
1 polymer Beta-D-xylosidase/beta-D-glucosidase
2 branched alpha-D-mannopyranose-(1-4)-2-acetamido-2-deoxy-beta-D-glucopyranose-(1-4)-2-acetamido-2-deoxy-beta-D-glucopyranose
3 branched alpha-D-mannopyranose-(1-2)-alpha-D-mannopyranose-(1-3)-[alpha-D-mannopyranose-(1-3)-alpha-D-mannopyranose-(1-6)]beta-D-mannopyranose-(1-4)-2-acetamido-2-deoxy-beta-D-glucopyranose-(1-4)-2-acetamido-2-deoxy-beta-D-glucopyranose
4 branched alpha-D-mannopyranose-(1-6)-beta-D-mannopyranose-(1-4)-2-acetamido-2-deoxy-beta-D-glucopyranose-(1-4)-2-acetamido-2-deoxy-beta-D-glucopyranose
5 non-polymer 2-acetamido-2-deoxy-beta-D-glucopyranose
6 non-polymer Deacetyltaxol
7 non-polymer beta-D-xylopyranose
8 water water
#
_entity_poly.entity_id   1
_entity_poly.type   'polypeptide(L)'
_entity_poly.pdbx_seq_one_letter_code
;MFPARLSLAVLFSVSPALAYFSGLGLGSERSIFRRDLNSTGDESNSTQWPAPLANGGKSWASAFKKAKATVTEMTVEELA
NITSGVIGLCSGVTGAVTRLGIPEFCLQDGPIGPRGVHGSSQFPAGLTVAATWDRTLMYARARGMGQEFHDQGVHLALAP
VTGGPLGRTPLNGRGWEGTFADPYACGEASYLSVKGLTDAGVATVSKHWIAYEQETSRNLYIDIDGVSQADIQLPISSNV
DDLTMHELYMWSFAEAVRAGTNHIMCSYNRINNTHSCSNAKGLNQLLKTELNFQGGVVSDWGGQWDSVPAAENGLDVAMP
GKGFLGALGDFWGATLVELINNGTVSEDLVRDKAVRILTGYYYLGQDTNPPPPFVYNTIGAPTLNATSGYRNVRKPGTAE
LIKEIGSASVTLLKNTGSLPLKHPQRIAVLGNDATYNVLGPNACGLANSACDIDNLNGTLTTGGGSGSALSPYTITPLEA
LQKRAIEDNAEIAAVVANSNTTTGAEDAIAALLPDADVTFVFLNRYSEQGADAPDFSLGGDGDNLMDLAVTYSSNVVVVI
HTTGVVDIEKWADNPNVTAILVAYLPGQEAGNSLVPVLYGDVAPSGKLPWTWGKSIDDYVPNGVVYTDAYSPQSNFTEGV
FIDYRWFDKMGITPRYEFGFGLSYTTFTYSNLIVDHGRWAKDYSSVMETAEPFAEWDGTNSLYDVIFTVFATITNTGNLT
GSEVAQLYISIPGDNQPVRQLRGFDKIKDLPVGDSAVVTFPIRRKDVSSWSVVDQLWYVPNGDFLISVGGSSRDLPLNTT
WTPHHHHHH
;
_entity_poly.pdbx_strand_id   A,B
#
# COMPACT_ATOMS: atom_id res chain seq x y z
N GLN A 48 -45.10 4.04 7.12
CA GLN A 48 -43.65 4.22 7.36
C GLN A 48 -42.84 2.92 7.10
N TRP A 49 -41.52 3.11 6.97
CA TRP A 49 -40.52 2.04 6.90
C TRP A 49 -39.82 1.97 8.24
N PRO A 50 -39.89 0.82 8.92
CA PRO A 50 -39.37 0.80 10.27
C PRO A 50 -37.83 0.80 10.30
N ALA A 51 -37.29 1.35 11.38
CA ALA A 51 -35.87 1.49 11.62
C ALA A 51 -35.19 0.11 11.91
N PRO A 52 -34.35 -0.42 11.01
CA PRO A 52 -33.66 -1.68 11.37
C PRO A 52 -32.55 -1.46 12.40
N LEU A 53 -32.35 -2.43 13.28
CA LEU A 53 -31.37 -2.34 14.36
C LEU A 53 -29.97 -2.67 13.86
N ALA A 54 -28.99 -1.95 14.39
CA ALA A 54 -27.60 -2.24 14.09
C ALA A 54 -27.25 -3.60 14.63
N ASN A 55 -26.41 -4.30 13.88
CA ASN A 55 -25.81 -5.55 14.33
C ASN A 55 -24.27 -5.62 14.09
N GLY A 56 -23.61 -4.52 13.65
CA GLY A 56 -22.17 -4.54 13.38
C GLY A 56 -21.72 -5.13 12.05
N GLY A 57 -22.61 -5.79 11.30
CA GLY A 57 -22.28 -6.44 9.98
C GLY A 57 -20.96 -7.18 9.90
N LYS A 58 -20.14 -6.87 8.91
CA LYS A 58 -19.00 -7.71 8.59
C LYS A 58 -17.80 -7.43 9.47
N SER A 59 -17.16 -6.27 9.32
CA SER A 59 -15.95 -6.00 10.06
C SER A 59 -16.19 -5.36 11.43
N TRP A 60 -17.41 -4.93 11.78
CA TRP A 60 -17.53 -4.19 13.04
C TRP A 60 -18.13 -5.02 14.15
N ALA A 61 -18.18 -6.33 13.97
CA ALA A 61 -18.93 -7.18 14.90
C ALA A 61 -18.44 -7.02 16.33
N SER A 62 -17.14 -7.11 16.56
CA SER A 62 -16.67 -7.00 17.94
C SER A 62 -16.88 -5.58 18.49
N ALA A 63 -16.78 -4.56 17.62
CA ALA A 63 -16.90 -3.19 18.08
C ALA A 63 -18.38 -2.88 18.41
N PHE A 64 -19.31 -3.45 17.62
CA PHE A 64 -20.73 -3.46 17.91
C PHE A 64 -21.02 -4.02 19.31
N LYS A 65 -20.40 -5.14 19.61
CA LYS A 65 -20.65 -5.78 20.88
C LYS A 65 -20.25 -4.86 22.03
N LYS A 66 -19.04 -4.31 22.01
CA LYS A 66 -18.61 -3.30 23.01
C LYS A 66 -19.50 -2.06 23.02
N ALA A 67 -20.01 -1.67 21.85
CA ALA A 67 -20.94 -0.56 21.78
C ALA A 67 -22.28 -0.84 22.47
N LYS A 68 -22.81 -2.01 22.24
CA LYS A 68 -24.07 -2.41 22.88
C LYS A 68 -23.88 -2.49 24.41
N ALA A 69 -22.79 -3.07 24.87
CA ALA A 69 -22.51 -3.18 26.32
C ALA A 69 -22.54 -1.81 27.00
N THR A 70 -21.81 -0.87 26.41
CA THR A 70 -21.73 0.51 26.93
C THR A 70 -23.09 1.23 26.91
N VAL A 71 -23.79 1.13 25.79
CA VAL A 71 -25.06 1.77 25.64
C VAL A 71 -26.10 1.15 26.58
N THR A 72 -25.98 -0.14 26.88
CA THR A 72 -26.93 -0.80 27.80
C THR A 72 -26.83 -0.13 29.18
N GLU A 73 -25.62 0.22 29.59
CA GLU A 73 -25.41 0.93 30.86
C GLU A 73 -25.88 2.39 30.93
N MET A 74 -26.29 2.99 29.80
CA MET A 74 -26.51 4.47 29.75
C MET A 74 -27.89 4.88 30.29
N THR A 75 -27.97 6.02 30.99
CA THR A 75 -29.28 6.57 31.40
C THR A 75 -29.92 7.30 30.22
N VAL A 76 -31.16 7.76 30.40
CA VAL A 76 -31.78 8.58 29.36
C VAL A 76 -31.04 9.94 29.08
N GLU A 77 -30.56 10.62 30.15
CA GLU A 77 -29.78 11.84 30.02
C GLU A 77 -28.51 11.60 29.18
N GLU A 78 -27.85 10.47 29.41
CA GLU A 78 -26.61 10.12 28.70
C GLU A 78 -26.84 9.80 27.19
N LEU A 79 -27.94 9.17 26.87
CA LEU A 79 -28.29 8.88 25.53
C LEU A 79 -28.53 10.18 24.76
N ALA A 80 -29.27 11.11 25.35
CA ALA A 80 -29.51 12.41 24.74
C ALA A 80 -28.25 13.30 24.59
N ASN A 81 -27.23 13.05 25.43
CA ASN A 81 -25.96 13.77 25.43
C ASN A 81 -25.04 13.37 24.27
N ILE A 82 -24.93 12.08 24.00
CA ILE A 82 -24.06 11.57 22.96
C ILE A 82 -24.63 11.78 21.57
N THR A 83 -25.97 11.89 21.48
CA THR A 83 -26.69 12.05 20.24
C THR A 83 -27.01 13.49 19.81
N SER A 84 -26.51 14.48 20.54
CA SER A 84 -26.71 15.91 20.20
C SER A 84 -25.43 16.75 20.47
N GLY A 85 -25.14 17.77 19.64
CA GLY A 85 -23.89 18.49 19.74
C GLY A 85 -23.78 19.43 20.94
N VAL A 86 -22.55 19.63 21.39
CA VAL A 86 -22.26 20.51 22.50
C VAL A 86 -21.24 21.55 22.02
N ILE A 87 -20.97 22.51 22.86
CA ILE A 87 -20.04 23.60 22.51
C ILE A 87 -18.62 23.02 22.56
N GLY A 88 -17.82 23.29 21.52
CA GLY A 88 -16.35 23.09 21.59
C GLY A 88 -15.59 23.64 20.38
N LEU A 89 -14.32 23.24 20.27
CA LEU A 89 -13.37 23.81 19.31
C LEU A 89 -13.56 23.32 17.85
N CYS A 90 -14.29 22.21 17.69
CA CYS A 90 -14.52 21.56 16.40
C CYS A 90 -15.84 21.89 15.74
N SER A 91 -15.91 21.64 14.45
CA SER A 91 -17.13 21.84 13.71
C SER A 91 -18.38 21.32 14.48
N GLY A 92 -18.24 20.14 15.05
CA GLY A 92 -19.25 19.55 15.86
C GLY A 92 -18.52 18.80 16.95
N VAL A 93 -19.18 18.67 18.11
CA VAL A 93 -18.67 17.91 19.25
C VAL A 93 -19.86 17.18 19.90
N THR A 94 -19.78 15.84 20.03
CA THR A 94 -20.80 15.07 20.75
C THR A 94 -20.61 15.26 22.27
N GLY A 95 -21.69 15.35 23.03
CA GLY A 95 -21.56 15.36 24.50
C GLY A 95 -20.78 14.12 24.99
N ALA A 96 -20.07 14.30 26.07
CA ALA A 96 -19.45 13.20 26.79
C ALA A 96 -20.49 12.35 27.54
N VAL A 97 -20.16 11.08 27.77
CA VAL A 97 -20.83 10.23 28.78
C VAL A 97 -19.77 10.02 29.84
N THR A 98 -19.57 11.09 30.60
CA THR A 98 -18.62 11.21 31.71
C THR A 98 -18.51 9.99 32.65
N ARG A 99 -19.64 9.49 33.17
CA ARG A 99 -19.66 8.36 34.15
C ARG A 99 -19.00 7.08 33.61
N LEU A 100 -19.31 6.75 32.35
CA LEU A 100 -18.71 5.58 31.68
C LEU A 100 -17.40 5.87 30.95
N GLY A 101 -16.77 7.01 31.23
CA GLY A 101 -15.49 7.37 30.59
C GLY A 101 -15.47 7.53 29.07
N ILE A 102 -16.62 7.88 28.46
CA ILE A 102 -16.70 8.17 27.03
C ILE A 102 -16.53 9.68 26.85
N PRO A 103 -15.42 10.12 26.23
CA PRO A 103 -15.27 11.55 26.03
C PRO A 103 -16.08 12.09 24.84
N GLU A 104 -16.10 13.42 24.76
CA GLU A 104 -16.63 14.17 23.63
C GLU A 104 -15.90 13.74 22.34
N PHE A 105 -16.63 13.56 21.25
CA PHE A 105 -15.99 13.34 19.93
C PHE A 105 -15.95 14.65 19.15
N CYS A 106 -14.76 15.03 18.73
CA CYS A 106 -14.52 16.06 17.73
C CYS A 106 -14.90 15.62 16.26
N LEU A 107 -15.95 16.22 15.71
CA LEU A 107 -16.27 16.11 14.30
C LEU A 107 -15.69 17.35 13.63
N GLN A 108 -14.98 17.19 12.51
CA GLN A 108 -14.22 18.30 11.89
C GLN A 108 -14.23 18.31 10.38
N ASP A 109 -14.52 19.46 9.76
CA ASP A 109 -14.35 19.59 8.33
C ASP A 109 -12.82 19.41 8.04
N GLY A 110 -12.41 19.03 6.83
CA GLY A 110 -13.32 18.84 5.67
C GLY A 110 -12.66 17.93 4.64
N PRO A 111 -13.21 17.86 3.42
CA PRO A 111 -12.73 16.88 2.42
C PRO A 111 -11.40 17.12 1.70
N ILE A 112 -10.71 18.22 2.04
CA ILE A 112 -9.32 18.33 1.77
C ILE A 112 -8.41 18.21 2.98
N GLY A 113 -8.91 17.96 4.16
CA GLY A 113 -8.03 17.82 5.32
C GLY A 113 -8.70 18.69 6.30
N PRO A 114 -8.31 18.64 7.59
CA PRO A 114 -8.94 19.43 8.68
C PRO A 114 -8.83 20.93 8.48
N ARG A 115 -9.96 21.58 8.68
CA ARG A 115 -10.17 22.95 8.31
C ARG A 115 -9.98 23.84 9.53
N GLY A 116 -9.35 25.00 9.30
CA GLY A 116 -9.20 26.03 10.30
C GLY A 116 -8.12 25.74 11.32
N VAL A 117 -7.17 24.94 10.90
CA VAL A 117 -6.09 24.46 11.77
C VAL A 117 -4.77 25.01 11.22
N HIS A 118 -3.86 25.42 12.08
CA HIS A 118 -2.46 25.69 11.60
C HIS A 118 -1.74 24.41 11.83
N GLY A 119 -0.58 24.35 11.23
CA GLY A 119 0.32 23.22 11.39
C GLY A 119 0.00 22.09 10.47
N SER A 120 -0.80 22.32 9.43
CA SER A 120 -1.27 21.24 8.51
C SER A 120 -1.02 21.66 7.09
N SER A 121 -1.19 20.72 6.15
CA SER A 121 -1.00 20.92 4.71
C SER A 121 -2.34 21.13 3.97
N GLN A 122 -2.32 21.92 2.90
CA GLN A 122 -3.48 22.13 2.08
C GLN A 122 -3.38 21.15 0.91
N PHE A 123 -4.16 20.08 0.99
CA PHE A 123 -4.21 19.06 -0.02
C PHE A 123 -5.05 19.54 -1.21
N PRO A 124 -4.87 18.90 -2.35
CA PRO A 124 -5.66 19.16 -3.52
C PRO A 124 -7.09 18.71 -3.36
N ALA A 125 -7.97 19.36 -4.10
CA ALA A 125 -9.39 19.06 -3.97
C ALA A 125 -9.73 17.74 -4.62
N GLY A 126 -10.87 17.13 -4.22
CA GLY A 126 -11.38 15.93 -4.84
C GLY A 126 -11.46 15.96 -6.36
N LEU A 127 -11.94 17.09 -6.90
CA LEU A 127 -11.95 17.35 -8.35
C LEU A 127 -10.58 17.08 -8.97
N THR A 128 -9.55 17.60 -8.28
CA THR A 128 -8.19 17.54 -8.73
C THR A 128 -7.69 16.11 -8.67
N VAL A 129 -7.99 15.35 -7.63
CA VAL A 129 -7.54 13.94 -7.62
C VAL A 129 -8.31 13.00 -8.60
N ALA A 130 -9.60 13.27 -8.77
CA ALA A 130 -10.43 12.67 -9.82
C ALA A 130 -9.67 12.82 -11.13
N ALA A 131 -9.20 14.04 -11.41
CA ALA A 131 -8.57 14.32 -12.71
C ALA A 131 -7.29 13.55 -12.92
N THR A 132 -6.69 12.97 -11.85
CA THR A 132 -5.53 12.08 -12.06
C THR A 132 -5.87 10.73 -12.63
N TRP A 133 -7.10 10.25 -12.38
CA TRP A 133 -7.55 8.93 -12.79
C TRP A 133 -6.61 7.84 -12.24
N ASP A 134 -5.98 8.11 -11.11
CA ASP A 134 -4.95 7.22 -10.52
C ASP A 134 -5.45 6.74 -9.16
N ARG A 135 -5.86 5.49 -9.09
CA ARG A 135 -6.33 4.89 -7.83
C ARG A 135 -5.31 5.02 -6.67
N THR A 136 -4.03 4.77 -6.93
CA THR A 136 -3.02 4.85 -5.85
C THR A 136 -2.96 6.28 -5.26
N LEU A 137 -3.17 7.28 -6.09
CA LEU A 137 -3.13 8.69 -5.64
C LEU A 137 -4.39 9.06 -4.85
N MET A 138 -5.52 8.50 -5.24
CA MET A 138 -6.79 8.72 -4.54
C MET A 138 -6.68 8.19 -3.12
N TYR A 139 -6.15 6.97 -2.99
CA TYR A 139 -5.89 6.39 -1.68
C TYR A 139 -4.83 7.18 -0.85
N ALA A 140 -3.64 7.41 -1.39
CA ALA A 140 -2.55 8.07 -0.64
C ALA A 140 -2.94 9.50 -0.19
N ARG A 141 -3.69 10.20 -1.01
CA ARG A 141 -4.20 11.51 -0.65
C ARG A 141 -5.06 11.43 0.64
N ALA A 142 -6.05 10.54 0.59
CA ALA A 142 -6.93 10.26 1.75
C ALA A 142 -6.20 9.79 3.01
N ARG A 143 -5.25 8.89 2.85
CA ARG A 143 -4.41 8.41 3.97
C ARG A 143 -3.57 9.53 4.58
N GLY A 144 -3.06 10.43 3.76
CA GLY A 144 -2.34 11.58 4.25
C GLY A 144 -3.25 12.55 4.97
N MET A 145 -4.41 12.83 4.40
CA MET A 145 -5.37 13.70 5.02
C MET A 145 -5.75 13.08 6.37
N GLY A 146 -5.95 11.77 6.39
CA GLY A 146 -6.32 11.06 7.60
C GLY A 146 -5.31 11.16 8.70
N GLN A 147 -4.03 11.05 8.33
CA GLN A 147 -2.92 11.16 9.29
C GLN A 147 -3.01 12.50 9.99
N GLU A 148 -3.28 13.54 9.21
CA GLU A 148 -3.29 14.91 9.75
C GLU A 148 -4.54 15.17 10.62
N PHE A 149 -5.70 14.63 10.16
CA PHE A 149 -6.93 14.60 10.97
C PHE A 149 -6.66 14.00 12.35
N HIS A 150 -6.13 12.79 12.35
CA HIS A 150 -5.80 12.06 13.56
C HIS A 150 -4.85 12.81 14.45
N ASP A 151 -3.72 13.26 13.91
CA ASP A 151 -2.69 13.96 14.68
C ASP A 151 -3.15 15.32 15.19
N GLN A 152 -4.19 15.89 14.57
CA GLN A 152 -4.84 17.10 15.14
C GLN A 152 -5.90 16.82 16.21
N GLY A 153 -6.36 15.58 16.34
CA GLY A 153 -7.26 15.19 17.41
C GLY A 153 -8.69 14.95 16.98
N VAL A 154 -8.91 14.84 15.68
CA VAL A 154 -10.24 14.70 15.15
C VAL A 154 -10.59 13.22 15.32
N HIS A 155 -11.78 12.98 15.87
CA HIS A 155 -12.38 11.63 15.95
C HIS A 155 -13.11 11.26 14.65
N LEU A 156 -13.89 12.23 14.10
CA LEU A 156 -14.74 12.01 12.94
C LEU A 156 -14.45 13.09 11.92
N ALA A 157 -14.05 12.68 10.74
CA ALA A 157 -13.81 13.57 9.65
C ALA A 157 -15.08 13.84 8.84
N LEU A 158 -15.48 15.10 8.67
CA LEU A 158 -16.65 15.39 7.79
C LEU A 158 -16.26 15.34 6.27
N ALA A 159 -16.01 14.11 5.86
CA ALA A 159 -15.36 13.74 4.59
C ALA A 159 -15.46 12.28 4.44
N PRO A 160 -15.41 11.78 3.22
CA PRO A 160 -15.38 12.56 1.96
C PRO A 160 -16.75 12.97 1.36
N VAL A 161 -16.70 13.71 0.25
CA VAL A 161 -17.91 13.93 -0.52
C VAL A 161 -18.01 12.74 -1.43
N THR A 162 -19.08 11.92 -1.32
CA THR A 162 -19.08 10.66 -2.02
C THR A 162 -20.34 10.52 -2.75
N GLY A 163 -20.66 11.51 -3.59
CA GLY A 163 -21.81 11.44 -4.48
C GLY A 163 -22.94 12.47 -4.29
N GLY A 164 -22.74 13.47 -3.43
CA GLY A 164 -23.74 14.49 -3.24
C GLY A 164 -23.11 15.78 -2.79
N PRO A 165 -22.88 16.74 -3.68
CA PRO A 165 -23.31 16.77 -5.09
C PRO A 165 -22.50 15.87 -6.01
N LEU A 166 -23.18 15.18 -6.93
CA LEU A 166 -22.54 14.22 -7.79
C LEU A 166 -22.20 14.93 -9.07
N GLY A 167 -23.13 15.74 -9.58
CA GLY A 167 -22.81 16.65 -10.71
C GLY A 167 -23.88 16.81 -11.78
N ARG A 168 -25.13 16.95 -11.37
CA ARG A 168 -26.24 17.20 -12.28
C ARG A 168 -26.13 18.51 -12.98
N THR A 169 -25.60 19.51 -12.30
CA THR A 169 -25.35 20.80 -12.93
C THR A 169 -23.86 21.13 -12.78
N PRO A 170 -23.22 21.62 -13.85
CA PRO A 170 -21.84 22.04 -13.78
C PRO A 170 -21.68 23.46 -13.13
N LEU A 171 -22.76 24.10 -12.72
CA LEU A 171 -22.67 25.38 -12.01
C LEU A 171 -22.61 25.20 -10.50
N ASN A 172 -22.57 23.96 -10.01
CA ASN A 172 -22.74 23.69 -8.60
C ASN A 172 -21.61 24.34 -7.88
N GLY A 173 -21.92 25.25 -6.95
CA GLY A 173 -20.86 25.98 -6.28
C GLY A 173 -19.95 25.09 -5.49
N ARG A 174 -20.43 23.98 -4.98
CA ARG A 174 -19.52 23.02 -4.40
C ARG A 174 -19.20 21.71 -5.10
N GLY A 175 -19.46 21.63 -6.40
CA GLY A 175 -19.10 20.42 -7.16
C GLY A 175 -17.62 19.97 -7.01
N TRP A 176 -16.71 20.94 -6.97
CA TRP A 176 -15.30 20.66 -6.77
C TRP A 176 -14.91 19.76 -5.56
N GLU A 177 -15.78 19.66 -4.56
CA GLU A 177 -15.47 18.88 -3.33
C GLU A 177 -15.54 17.39 -3.61
N GLY A 178 -16.41 17.01 -4.55
CA GLY A 178 -16.52 15.63 -5.01
C GLY A 178 -15.44 15.29 -6.03
N THR A 179 -15.72 14.37 -6.95
CA THR A 179 -14.70 13.84 -7.82
C THR A 179 -15.22 13.88 -9.21
N PHE A 180 -15.82 12.82 -9.67
CA PHE A 180 -16.31 12.72 -11.06
C PHE A 180 -17.80 12.95 -11.12
N ALA A 181 -18.28 13.49 -12.26
CA ALA A 181 -19.73 13.55 -12.58
C ALA A 181 -20.14 12.25 -13.24
N ASP A 182 -19.92 11.17 -12.54
CA ASP A 182 -20.11 9.83 -13.08
C ASP A 182 -20.23 8.91 -11.94
N PRO A 183 -21.32 8.13 -11.92
CA PRO A 183 -21.51 7.24 -10.77
C PRO A 183 -20.37 6.24 -10.63
N TYR A 184 -19.93 5.60 -11.72
CA TYR A 184 -18.92 4.54 -11.57
C TYR A 184 -17.61 5.05 -10.96
N ALA A 185 -17.10 6.13 -11.54
CA ALA A 185 -15.77 6.70 -11.17
C ALA A 185 -15.83 7.38 -9.81
N CYS A 186 -16.94 8.12 -9.55
CA CYS A 186 -17.19 8.67 -8.24
C CYS A 186 -17.22 7.55 -7.22
N GLY A 187 -17.81 6.40 -7.56
CA GLY A 187 -17.87 5.25 -6.64
C GLY A 187 -16.49 4.74 -6.29
N GLU A 188 -15.63 4.59 -7.31
CA GLU A 188 -14.28 4.09 -7.05
C GLU A 188 -13.50 5.08 -6.21
N ALA A 189 -13.61 6.38 -6.52
CA ALA A 189 -12.87 7.39 -5.74
C ALA A 189 -13.36 7.38 -4.31
N SER A 190 -14.68 7.28 -4.16
CA SER A 190 -15.29 7.30 -2.85
C SER A 190 -14.84 6.11 -1.99
N TYR A 191 -14.67 4.96 -2.62
CA TYR A 191 -14.27 3.77 -1.90
C TYR A 191 -12.88 4.01 -1.31
N LEU A 192 -11.97 4.49 -2.16
CA LEU A 192 -10.56 4.65 -1.78
C LEU A 192 -10.36 5.82 -0.80
N SER A 193 -11.10 6.91 -0.98
CA SER A 193 -11.04 8.03 -0.04
C SER A 193 -11.41 7.60 1.38
N VAL A 194 -12.49 6.81 1.49
CA VAL A 194 -12.99 6.32 2.78
C VAL A 194 -11.99 5.40 3.44
N LYS A 195 -11.47 4.45 2.65
CA LYS A 195 -10.44 3.50 3.09
C LYS A 195 -9.18 4.17 3.60
N GLY A 196 -8.71 5.14 2.84
CA GLY A 196 -7.54 5.95 3.27
C GLY A 196 -7.76 6.67 4.60
N LEU A 197 -8.90 7.36 4.75
CA LEU A 197 -9.22 7.99 6.03
C LEU A 197 -9.31 7.02 7.20
N THR A 198 -10.00 5.89 7.04
CA THR A 198 -10.22 5.00 8.17
C THR A 198 -8.93 4.26 8.50
N ASP A 199 -8.19 3.86 7.47
CA ASP A 199 -6.88 3.24 7.70
C ASP A 199 -5.94 4.09 8.54
N ALA A 200 -6.15 5.41 8.59
CA ALA A 200 -5.33 6.31 9.47
C ALA A 200 -5.89 6.47 10.84
N GLY A 201 -7.02 5.84 11.14
CA GLY A 201 -7.61 5.92 12.47
C GLY A 201 -8.66 7.00 12.67
N VAL A 202 -9.17 7.61 11.59
CA VAL A 202 -10.19 8.63 11.70
C VAL A 202 -11.48 8.06 11.15
N ALA A 203 -12.56 8.20 11.90
CA ALA A 203 -13.85 7.83 11.42
C ALA A 203 -14.30 8.79 10.32
N THR A 204 -15.11 8.30 9.41
CA THR A 204 -15.56 9.17 8.33
C THR A 204 -17.02 9.36 8.37
N VAL A 205 -17.44 10.48 7.82
CA VAL A 205 -18.82 10.86 7.73
C VAL A 205 -18.99 11.24 6.29
N SER A 206 -19.41 10.27 5.47
CA SER A 206 -19.49 10.46 4.04
C SER A 206 -20.68 11.28 3.69
N LYS A 207 -20.58 12.14 2.68
CA LYS A 207 -21.63 13.15 2.51
C LYS A 207 -21.86 13.51 1.06
N HIS A 208 -23.01 14.10 0.67
CA HIS A 208 -24.19 14.38 1.53
C HIS A 208 -25.30 13.51 0.90
N TRP A 209 -25.90 12.65 1.73
CA TRP A 209 -27.01 11.77 1.35
C TRP A 209 -28.33 12.58 1.34
N ILE A 210 -28.94 12.86 0.17
CA ILE A 210 -28.67 12.31 -1.16
C ILE A 210 -29.45 13.16 -2.13
N ALA A 211 -29.04 13.18 -3.37
CA ALA A 211 -29.62 14.11 -4.39
C ALA A 211 -29.49 15.58 -3.93
N TYR A 212 -28.33 15.86 -3.33
CA TYR A 212 -27.97 17.17 -2.93
C TYR A 212 -27.27 17.76 -4.15
N GLU A 213 -28.02 18.34 -5.09
CA GLU A 213 -27.47 18.76 -6.38
C GLU A 213 -27.51 20.26 -6.70
N GLN A 214 -27.78 21.12 -5.71
CA GLN A 214 -27.71 22.55 -5.88
C GLN A 214 -27.68 23.21 -4.52
N GLU A 215 -26.89 24.26 -4.45
CA GLU A 215 -26.67 25.04 -3.26
C GLU A 215 -27.77 26.05 -3.08
N THR A 216 -28.24 26.56 -4.21
CA THR A 216 -29.28 27.54 -4.26
C THR A 216 -30.55 26.97 -3.65
N SER A 217 -31.11 27.73 -2.69
CA SER A 217 -32.29 27.28 -1.88
C SER A 217 -32.02 25.98 -1.12
N ARG A 218 -30.77 25.68 -0.78
CA ARG A 218 -30.51 24.56 0.10
C ARG A 218 -31.22 24.81 1.46
N ASN A 219 -31.33 26.07 1.88
CA ASN A 219 -32.08 26.52 3.07
C ASN A 219 -31.91 25.67 4.33
N LEU A 220 -30.72 25.67 4.86
CA LEU A 220 -30.50 25.01 6.13
C LEU A 220 -31.47 25.64 7.15
N TYR A 221 -31.95 24.85 8.09
CA TYR A 221 -32.70 25.44 9.18
C TYR A 221 -31.80 26.43 9.87
N ILE A 222 -32.30 27.66 10.05
CA ILE A 222 -31.64 28.62 10.91
C ILE A 222 -32.69 29.61 11.49
N ASP A 223 -32.50 29.96 12.75
CA ASP A 223 -33.39 30.87 13.47
C ASP A 223 -32.51 31.80 14.28
N ILE A 224 -32.26 32.98 13.71
CA ILE A 224 -31.24 33.89 14.24
C ILE A 224 -31.78 35.33 14.15
N ASP A 225 -31.78 36.05 15.29
CA ASP A 225 -32.24 37.45 15.34
C ASP A 225 -33.72 37.65 14.91
N GLY A 226 -34.57 36.68 15.23
CA GLY A 226 -36.02 36.73 14.94
C GLY A 226 -36.48 36.28 13.56
N VAL A 227 -35.53 35.91 12.71
CA VAL A 227 -35.84 35.54 11.33
C VAL A 227 -35.44 34.07 11.16
N SER A 228 -36.46 33.29 10.85
CA SER A 228 -36.38 31.87 10.76
C SER A 228 -36.60 31.46 9.32
N GLN A 229 -35.69 30.61 8.82
CA GLN A 229 -35.79 30.06 7.46
C GLN A 229 -37.11 29.34 7.23
N ALA A 230 -37.66 28.67 8.25
CA ALA A 230 -39.00 28.00 8.12
C ALA A 230 -40.13 28.94 7.66
N ASP A 231 -40.01 30.23 8.02
CA ASP A 231 -40.97 31.26 7.63
C ASP A 231 -40.60 31.92 6.30
N ILE A 232 -39.49 31.55 5.67
CA ILE A 232 -39.14 32.13 4.37
C ILE A 232 -39.29 31.18 3.20
N GLN A 233 -38.73 29.99 3.35
CA GLN A 233 -38.64 29.05 2.23
C GLN A 233 -38.12 27.71 2.69
N LEU A 234 -38.72 26.65 2.20
CA LEU A 234 -38.30 25.32 2.58
C LEU A 234 -37.17 24.91 1.70
N PRO A 235 -36.34 23.96 2.14
CA PRO A 235 -35.32 23.48 1.20
C PRO A 235 -35.84 23.02 -0.15
N ILE A 236 -35.08 23.26 -1.19
CA ILE A 236 -35.36 22.62 -2.47
C ILE A 236 -35.72 21.12 -2.33
N SER A 237 -36.78 20.70 -2.99
CA SER A 237 -37.06 19.29 -3.10
C SER A 237 -36.53 18.63 -4.40
N SER A 238 -35.66 17.65 -4.19
CA SER A 238 -35.26 16.71 -5.24
C SER A 238 -36.32 15.58 -5.48
N ASN A 239 -36.95 15.61 -6.64
CA ASN A 239 -38.01 14.68 -6.98
C ASN A 239 -37.43 13.62 -7.90
N VAL A 240 -37.05 12.51 -7.29
CA VAL A 240 -36.22 11.57 -7.94
C VAL A 240 -36.95 10.27 -8.08
N ASP A 241 -37.07 9.80 -9.31
CA ASP A 241 -37.63 8.48 -9.54
C ASP A 241 -36.70 7.40 -9.01
N ASP A 242 -37.28 6.23 -8.79
CA ASP A 242 -36.65 5.12 -8.05
C ASP A 242 -35.48 4.54 -8.83
N LEU A 243 -35.62 4.44 -10.17
CA LEU A 243 -34.52 3.96 -11.02
C LEU A 243 -33.33 4.91 -10.92
N THR A 244 -33.58 6.21 -11.07
CA THR A 244 -32.56 7.27 -11.05
C THR A 244 -31.84 7.23 -9.69
N MET A 245 -32.59 7.14 -8.60
CA MET A 245 -32.00 7.05 -7.27
C MET A 245 -31.07 5.84 -7.13
N HIS A 246 -31.35 4.73 -7.77
CA HIS A 246 -30.58 3.50 -7.65
C HIS A 246 -29.42 3.47 -8.59
N GLU A 247 -29.68 3.73 -9.86
CA GLU A 247 -28.62 3.65 -10.87
C GLU A 247 -27.65 4.88 -10.84
N LEU A 248 -28.10 6.03 -10.34
CA LEU A 248 -27.32 7.26 -10.37
C LEU A 248 -26.84 7.75 -9.01
N TYR A 249 -27.70 8.27 -8.14
CA TYR A 249 -27.28 8.85 -6.83
C TYR A 249 -26.78 7.89 -5.75
N MET A 250 -27.36 6.68 -5.66
CA MET A 250 -26.97 5.70 -4.61
C MET A 250 -25.64 5.00 -4.90
N TRP A 251 -25.17 5.02 -6.15
CA TRP A 251 -24.06 4.16 -6.56
C TRP A 251 -22.82 4.38 -5.67
N SER A 252 -22.44 5.65 -5.52
CA SER A 252 -21.20 6.01 -4.78
C SER A 252 -21.37 5.79 -3.29
N PHE A 253 -22.57 6.06 -2.79
CA PHE A 253 -22.84 5.76 -1.37
C PHE A 253 -22.76 4.28 -1.02
N ALA A 254 -23.15 3.43 -1.96
CA ALA A 254 -23.00 1.98 -1.82
C ALA A 254 -21.53 1.59 -1.67
N GLU A 255 -20.69 2.17 -2.55
CA GLU A 255 -19.22 2.02 -2.47
C GLU A 255 -18.68 2.61 -1.14
N ALA A 256 -19.14 3.79 -0.70
CA ALA A 256 -18.75 4.28 0.62
C ALA A 256 -19.11 3.35 1.81
N VAL A 257 -20.33 2.79 1.78
CA VAL A 257 -20.76 1.81 2.79
C VAL A 257 -19.90 0.58 2.71
N ARG A 258 -19.68 0.06 1.49
CA ARG A 258 -18.78 -1.10 1.30
C ARG A 258 -17.36 -0.90 1.80
N ALA A 259 -16.79 0.29 1.59
CA ALA A 259 -15.46 0.64 2.13
C ALA A 259 -15.37 0.85 3.65
N GLY A 260 -16.50 0.96 4.32
CA GLY A 260 -16.53 0.98 5.78
C GLY A 260 -16.74 2.37 6.34
N THR A 261 -17.36 3.27 5.58
CA THR A 261 -17.62 4.57 6.15
C THR A 261 -18.36 4.39 7.45
N ASN A 262 -17.99 5.12 8.46
CA ASN A 262 -18.53 4.87 9.80
C ASN A 262 -19.84 5.60 9.99
N HIS A 263 -20.00 6.70 9.27
CA HIS A 263 -21.22 7.48 9.28
C HIS A 263 -21.51 8.06 7.92
N ILE A 264 -22.67 8.67 7.81
CA ILE A 264 -23.13 9.38 6.66
C ILE A 264 -23.90 10.60 7.12
N MET A 265 -23.80 11.66 6.34
CA MET A 265 -24.38 12.90 6.71
C MET A 265 -25.54 13.06 5.79
N CYS A 266 -26.69 13.42 6.34
CA CYS A 266 -27.87 13.68 5.54
C CYS A 266 -27.94 15.14 5.15
N SER A 267 -28.32 15.37 3.91
CA SER A 267 -28.24 16.65 3.30
C SER A 267 -29.35 17.64 3.67
N TYR A 268 -29.15 18.86 3.23
CA TYR A 268 -30.11 19.93 3.38
C TYR A 268 -31.38 19.84 2.50
N ASN A 269 -31.23 19.31 1.28
CA ASN A 269 -32.35 19.26 0.36
C ASN A 269 -33.48 18.38 0.90
N ARG A 270 -34.66 18.59 0.36
CA ARG A 270 -35.73 17.64 0.58
C ARG A 270 -35.69 16.64 -0.56
N ILE A 271 -36.33 15.50 -0.33
CA ILE A 271 -36.52 14.48 -1.33
C ILE A 271 -38.00 14.17 -1.37
N ASN A 272 -38.64 14.37 -2.54
CA ASN A 272 -40.09 14.28 -2.70
C ASN A 272 -40.84 15.01 -1.61
N ASN A 273 -40.37 16.22 -1.30
CA ASN A 273 -40.93 17.14 -0.33
C ASN A 273 -40.86 16.69 1.14
N THR A 274 -39.92 15.81 1.42
CA THR A 274 -39.60 15.40 2.80
C THR A 274 -38.13 15.65 3.00
N HIS A 275 -37.78 16.30 4.10
CA HIS A 275 -36.39 16.57 4.47
C HIS A 275 -35.56 15.29 4.47
N SER A 276 -34.36 15.31 3.88
CA SER A 276 -33.49 14.11 3.85
C SER A 276 -33.24 13.52 5.25
N CYS A 277 -33.01 14.40 6.21
CA CYS A 277 -32.68 14.05 7.59
C CYS A 277 -33.86 13.50 8.40
N SER A 278 -35.07 13.45 7.81
CA SER A 278 -36.21 12.74 8.43
C SER A 278 -37.00 12.04 7.34
N ASN A 279 -36.30 11.43 6.38
CA ASN A 279 -36.90 10.76 5.22
C ASN A 279 -36.75 9.26 5.42
N ALA A 280 -37.82 8.66 5.92
CA ALA A 280 -37.83 7.25 6.32
C ALA A 280 -37.40 6.33 5.20
N LYS A 281 -37.95 6.59 4.03
CA LYS A 281 -37.61 5.88 2.82
C LYS A 281 -36.09 6.03 2.47
N GLY A 282 -35.57 7.25 2.61
CA GLY A 282 -34.16 7.52 2.41
C GLY A 282 -33.27 6.81 3.38
N LEU A 283 -33.49 7.05 4.66
CA LEU A 283 -32.57 6.59 5.71
C LEU A 283 -32.85 5.19 6.25
N ASN A 284 -34.12 4.94 6.65
CA ASN A 284 -34.45 3.64 7.26
C ASN A 284 -34.52 2.50 6.24
N GLN A 285 -35.09 2.80 5.08
CA GLN A 285 -35.24 1.86 4.01
C GLN A 285 -33.94 1.85 3.17
N LEU A 286 -33.74 2.81 2.25
CA LEU A 286 -32.64 2.72 1.27
C LEU A 286 -31.25 2.63 1.86
N LEU A 287 -30.98 3.47 2.85
CA LEU A 287 -29.67 3.48 3.47
C LEU A 287 -29.47 2.32 4.44
N LYS A 288 -30.27 2.33 5.51
CA LYS A 288 -30.18 1.32 6.61
C LYS A 288 -30.75 -0.06 6.30
N THR A 289 -31.59 -0.21 5.30
CA THR A 289 -32.07 -1.59 4.91
C THR A 289 -31.39 -2.17 3.66
N GLU A 290 -31.64 -1.55 2.51
CA GLU A 290 -31.08 -2.01 1.25
C GLU A 290 -29.51 -1.92 1.21
N LEU A 291 -28.96 -0.78 1.62
CA LEU A 291 -27.55 -0.69 1.72
C LEU A 291 -26.98 -1.29 2.97
N ASN A 292 -27.82 -1.77 3.89
CA ASN A 292 -27.40 -2.43 5.14
C ASN A 292 -26.43 -1.59 6.00
N PHE A 293 -26.59 -0.28 5.96
CA PHE A 293 -25.64 0.58 6.67
C PHE A 293 -25.69 0.35 8.17
N GLN A 294 -24.55 0.18 8.81
CA GLN A 294 -24.47 -0.11 10.20
C GLN A 294 -24.04 1.00 11.13
N GLY A 295 -23.69 2.13 10.58
CA GLY A 295 -23.19 3.27 11.31
C GLY A 295 -24.26 4.32 11.46
N GLY A 296 -23.82 5.50 11.88
CA GLY A 296 -24.70 6.60 12.29
C GLY A 296 -24.98 7.58 11.18
N VAL A 297 -26.18 8.15 11.16
CA VAL A 297 -26.55 9.22 10.23
C VAL A 297 -26.39 10.54 10.98
N VAL A 298 -25.58 11.45 10.46
CA VAL A 298 -25.33 12.72 11.19
C VAL A 298 -26.03 13.76 10.33
N SER A 299 -26.71 14.68 10.99
CA SER A 299 -27.41 15.77 10.28
C SER A 299 -26.35 16.72 9.75
N ASP A 300 -26.58 17.27 8.57
CA ASP A 300 -25.79 18.41 8.20
C ASP A 300 -26.14 19.53 9.20
N TRP A 301 -25.38 20.62 9.18
CA TRP A 301 -25.46 21.66 10.21
C TRP A 301 -26.70 22.53 9.90
N GLY A 302 -27.81 22.28 10.59
CA GLY A 302 -29.09 22.88 10.21
C GLY A 302 -29.92 22.04 9.27
N GLY A 303 -29.52 20.78 9.13
CA GLY A 303 -30.24 19.81 8.32
C GLY A 303 -31.47 19.22 8.99
N GLN A 304 -31.53 19.23 10.30
CA GLN A 304 -32.67 18.74 11.05
C GLN A 304 -33.71 19.87 11.29
N TRP A 305 -34.96 19.53 10.94
CA TRP A 305 -36.06 20.48 10.92
C TRP A 305 -37.06 20.20 12.04
N ASP A 306 -36.88 19.10 12.78
CA ASP A 306 -37.93 18.59 13.67
C ASP A 306 -37.35 17.60 14.67
N SER A 307 -38.06 17.41 15.77
CA SER A 307 -37.63 16.47 16.83
C SER A 307 -38.03 14.95 16.65
N VAL A 308 -39.34 14.71 16.49
CA VAL A 308 -39.88 13.34 16.44
C VAL A 308 -39.71 12.70 15.06
N PRO A 309 -40.12 13.40 13.98
CA PRO A 309 -39.93 12.67 12.70
C PRO A 309 -38.47 12.22 12.47
N ALA A 310 -37.51 13.10 12.80
CA ALA A 310 -36.06 12.82 12.78
C ALA A 310 -35.67 11.57 13.58
N ALA A 311 -36.12 11.44 14.84
CA ALA A 311 -35.80 10.25 15.65
C ALA A 311 -36.45 8.97 15.09
N GLU A 312 -37.55 9.11 14.40
CA GLU A 312 -38.25 7.90 13.97
C GLU A 312 -37.85 7.49 12.57
N ASN A 313 -37.46 8.46 11.77
CA ASN A 313 -37.18 8.20 10.37
C ASN A 313 -35.71 7.99 10.01
N GLY A 314 -34.81 7.89 11.01
CA GLY A 314 -33.45 7.42 10.79
C GLY A 314 -32.26 8.26 11.20
N LEU A 315 -32.51 9.50 11.62
CA LEU A 315 -31.44 10.35 12.13
C LEU A 315 -30.81 9.77 13.41
N ASP A 316 -29.49 9.83 13.54
CA ASP A 316 -28.75 9.39 14.75
C ASP A 316 -28.09 10.48 15.56
N VAL A 317 -27.55 11.50 14.88
CA VAL A 317 -26.80 12.55 15.59
C VAL A 317 -27.26 13.92 15.12
N ALA A 318 -27.67 14.72 16.09
CA ALA A 318 -28.10 16.10 15.85
C ALA A 318 -26.86 17.00 15.99
N MET A 319 -26.52 17.67 14.89
CA MET A 319 -25.35 18.55 14.80
C MET A 319 -25.82 19.90 14.19
N PRO A 320 -25.33 21.01 14.72
CA PRO A 320 -24.26 21.11 15.76
C PRO A 320 -24.71 21.22 17.22
N GLY A 321 -26.02 21.14 17.47
CA GLY A 321 -26.52 21.05 18.88
C GLY A 321 -26.43 22.41 19.54
N LYS A 322 -25.79 22.51 20.67
CA LYS A 322 -25.62 23.83 21.30
C LYS A 322 -24.52 24.71 20.62
N GLY A 323 -23.66 24.11 19.78
CA GLY A 323 -22.72 24.91 18.95
C GLY A 323 -23.42 25.92 18.02
N PHE A 324 -22.65 26.95 17.65
CA PHE A 324 -23.06 28.05 16.78
C PHE A 324 -24.32 28.69 17.36
N LEU A 325 -24.24 28.91 18.68
CA LEU A 325 -25.25 29.61 19.42
C LEU A 325 -26.63 28.94 19.45
N GLY A 326 -26.73 27.63 19.13
CA GLY A 326 -28.05 27.01 18.93
C GLY A 326 -28.89 27.53 17.78
N ALA A 327 -28.31 28.41 16.94
CA ALA A 327 -29.06 29.09 15.84
C ALA A 327 -29.51 28.18 14.72
N LEU A 328 -28.85 27.02 14.56
CA LEU A 328 -29.19 26.07 13.47
C LEU A 328 -30.16 24.97 13.91
N GLY A 329 -31.04 25.30 14.84
CA GLY A 329 -31.89 24.29 15.46
C GLY A 329 -31.14 23.50 16.52
N ASP A 330 -31.92 23.15 17.52
CA ASP A 330 -31.49 22.38 18.68
C ASP A 330 -32.74 21.61 19.14
N PHE A 331 -33.01 20.55 18.41
CA PHE A 331 -34.23 19.85 18.44
C PHE A 331 -34.17 18.64 19.38
N TRP A 332 -32.96 18.27 19.80
CA TRP A 332 -32.82 17.12 20.62
C TRP A 332 -32.26 17.57 21.93
N GLY A 333 -31.21 16.95 22.46
CA GLY A 333 -30.69 17.36 23.75
C GLY A 333 -31.74 17.17 24.86
N ALA A 334 -32.03 18.25 25.60
CA ALA A 334 -32.96 18.18 26.74
C ALA A 334 -34.35 17.88 26.27
N THR A 335 -34.68 18.32 25.07
CA THR A 335 -35.95 18.07 24.48
C THR A 335 -36.13 16.59 24.14
N LEU A 336 -35.03 15.92 23.80
CA LEU A 336 -35.12 14.48 23.52
C LEU A 336 -35.24 13.71 24.81
N VAL A 337 -34.63 14.19 25.88
CA VAL A 337 -34.86 13.59 27.21
C VAL A 337 -36.38 13.61 27.58
N GLU A 338 -37.05 14.72 27.35
CA GLU A 338 -38.47 14.83 27.71
C GLU A 338 -39.33 13.96 26.81
N LEU A 339 -38.96 13.87 25.52
CA LEU A 339 -39.70 13.02 24.55
C LEU A 339 -39.70 11.51 24.86
N ILE A 340 -38.60 11.03 25.45
CA ILE A 340 -38.47 9.63 25.88
C ILE A 340 -39.24 9.39 27.19
N ASN A 341 -38.97 10.22 28.19
CA ASN A 341 -39.57 10.06 29.53
C ASN A 341 -41.07 10.17 29.52
N ASN A 342 -41.61 10.98 28.62
CA ASN A 342 -43.06 11.12 28.47
C ASN A 342 -43.64 10.18 27.40
N GLY A 343 -42.77 9.32 26.85
CA GLY A 343 -43.21 8.21 26.05
C GLY A 343 -43.52 8.49 24.58
N THR A 344 -43.10 9.64 24.03
CA THR A 344 -43.38 9.90 22.60
C THR A 344 -42.36 9.17 21.73
N VAL A 345 -41.14 9.04 22.21
CA VAL A 345 -40.03 8.48 21.41
C VAL A 345 -39.59 7.24 22.20
N SER A 346 -39.51 6.11 21.51
CA SER A 346 -39.01 4.85 22.11
C SER A 346 -37.55 4.91 22.60
N GLU A 347 -37.33 4.61 23.88
CA GLU A 347 -35.98 4.54 24.46
C GLU A 347 -35.06 3.60 23.67
N ASP A 348 -35.59 2.47 23.21
CA ASP A 348 -34.76 1.48 22.52
C ASP A 348 -34.32 1.99 21.18
N LEU A 349 -35.20 2.70 20.50
CA LEU A 349 -34.88 3.39 19.27
C LEU A 349 -33.62 4.30 19.45
N VAL A 350 -33.66 5.16 20.47
CA VAL A 350 -32.54 6.06 20.81
C VAL A 350 -31.29 5.27 21.22
N ARG A 351 -31.43 4.17 21.93
CA ARG A 351 -30.25 3.36 22.22
C ARG A 351 -29.57 2.87 20.94
N ASP A 352 -30.36 2.51 19.94
CA ASP A 352 -29.77 2.14 18.65
C ASP A 352 -28.93 3.26 18.00
N LYS A 353 -29.29 4.56 18.21
CA LYS A 353 -28.50 5.70 17.71
C LYS A 353 -27.12 5.76 18.41
N ALA A 354 -27.15 5.72 19.75
CA ALA A 354 -25.96 5.57 20.55
C ALA A 354 -25.04 4.44 20.15
N VAL A 355 -25.64 3.30 19.89
CA VAL A 355 -24.88 2.13 19.46
C VAL A 355 -24.16 2.42 18.15
N ARG A 356 -24.88 3.03 17.22
CA ARG A 356 -24.35 3.37 15.90
C ARG A 356 -23.12 4.33 16.00
N ILE A 357 -23.19 5.33 16.87
CA ILE A 357 -22.14 6.33 17.13
C ILE A 357 -20.90 5.67 17.78
N LEU A 358 -21.17 4.80 18.76
CA LEU A 358 -20.06 4.15 19.51
C LEU A 358 -19.36 3.03 18.74
N THR A 359 -20.03 2.41 17.78
CA THR A 359 -19.41 1.37 16.96
C THR A 359 -18.13 1.87 16.30
N GLY A 360 -18.19 3.05 15.72
CA GLY A 360 -16.98 3.72 15.13
C GLY A 360 -15.88 3.93 16.14
N TYR A 361 -16.23 4.48 17.28
CA TYR A 361 -15.28 4.72 18.37
C TYR A 361 -14.45 3.51 18.75
N TYR A 362 -15.14 2.36 18.85
CA TYR A 362 -14.48 1.13 19.28
C TYR A 362 -13.77 0.43 18.09
N TYR A 363 -14.37 0.51 16.91
CA TYR A 363 -13.80 -0.11 15.74
C TYR A 363 -12.43 0.43 15.39
N LEU A 364 -12.27 1.77 15.46
CA LEU A 364 -11.01 2.49 15.16
C LEU A 364 -10.09 2.61 16.35
N GLY A 365 -10.54 2.13 17.50
CA GLY A 365 -9.65 1.92 18.64
C GLY A 365 -9.38 3.22 19.31
N GLN A 366 -10.37 4.11 19.28
CA GLN A 366 -10.19 5.45 19.82
C GLN A 366 -10.26 5.43 21.32
N ASP A 367 -10.51 4.25 21.87
CA ASP A 367 -10.50 4.07 23.30
C ASP A 367 -9.10 3.67 23.77
N THR A 368 -8.46 2.75 23.05
CA THR A 368 -7.19 2.21 23.46
C THR A 368 -6.04 3.08 22.92
N ASN A 369 -6.30 3.73 21.77
CA ASN A 369 -5.45 4.74 21.23
C ASN A 369 -6.14 6.09 21.03
N PRO A 370 -6.30 6.88 22.12
CA PRO A 370 -7.10 8.09 21.94
C PRO A 370 -6.42 9.07 20.99
N PRO A 371 -7.22 9.87 20.27
CA PRO A 371 -6.56 10.99 19.58
C PRO A 371 -6.01 12.01 20.58
N PRO A 372 -4.88 12.66 20.30
CA PRO A 372 -4.49 13.73 21.26
C PRO A 372 -5.49 14.88 21.25
N PRO A 373 -5.36 15.82 22.20
CA PRO A 373 -6.35 16.91 22.26
C PRO A 373 -6.39 17.79 20.99
N PHE A 374 -7.57 18.29 20.66
CA PHE A 374 -7.78 19.19 19.53
C PHE A 374 -7.57 20.61 20.08
N VAL A 375 -6.54 21.31 19.59
CA VAL A 375 -6.13 22.57 20.23
C VAL A 375 -6.53 23.90 19.54
N TYR A 376 -7.22 23.85 18.40
CA TYR A 376 -7.48 25.06 17.62
C TYR A 376 -8.92 25.51 17.70
N ASN A 377 -9.17 26.79 17.97
CA ASN A 377 -10.52 27.39 17.79
C ASN A 377 -10.87 27.50 16.30
N THR A 378 -11.63 26.53 15.81
CA THR A 378 -12.06 26.52 14.38
C THR A 378 -13.46 27.11 14.14
N ILE A 379 -14.14 27.53 15.21
CA ILE A 379 -15.45 28.17 15.13
C ILE A 379 -15.31 29.69 14.84
N GLY A 380 -14.58 30.40 15.72
CA GLY A 380 -14.19 31.81 15.60
C GLY A 380 -14.99 32.70 16.54
N ALA A 381 -14.30 33.67 17.12
CA ALA A 381 -14.92 34.77 17.85
C ALA A 381 -15.76 35.66 16.89
N PRO A 382 -16.84 36.31 17.34
CA PRO A 382 -17.44 36.21 18.67
C PRO A 382 -18.29 34.95 18.88
N THR A 383 -18.50 34.14 17.84
CA THR A 383 -19.37 32.94 17.98
C THR A 383 -18.89 31.98 19.13
N LEU A 384 -17.57 31.75 19.21
CA LEU A 384 -16.92 31.07 20.34
C LEU A 384 -15.61 31.85 20.64
N ASN A 385 -15.52 32.46 21.81
CA ASN A 385 -14.31 33.12 22.29
C ASN A 385 -13.58 32.06 23.05
N ALA A 386 -12.38 31.77 22.61
CA ALA A 386 -11.59 30.68 23.17
C ALA A 386 -10.28 30.71 22.42
N THR A 387 -9.20 30.48 23.15
CA THR A 387 -7.88 30.60 22.56
C THR A 387 -7.43 29.29 21.90
N SER A 388 -6.43 29.42 21.04
CA SER A 388 -5.88 28.38 20.21
C SER A 388 -4.51 28.03 20.73
N GLY A 389 -4.16 26.77 20.76
CA GLY A 389 -2.76 26.37 20.98
C GLY A 389 -2.10 26.20 19.63
N TYR A 390 -1.09 25.38 19.58
CA TYR A 390 -0.40 25.15 18.33
C TYR A 390 0.17 23.73 18.24
N ARG A 391 0.00 23.13 17.07
CA ARG A 391 0.68 21.88 16.77
C ARG A 391 0.94 21.71 15.30
N ASN A 392 2.15 21.26 15.00
CA ASN A 392 2.56 20.96 13.64
C ASN A 392 2.48 19.49 13.37
N VAL A 393 1.72 19.10 12.34
CA VAL A 393 1.51 17.68 11.98
C VAL A 393 2.00 17.34 10.60
N ARG A 394 2.63 18.29 9.93
CA ARG A 394 3.13 18.05 8.57
C ARG A 394 4.26 17.04 8.65
N LYS A 395 4.09 15.91 7.99
CA LYS A 395 5.10 14.85 7.96
C LYS A 395 5.96 15.00 6.73
N PRO A 396 7.20 14.44 6.76
CA PRO A 396 7.98 14.25 5.55
C PRO A 396 7.24 13.34 4.55
N GLY A 397 7.20 13.78 3.30
CA GLY A 397 6.52 13.06 2.24
C GLY A 397 5.21 13.73 1.77
N THR A 398 4.55 14.49 2.63
CA THR A 398 3.24 15.04 2.31
C THR A 398 3.32 16.12 1.24
N ALA A 399 4.26 17.04 1.38
CA ALA A 399 4.45 18.04 0.31
C ALA A 399 4.73 17.42 -1.09
N GLU A 400 5.51 16.34 -1.13
CA GLU A 400 5.84 15.65 -2.38
C GLU A 400 4.61 14.93 -2.97
N LEU A 401 3.76 14.41 -2.10
CA LEU A 401 2.51 13.75 -2.54
C LEU A 401 1.54 14.75 -3.16
N ILE A 402 1.38 15.91 -2.51
CA ILE A 402 0.50 16.95 -3.00
C ILE A 402 1.03 17.45 -4.38
N LYS A 403 2.34 17.62 -4.50
CA LYS A 403 2.96 17.93 -5.78
C LYS A 403 2.66 16.87 -6.86
N GLU A 404 2.83 15.62 -6.51
CA GLU A 404 2.59 14.51 -7.44
C GLU A 404 1.15 14.52 -7.93
N ILE A 405 0.18 14.77 -7.05
CA ILE A 405 -1.23 14.88 -7.47
C ILE A 405 -1.43 16.00 -8.50
N GLY A 406 -0.76 17.11 -8.28
CA GLY A 406 -0.82 18.21 -9.21
C GLY A 406 -0.28 17.79 -10.57
N SER A 407 0.92 17.24 -10.59
CA SER A 407 1.56 16.82 -11.83
C SER A 407 0.81 15.76 -12.56
N ALA A 408 0.08 14.91 -11.82
CA ALA A 408 -0.72 13.85 -12.39
C ALA A 408 -2.13 14.27 -12.89
N SER A 409 -2.63 15.41 -12.44
CA SER A 409 -3.96 15.83 -12.75
C SER A 409 -4.01 16.88 -13.86
N VAL A 410 -3.03 17.80 -13.89
CA VAL A 410 -3.11 18.93 -14.77
C VAL A 410 -3.41 18.44 -16.17
N THR A 411 -4.38 19.08 -16.80
CA THR A 411 -5.00 18.50 -18.04
C THR A 411 -4.83 19.40 -19.25
N LEU A 412 -4.21 18.84 -20.28
CA LEU A 412 -3.91 19.57 -21.52
C LEU A 412 -5.05 19.40 -22.51
N LEU A 413 -5.77 20.51 -22.77
CA LEU A 413 -6.92 20.54 -23.63
C LEU A 413 -6.64 20.94 -25.05
N LYS A 414 -5.54 21.68 -25.25
CA LYS A 414 -5.11 22.22 -26.53
C LYS A 414 -3.62 22.45 -26.50
N ASN A 415 -2.97 21.90 -27.53
CA ASN A 415 -1.57 22.03 -27.80
C ASN A 415 -1.35 22.10 -29.34
N THR A 416 -0.97 23.24 -29.79
CA THR A 416 -0.68 23.47 -31.19
C THR A 416 0.83 23.35 -31.52
N GLY A 417 1.65 23.01 -30.55
CA GLY A 417 3.08 22.84 -30.79
C GLY A 417 3.93 23.69 -29.88
N SER A 418 3.34 24.63 -29.13
CA SER A 418 4.13 25.45 -28.22
C SER A 418 4.65 24.59 -27.01
N LEU A 419 3.97 23.47 -26.67
CA LEU A 419 4.40 22.64 -25.51
C LEU A 419 4.86 21.24 -25.95
N PRO A 420 5.88 20.69 -25.28
CA PRO A 420 6.51 21.28 -24.12
C PRO A 420 7.46 22.42 -24.47
N LEU A 421 7.69 23.31 -23.51
CA LEU A 421 8.68 24.34 -23.65
C LEU A 421 10.10 23.79 -23.73
N LYS A 422 10.88 24.41 -24.60
CA LYS A 422 12.29 24.09 -24.70
C LYS A 422 13.06 24.96 -23.70
N HIS A 423 13.61 26.11 -24.12
CA HIS A 423 14.38 27.00 -23.20
C HIS A 423 14.10 28.45 -23.55
N PRO A 424 12.82 28.90 -23.49
CA PRO A 424 12.52 30.27 -23.89
C PRO A 424 13.29 31.29 -23.06
N GLN A 425 13.67 32.36 -23.72
CA GLN A 425 14.53 33.39 -23.15
C GLN A 425 13.84 34.64 -22.61
N ARG A 426 12.65 34.96 -23.11
CA ARG A 426 11.86 36.11 -22.65
C ARG A 426 10.41 35.60 -22.42
N ILE A 427 9.99 35.64 -21.14
CA ILE A 427 8.77 34.97 -20.69
C ILE A 427 7.91 36.03 -20.07
N ALA A 428 6.67 36.16 -20.54
CA ALA A 428 5.70 37.02 -19.89
C ALA A 428 4.65 36.16 -19.17
N VAL A 429 4.12 36.71 -18.08
CA VAL A 429 3.16 36.09 -17.27
C VAL A 429 2.10 37.12 -16.94
N LEU A 430 0.84 36.74 -17.09
CA LEU A 430 -0.28 37.63 -16.81
C LEU A 430 -1.23 36.94 -15.81
N GLY A 431 -1.76 37.71 -14.86
CA GLY A 431 -2.83 37.31 -13.93
C GLY A 431 -2.46 37.25 -12.46
N ASN A 432 -3.37 37.76 -11.61
CA ASN A 432 -3.20 37.67 -10.15
C ASN A 432 -3.13 36.17 -9.71
N ASP A 433 -3.78 35.30 -10.45
CA ASP A 433 -3.68 33.82 -10.22
C ASP A 433 -2.27 33.28 -10.25
N ALA A 434 -1.35 34.03 -10.88
CA ALA A 434 0.05 33.65 -10.97
C ALA A 434 0.78 33.84 -9.66
N THR A 435 0.22 34.61 -8.71
CA THR A 435 0.96 34.99 -7.52
C THR A 435 0.10 34.93 -6.22
N TYR A 436 0.62 35.48 -5.12
CA TYR A 436 -0.05 35.36 -3.82
C TYR A 436 -1.30 36.19 -3.72
N ASN A 437 -2.22 35.73 -2.91
CA ASN A 437 -3.24 36.58 -2.38
C ASN A 437 -2.56 37.80 -1.79
N VAL A 438 -2.96 39.00 -2.21
CA VAL A 438 -2.35 40.22 -1.70
C VAL A 438 -2.50 40.44 -0.15
N LEU A 439 -3.41 39.71 0.52
CA LEU A 439 -3.60 39.86 1.95
C LEU A 439 -3.04 38.68 2.72
N GLY A 440 -2.41 37.74 1.99
CA GLY A 440 -1.88 36.51 2.61
C GLY A 440 -2.69 35.29 2.18
N PRO A 441 -2.03 34.14 2.03
CA PRO A 441 -2.80 33.05 1.46
C PRO A 441 -4.07 32.66 2.27
N ASN A 442 -4.11 32.95 3.57
CA ASN A 442 -5.25 32.58 4.42
C ASN A 442 -6.10 33.75 4.79
N ALA A 443 -5.98 34.84 4.05
CA ALA A 443 -6.62 36.11 4.49
C ALA A 443 -8.13 35.99 4.53
N CYS A 444 -8.66 35.17 3.64
CA CYS A 444 -10.12 35.01 3.46
C CYS A 444 -10.76 34.18 4.57
N GLY A 445 -9.94 33.70 5.47
CA GLY A 445 -10.41 33.28 6.77
C GLY A 445 -10.68 31.80 6.83
N LEU A 446 -11.42 31.42 7.87
CA LEU A 446 -11.59 30.03 8.26
C LEU A 446 -12.26 29.14 7.25
N ALA A 447 -12.99 29.75 6.33
CA ALA A 447 -13.63 28.99 5.25
C ALA A 447 -13.33 29.52 3.91
N ASN A 448 -12.23 30.27 3.81
CA ASN A 448 -11.75 30.81 2.55
C ASN A 448 -12.80 31.56 1.79
N SER A 449 -13.64 32.34 2.49
CA SER A 449 -14.83 32.98 1.86
C SER A 449 -15.16 34.44 2.28
N ALA A 450 -14.25 35.11 3.01
CA ALA A 450 -14.55 36.40 3.65
C ALA A 450 -13.76 37.59 3.06
N CYS A 451 -12.91 37.38 2.05
CA CYS A 451 -12.25 38.50 1.43
C CYS A 451 -13.31 39.17 0.58
N ASP A 452 -13.08 40.44 0.30
CA ASP A 452 -14.01 41.26 -0.45
C ASP A 452 -14.18 40.72 -1.87
N ILE A 453 -15.36 40.95 -2.46
CA ILE A 453 -15.71 40.56 -3.86
C ILE A 453 -14.66 40.85 -4.93
N ASP A 454 -13.92 41.94 -4.73
CA ASP A 454 -12.85 42.30 -5.69
C ASP A 454 -11.45 41.88 -5.32
N ASN A 455 -11.26 41.22 -4.20
CA ASN A 455 -9.91 41.01 -3.75
C ASN A 455 -9.09 40.20 -4.78
N LEU A 456 -7.81 40.53 -4.94
CA LEU A 456 -6.87 39.73 -5.76
C LEU A 456 -6.40 38.56 -4.89
N ASN A 457 -7.11 37.44 -5.00
CA ASN A 457 -6.89 36.31 -4.12
C ASN A 457 -5.68 35.47 -4.46
N GLY A 458 -5.05 35.76 -5.61
CA GLY A 458 -3.88 35.03 -6.04
C GLY A 458 -4.29 33.65 -6.53
N THR A 459 -3.35 32.69 -6.53
CA THR A 459 -3.55 31.36 -7.14
C THR A 459 -4.75 30.66 -6.50
N LEU A 460 -5.73 30.19 -7.28
CA LEU A 460 -6.88 29.44 -6.71
C LEU A 460 -6.51 28.00 -6.34
N THR A 461 -6.08 27.78 -5.11
CA THR A 461 -5.55 26.47 -4.67
C THR A 461 -6.61 25.49 -4.07
N THR A 462 -7.71 26.09 -3.57
CA THR A 462 -8.91 25.40 -3.09
C THR A 462 -10.12 26.32 -3.26
N GLY A 463 -11.29 25.75 -3.09
CA GLY A 463 -12.57 26.48 -3.35
C GLY A 463 -12.98 27.12 -2.05
N GLY A 464 -14.09 27.81 -2.06
CA GLY A 464 -14.62 28.41 -0.82
C GLY A 464 -15.54 27.49 -0.01
N GLY A 465 -15.47 27.66 1.30
CA GLY A 465 -16.46 27.08 2.19
C GLY A 465 -15.85 26.12 3.19
N SER A 466 -16.73 25.34 3.76
CA SER A 466 -16.38 24.29 4.73
C SER A 466 -15.42 23.19 4.24
N GLY A 467 -15.28 23.05 2.93
CA GLY A 467 -14.39 22.07 2.33
C GLY A 467 -13.00 22.61 2.06
N SER A 468 -12.75 23.85 2.46
CA SER A 468 -11.42 24.47 2.33
C SER A 468 -10.52 24.07 3.47
N ALA A 469 -9.28 24.57 3.43
CA ALA A 469 -8.40 24.51 4.57
C ALA A 469 -7.32 25.60 4.41
N LEU A 470 -6.68 25.91 5.53
CA LEU A 470 -5.60 26.79 5.60
C LEU A 470 -4.41 26.19 4.85
N SER A 471 -3.43 27.04 4.59
CA SER A 471 -2.26 26.73 3.78
C SER A 471 -1.00 27.26 4.51
N PRO A 472 0.02 26.42 4.70
CA PRO A 472 1.23 26.93 5.31
C PRO A 472 2.04 27.84 4.38
N TYR A 473 1.75 27.76 3.08
CA TYR A 473 2.39 28.57 2.06
C TYR A 473 1.66 28.33 0.73
N THR A 474 2.01 29.12 -0.28
CA THR A 474 1.60 28.88 -1.64
C THR A 474 2.86 28.88 -2.50
N ILE A 475 3.13 27.79 -3.20
CA ILE A 475 4.17 27.81 -4.19
C ILE A 475 3.45 28.38 -5.40
N THR A 476 3.77 29.62 -5.77
CA THR A 476 3.03 30.27 -6.84
C THR A 476 3.57 29.84 -8.22
N PRO A 477 2.69 29.82 -9.23
CA PRO A 477 3.10 29.62 -10.61
C PRO A 477 4.28 30.53 -11.00
N LEU A 478 4.20 31.80 -10.64
CA LEU A 478 5.28 32.70 -10.94
C LEU A 478 6.64 32.35 -10.24
N GLU A 479 6.66 31.98 -8.96
CA GLU A 479 7.88 31.55 -8.29
C GLU A 479 8.47 30.41 -9.07
N ALA A 480 7.65 29.43 -9.42
CA ALA A 480 8.16 28.25 -10.12
C ALA A 480 8.63 28.50 -11.58
N LEU A 481 7.89 29.28 -12.38
CA LEU A 481 8.36 29.67 -13.71
C LEU A 481 9.70 30.51 -13.61
N GLN A 482 9.79 31.37 -12.61
CA GLN A 482 10.99 32.18 -12.42
C GLN A 482 12.23 31.30 -12.09
N LYS A 483 12.08 30.28 -11.23
CA LYS A 483 13.21 29.38 -10.96
C LYS A 483 13.75 28.69 -12.27
N ARG A 484 12.84 28.30 -13.14
CA ARG A 484 13.21 27.62 -14.36
C ARG A 484 13.83 28.59 -15.37
N ALA A 485 13.30 29.81 -15.42
CA ALA A 485 13.86 30.91 -16.19
C ALA A 485 15.34 31.22 -15.80
N ILE A 486 15.59 31.34 -14.51
CA ILE A 486 16.93 31.55 -13.98
C ILE A 486 17.89 30.44 -14.43
N GLU A 487 17.47 29.19 -14.35
CA GLU A 487 18.32 28.07 -14.83
C GLU A 487 18.67 28.18 -16.33
N ASP A 488 17.78 28.73 -17.13
CA ASP A 488 18.02 28.96 -18.57
C ASP A 488 18.61 30.34 -18.93
N ASN A 489 19.02 31.09 -17.92
CA ASN A 489 19.60 32.42 -18.09
C ASN A 489 18.65 33.39 -18.80
N ALA A 490 17.36 33.19 -18.55
CA ALA A 490 16.29 33.91 -19.22
C ALA A 490 15.80 35.09 -18.36
N GLU A 491 14.90 35.88 -18.95
CA GLU A 491 14.19 36.94 -18.22
C GLU A 491 12.72 36.59 -18.18
N ILE A 492 12.04 37.09 -17.16
CA ILE A 492 10.67 36.76 -16.89
C ILE A 492 10.03 37.89 -16.16
N ALA A 493 8.84 38.26 -16.60
CA ALA A 493 8.13 39.34 -16.00
C ALA A 493 6.66 39.06 -15.98
N ALA A 494 6.03 39.48 -14.89
CA ALA A 494 4.61 39.16 -14.63
C ALA A 494 3.82 40.46 -14.38
N VAL A 495 2.69 40.60 -15.06
CA VAL A 495 1.73 41.61 -14.66
C VAL A 495 0.63 40.91 -13.85
N VAL A 496 0.60 41.16 -12.56
CA VAL A 496 -0.29 40.48 -11.64
C VAL A 496 -1.34 41.37 -11.00
N ALA A 497 -1.38 42.63 -11.41
CA ALA A 497 -2.47 43.53 -10.98
C ALA A 497 -3.81 43.26 -11.68
N ASN A 498 -4.83 44.05 -11.33
CA ASN A 498 -6.09 44.02 -12.05
C ASN A 498 -5.96 44.81 -13.36
N SER A 499 -5.96 44.10 -14.48
CA SER A 499 -5.81 44.71 -15.77
C SER A 499 -6.88 45.74 -16.16
N ASN A 500 -8.08 45.72 -15.52
CA ASN A 500 -9.11 46.72 -15.80
C ASN A 500 -9.04 47.93 -14.87
N THR A 501 -8.73 47.74 -13.58
CA THR A 501 -8.87 48.83 -12.59
C THR A 501 -7.57 49.36 -12.01
N THR A 502 -6.39 48.88 -12.40
CA THR A 502 -5.17 49.53 -11.85
C THR A 502 -4.46 50.36 -12.92
N THR A 503 -4.16 51.62 -12.61
CA THR A 503 -3.60 52.49 -13.63
C THR A 503 -2.29 51.89 -14.10
N GLY A 504 -2.14 51.87 -15.41
CA GLY A 504 -0.94 51.46 -16.09
C GLY A 504 -0.84 50.03 -16.54
N ALA A 505 -1.76 49.18 -16.06
CA ALA A 505 -1.61 47.73 -16.21
C ALA A 505 -1.75 47.35 -17.67
N GLU A 506 -2.76 47.93 -18.32
CA GLU A 506 -3.01 47.67 -19.73
C GLU A 506 -1.79 48.05 -20.60
N ASP A 507 -1.19 49.19 -20.31
CA ASP A 507 -0.05 49.66 -21.09
C ASP A 507 1.17 48.82 -20.78
N ALA A 508 1.31 48.41 -19.52
CA ALA A 508 2.37 47.50 -19.12
C ALA A 508 2.26 46.26 -19.91
N ILE A 509 1.02 45.79 -20.03
CA ILE A 509 0.74 44.61 -20.81
C ILE A 509 1.09 44.82 -22.31
N ALA A 510 0.58 45.90 -22.90
CA ALA A 510 0.91 46.27 -24.30
C ALA A 510 2.44 46.28 -24.58
N ALA A 511 3.18 46.83 -23.61
CA ALA A 511 4.61 47.05 -23.73
C ALA A 511 5.42 45.81 -23.55
N LEU A 512 4.87 44.84 -22.80
CA LEU A 512 5.59 43.65 -22.37
C LEU A 512 5.45 42.46 -23.30
N LEU A 513 4.20 42.18 -23.73
CA LEU A 513 3.91 40.99 -24.53
C LEU A 513 4.54 40.85 -25.92
N PRO A 514 4.58 41.92 -26.75
CA PRO A 514 5.10 41.70 -28.13
C PRO A 514 6.48 41.04 -28.18
N ASP A 515 7.38 41.42 -27.29
CA ASP A 515 8.75 40.90 -27.35
C ASP A 515 8.88 39.49 -26.73
N ALA A 516 7.84 39.01 -26.04
CA ALA A 516 7.92 37.78 -25.26
C ALA A 516 7.98 36.55 -26.20
N ASP A 517 8.83 35.55 -25.87
CA ASP A 517 8.85 34.29 -26.64
C ASP A 517 7.60 33.54 -26.29
N VAL A 518 7.21 33.55 -25.01
CA VAL A 518 5.93 32.94 -24.59
C VAL A 518 5.25 33.85 -23.52
N THR A 519 3.90 33.82 -23.53
CA THR A 519 3.05 34.55 -22.62
C THR A 519 2.18 33.50 -21.90
N PHE A 520 2.36 33.39 -20.60
CA PHE A 520 1.57 32.51 -19.79
C PHE A 520 0.48 33.39 -19.26
N VAL A 521 -0.75 32.94 -19.42
CA VAL A 521 -1.90 33.59 -18.80
C VAL A 521 -2.57 32.64 -17.78
N PHE A 522 -2.68 33.14 -16.56
CA PHE A 522 -3.22 32.43 -15.42
C PHE A 522 -4.58 33.01 -15.10
N LEU A 523 -5.59 32.15 -15.24
CA LEU A 523 -6.97 32.50 -15.04
C LEU A 523 -7.58 31.70 -13.88
N ASN A 524 -8.60 32.26 -13.24
CA ASN A 524 -9.35 31.50 -12.25
C ASN A 524 -10.86 31.76 -12.17
N ARG A 525 -11.52 30.91 -11.39
CA ARG A 525 -13.00 30.96 -11.14
C ARG A 525 -13.28 30.33 -9.81
N TYR A 526 -13.19 31.17 -8.78
CA TYR A 526 -13.61 30.88 -7.43
C TYR A 526 -15.09 30.53 -7.40
N SER A 527 -15.44 29.49 -6.67
CA SER A 527 -16.86 29.27 -6.31
C SER A 527 -16.87 28.68 -4.91
N GLU A 528 -18.07 28.50 -4.35
CA GLU A 528 -18.20 28.29 -2.91
C GLU A 528 -19.49 27.69 -2.49
N GLN A 529 -19.43 27.05 -1.32
CA GLN A 529 -20.56 26.53 -0.61
C GLN A 529 -21.58 27.65 -0.40
N GLY A 530 -22.84 27.34 -0.68
CA GLY A 530 -23.91 28.24 -0.35
C GLY A 530 -24.41 29.12 -1.47
N ALA A 531 -23.80 29.00 -2.64
CA ALA A 531 -24.31 29.61 -3.85
C ALA A 531 -23.89 28.74 -4.97
N ASP A 532 -24.67 28.73 -6.04
CA ASP A 532 -24.16 28.25 -7.32
C ASP A 532 -23.54 29.39 -8.18
N ALA A 533 -22.66 29.06 -9.10
CA ALA A 533 -22.13 30.04 -10.04
C ALA A 533 -23.28 30.55 -10.92
N PRO A 534 -23.34 31.88 -11.19
CA PRO A 534 -24.39 32.42 -12.13
C PRO A 534 -24.34 31.84 -13.57
N ASP A 535 -23.15 31.45 -14.05
CA ASP A 535 -22.87 31.13 -15.46
C ASP A 535 -21.43 30.61 -15.51
N PHE A 536 -20.94 30.32 -16.70
CA PHE A 536 -19.56 29.91 -16.90
C PHE A 536 -18.42 30.98 -16.96
N SER A 537 -18.71 32.20 -16.53
CA SER A 537 -17.77 33.31 -16.69
C SER A 537 -16.51 33.21 -15.81
N LEU A 538 -15.32 33.46 -16.40
CA LEU A 538 -14.07 33.52 -15.62
C LEU A 538 -14.21 34.50 -14.45
N GLY A 539 -13.55 34.20 -13.33
CA GLY A 539 -13.59 35.10 -12.20
C GLY A 539 -12.75 36.34 -12.53
N GLY A 540 -12.97 37.42 -11.77
CA GLY A 540 -12.11 38.63 -11.84
C GLY A 540 -12.05 39.23 -13.23
N ASP A 541 -10.85 39.74 -13.53
CA ASP A 541 -10.50 40.31 -14.84
C ASP A 541 -10.07 39.29 -15.88
N GLY A 542 -10.42 38.03 -15.69
CA GLY A 542 -10.10 36.99 -16.66
C GLY A 542 -10.30 37.29 -18.15
N ASP A 543 -11.51 37.77 -18.47
CA ASP A 543 -11.94 37.99 -19.85
C ASP A 543 -11.08 39.08 -20.49
N ASN A 544 -10.80 40.12 -19.69
CA ASN A 544 -9.99 41.19 -20.13
C ASN A 544 -8.57 40.71 -20.32
N LEU A 545 -8.02 39.88 -19.43
CA LEU A 545 -6.65 39.44 -19.59
C LEU A 545 -6.49 38.76 -20.94
N MET A 546 -7.47 37.95 -21.32
CA MET A 546 -7.39 37.11 -22.50
C MET A 546 -7.53 37.92 -23.79
N ASP A 547 -8.37 38.95 -23.76
CA ASP A 547 -8.52 39.85 -24.90
C ASP A 547 -7.21 40.58 -25.16
N LEU A 548 -6.60 41.13 -24.10
CA LEU A 548 -5.27 41.78 -24.19
C LEU A 548 -4.18 40.81 -24.61
N ALA A 549 -4.24 39.58 -24.10
CA ALA A 549 -3.16 38.64 -24.38
C ALA A 549 -3.04 38.29 -25.88
N VAL A 550 -4.15 38.00 -26.52
CA VAL A 550 -4.13 37.65 -27.92
C VAL A 550 -3.93 38.86 -28.89
N THR A 551 -4.18 40.07 -28.41
CA THR A 551 -3.95 41.26 -29.20
C THR A 551 -2.45 41.40 -29.37
N TYR A 552 -1.71 41.18 -28.27
CA TYR A 552 -0.27 41.44 -28.24
C TYR A 552 0.69 40.21 -28.25
N SER A 553 0.20 38.98 -28.19
CA SER A 553 1.09 37.83 -28.33
C SER A 553 0.45 36.78 -29.20
N SER A 554 1.26 36.19 -30.10
CA SER A 554 0.90 34.98 -30.82
C SER A 554 1.43 33.66 -30.21
N ASN A 555 1.87 33.68 -28.96
CA ASN A 555 2.21 32.43 -28.34
C ASN A 555 1.74 32.52 -26.90
N VAL A 556 0.42 32.34 -26.73
CA VAL A 556 -0.23 32.43 -25.44
C VAL A 556 -0.59 31.03 -24.99
N VAL A 557 -0.18 30.72 -23.76
CA VAL A 557 -0.37 29.44 -23.10
C VAL A 557 -1.24 29.74 -21.86
N VAL A 558 -2.43 29.13 -21.80
CA VAL A 558 -3.41 29.49 -20.78
C VAL A 558 -3.46 28.39 -19.74
N VAL A 559 -3.49 28.80 -18.48
CA VAL A 559 -3.57 27.87 -17.34
C VAL A 559 -4.74 28.33 -16.46
N ILE A 560 -5.68 27.40 -16.23
CA ILE A 560 -6.91 27.66 -15.52
C ILE A 560 -6.91 26.90 -14.22
N HIS A 561 -7.02 27.65 -13.13
CA HIS A 561 -7.23 27.15 -11.79
C HIS A 561 -8.74 27.40 -11.53
N THR A 562 -9.51 26.35 -11.30
CA THR A 562 -10.97 26.50 -11.20
C THR A 562 -11.68 25.39 -10.39
N THR A 563 -12.90 25.73 -9.95
CA THR A 563 -13.79 24.76 -9.27
C THR A 563 -14.65 23.98 -10.25
N GLY A 564 -14.55 24.37 -11.53
CA GLY A 564 -15.31 23.74 -12.63
C GLY A 564 -15.14 24.42 -14.00
N VAL A 565 -16.07 24.08 -14.88
CA VAL A 565 -16.04 24.45 -16.29
C VAL A 565 -16.17 25.94 -16.36
N VAL A 566 -15.41 26.54 -17.28
CA VAL A 566 -15.51 27.96 -17.59
C VAL A 566 -15.64 28.22 -19.08
N ASP A 567 -16.13 29.42 -19.35
CA ASP A 567 -16.43 29.84 -20.70
C ASP A 567 -15.15 30.39 -21.32
N ILE A 568 -14.61 29.63 -22.27
CA ILE A 568 -13.40 30.01 -23.02
C ILE A 568 -13.67 30.15 -24.48
N GLU A 569 -14.94 30.31 -24.82
CA GLU A 569 -15.40 30.22 -26.19
C GLU A 569 -14.86 31.38 -27.03
N LYS A 570 -14.78 32.55 -26.43
CA LYS A 570 -14.25 33.71 -27.14
C LYS A 570 -12.82 33.51 -27.75
N TRP A 571 -11.97 32.68 -27.12
CA TRP A 571 -10.52 32.53 -27.47
C TRP A 571 -10.02 31.08 -27.65
N ALA A 572 -10.78 30.03 -27.33
CA ALA A 572 -10.19 28.69 -27.39
C ALA A 572 -9.71 28.30 -28.79
N ASP A 573 -10.36 28.87 -29.81
CA ASP A 573 -10.07 28.67 -31.27
C ASP A 573 -9.20 29.77 -31.96
N ASN A 574 -8.90 30.85 -31.27
CA ASN A 574 -7.86 31.78 -31.66
C ASN A 574 -6.48 31.07 -31.79
N PRO A 575 -5.82 31.18 -32.94
CA PRO A 575 -4.51 30.50 -33.06
C PRO A 575 -3.38 31.14 -32.25
N ASN A 576 -3.59 32.36 -31.75
CA ASN A 576 -2.72 32.93 -30.74
C ASN A 576 -2.72 32.20 -29.37
N VAL A 577 -3.79 31.51 -29.02
CA VAL A 577 -3.77 30.65 -27.85
C VAL A 577 -3.20 29.33 -28.31
N THR A 578 -1.88 29.14 -28.15
CA THR A 578 -1.26 27.91 -28.65
C THR A 578 -1.39 26.72 -27.70
N ALA A 579 -1.63 26.97 -26.43
CA ALA A 579 -1.92 25.85 -25.53
C ALA A 579 -2.88 26.22 -24.41
N ILE A 580 -3.70 25.27 -23.99
CA ILE A 580 -4.68 25.46 -22.90
C ILE A 580 -4.56 24.29 -21.93
N LEU A 581 -4.52 24.59 -20.63
CA LEU A 581 -4.45 23.51 -19.62
C LEU A 581 -5.39 23.88 -18.46
N VAL A 582 -6.04 22.89 -17.90
CA VAL A 582 -6.81 23.13 -16.67
C VAL A 582 -6.11 22.39 -15.55
N ALA A 583 -5.78 23.11 -14.48
CA ALA A 583 -5.03 22.58 -13.31
C ALA A 583 -5.91 22.46 -12.09
N TYR A 584 -7.17 22.89 -12.16
CA TYR A 584 -8.18 22.55 -11.14
C TYR A 584 -7.83 23.21 -9.82
N LEU A 585 -7.64 22.46 -8.74
CA LEU A 585 -7.36 23.08 -7.42
C LEU A 585 -6.22 22.29 -6.77
N PRO A 586 -4.99 22.78 -6.91
CA PRO A 586 -3.80 21.95 -6.59
C PRO A 586 -3.31 22.01 -5.21
N GLY A 587 -4.00 22.78 -4.36
CA GLY A 587 -3.56 22.91 -2.99
C GLY A 587 -2.23 23.70 -3.01
N GLN A 588 -1.30 23.38 -2.12
CA GLN A 588 -0.25 24.28 -1.76
C GLN A 588 0.88 24.26 -2.76
N GLU A 589 1.06 23.15 -3.46
CA GLU A 589 2.19 22.98 -4.40
C GLU A 589 1.78 23.35 -5.84
N ALA A 590 1.13 24.47 -6.02
CA ALA A 590 0.51 24.81 -7.30
C ALA A 590 1.51 25.00 -8.40
N GLY A 591 2.55 25.78 -8.13
CA GLY A 591 3.53 26.16 -9.14
C GLY A 591 4.48 25.04 -9.48
N ASN A 592 4.99 24.37 -8.47
CA ASN A 592 6.00 23.33 -8.69
C ASN A 592 5.43 22.04 -9.24
N SER A 593 4.13 21.80 -9.04
CA SER A 593 3.45 20.73 -9.77
C SER A 593 3.22 21.02 -11.29
N LEU A 594 2.94 22.27 -11.61
CA LEU A 594 2.65 22.70 -13.01
C LEU A 594 3.88 22.79 -13.91
N VAL A 595 4.92 23.43 -13.38
CA VAL A 595 6.02 23.83 -14.24
C VAL A 595 6.77 22.67 -14.92
N PRO A 596 6.99 21.55 -14.21
CA PRO A 596 7.66 20.41 -14.83
C PRO A 596 6.92 19.86 -16.06
N VAL A 597 5.59 19.99 -16.03
CA VAL A 597 4.70 19.54 -17.12
C VAL A 597 4.82 20.54 -18.25
N LEU A 598 4.71 21.79 -17.94
CA LEU A 598 4.97 22.81 -18.96
C LEU A 598 6.35 22.65 -19.71
N TYR A 599 7.41 22.32 -18.97
CA TYR A 599 8.78 22.24 -19.53
C TYR A 599 9.15 20.84 -20.03
N GLY A 600 8.24 19.88 -19.89
CA GLY A 600 8.43 18.55 -20.47
C GLY A 600 9.16 17.54 -19.63
N ASP A 601 9.46 17.88 -18.38
CA ASP A 601 10.06 16.93 -17.46
C ASP A 601 9.20 15.69 -17.29
N VAL A 602 7.88 15.90 -17.29
CA VAL A 602 6.92 14.82 -17.32
C VAL A 602 5.77 15.25 -18.22
N ALA A 603 5.28 14.32 -19.01
CA ALA A 603 4.21 14.61 -19.92
C ALA A 603 2.92 14.71 -19.13
N PRO A 604 1.97 15.58 -19.57
CA PRO A 604 0.68 15.70 -18.85
C PRO A 604 -0.12 14.46 -19.03
N SER A 605 -0.80 13.98 -18.00
CA SER A 605 -1.59 12.73 -18.09
C SER A 605 -2.98 12.79 -17.47
N GLY A 606 -3.39 13.99 -17.08
CA GLY A 606 -4.73 14.21 -16.56
C GLY A 606 -5.72 14.29 -17.72
N LYS A 607 -6.95 13.85 -17.36
CA LYS A 607 -8.13 13.92 -18.20
C LYS A 607 -9.34 14.42 -17.38
N LEU A 608 -10.29 14.98 -18.11
CA LEU A 608 -11.42 15.72 -17.55
C LEU A 608 -12.35 14.77 -16.83
N PRO A 609 -12.75 15.13 -15.57
CA PRO A 609 -13.66 14.32 -14.82
C PRO A 609 -15.11 14.73 -15.01
N TRP A 610 -15.40 15.71 -15.85
CA TRP A 610 -16.75 16.03 -16.23
C TRP A 610 -16.73 16.45 -17.69
N THR A 611 -17.88 16.82 -18.25
CA THR A 611 -17.99 17.33 -19.65
C THR A 611 -17.82 18.85 -19.70
N TRP A 612 -17.07 19.31 -20.73
CA TRP A 612 -16.83 20.75 -20.99
C TRP A 612 -17.62 21.07 -22.25
N GLY A 613 -18.88 21.41 -22.06
CA GLY A 613 -19.75 21.86 -23.16
C GLY A 613 -19.44 23.28 -23.64
N LYS A 614 -19.90 23.63 -24.85
CA LYS A 614 -19.65 24.99 -25.40
C LYS A 614 -20.53 26.04 -24.79
N SER A 615 -21.71 25.67 -24.31
CA SER A 615 -22.60 26.60 -23.59
C SER A 615 -23.27 25.90 -22.44
N ILE A 616 -23.69 26.67 -21.47
CA ILE A 616 -24.52 26.09 -20.41
C ILE A 616 -25.87 25.52 -20.91
N ASP A 617 -26.39 25.93 -22.07
CA ASP A 617 -27.67 25.40 -22.63
C ASP A 617 -27.50 23.97 -23.09
N ASP A 618 -26.25 23.51 -23.28
CA ASP A 618 -25.96 22.13 -23.72
C ASP A 618 -26.14 21.08 -22.62
N TYR A 619 -26.20 21.49 -21.37
CA TYR A 619 -26.36 20.55 -20.29
C TYR A 619 -27.84 20.18 -19.96
N VAL A 620 -28.01 19.22 -19.07
CA VAL A 620 -29.34 18.97 -18.41
C VAL A 620 -30.07 20.28 -18.12
N PRO A 621 -31.33 20.42 -18.58
CA PRO A 621 -32.06 21.67 -18.22
C PRO A 621 -32.46 21.73 -16.75
N ASN A 622 -32.68 22.97 -16.29
CA ASN A 622 -33.13 23.25 -14.93
C ASN A 622 -32.13 22.75 -13.87
N GLY A 623 -30.84 22.82 -14.24
CA GLY A 623 -29.73 22.45 -13.37
C GLY A 623 -29.84 23.12 -12.04
N VAL A 624 -30.21 24.39 -12.06
CA VAL A 624 -30.36 25.19 -10.79
C VAL A 624 -31.71 25.85 -10.91
N VAL A 625 -32.62 25.52 -9.98
CA VAL A 625 -33.92 26.21 -9.90
C VAL A 625 -33.86 27.34 -8.89
N TYR A 626 -34.23 28.50 -9.43
CA TYR A 626 -34.39 29.76 -8.73
C TYR A 626 -35.86 29.99 -8.62
N THR A 627 -36.39 30.15 -7.41
CA THR A 627 -37.77 30.61 -7.26
C THR A 627 -37.89 31.21 -5.89
N ASP A 628 -38.94 32.01 -5.65
CA ASP A 628 -39.29 32.44 -4.29
C ASP A 628 -40.51 31.70 -3.74
N ALA A 629 -41.00 30.71 -4.51
CA ALA A 629 -42.02 29.77 -4.03
C ALA A 629 -41.61 29.16 -2.70
N TYR A 630 -42.55 29.08 -1.76
CA TYR A 630 -42.24 28.64 -0.41
C TYR A 630 -41.72 27.19 -0.37
N SER A 631 -42.27 26.36 -1.26
CA SER A 631 -41.85 24.96 -1.42
C SER A 631 -41.25 24.77 -2.83
N PRO A 632 -39.97 25.10 -2.98
CA PRO A 632 -39.31 24.99 -4.26
C PRO A 632 -39.06 23.56 -4.76
N GLN A 633 -39.31 23.30 -6.03
CA GLN A 633 -39.17 21.98 -6.62
C GLN A 633 -38.05 21.84 -7.70
N SER A 634 -37.31 20.73 -7.65
CA SER A 634 -36.44 20.34 -8.77
C SER A 634 -36.82 18.94 -9.20
N ASN A 635 -37.46 18.82 -10.36
CA ASN A 635 -37.82 17.50 -10.91
C ASN A 635 -36.69 16.95 -11.75
N PHE A 636 -36.16 15.78 -11.36
CA PHE A 636 -35.01 15.15 -12.01
C PHE A 636 -35.52 14.34 -13.22
N THR A 637 -36.16 15.09 -14.14
CA THR A 637 -36.77 14.61 -15.38
C THR A 637 -35.74 13.93 -16.27
N GLU A 638 -34.51 14.43 -16.25
CA GLU A 638 -33.41 13.80 -17.01
C GLU A 638 -33.15 12.32 -16.59
N GLY A 639 -33.56 11.94 -15.40
CA GLY A 639 -33.33 10.58 -14.96
C GLY A 639 -31.84 10.40 -14.74
N VAL A 640 -31.31 9.29 -15.26
CA VAL A 640 -29.91 8.92 -15.11
C VAL A 640 -28.99 9.71 -16.02
N PHE A 641 -29.57 10.49 -16.93
CA PHE A 641 -28.83 11.18 -17.98
C PHE A 641 -28.24 12.53 -17.51
N ILE A 642 -27.15 12.46 -16.74
CA ILE A 642 -26.40 13.67 -16.41
C ILE A 642 -25.08 13.65 -17.10
N ASP A 643 -24.48 14.84 -17.15
CA ASP A 643 -23.15 15.08 -17.74
C ASP A 643 -23.07 14.34 -19.08
N TYR A 644 -22.08 13.49 -19.32
CA TYR A 644 -21.83 13.04 -20.71
C TYR A 644 -22.98 12.16 -21.21
N ARG A 645 -23.75 11.57 -20.27
CA ARG A 645 -24.90 10.75 -20.61
C ARG A 645 -25.96 11.64 -21.29
N TRP A 646 -26.00 12.91 -20.87
CA TRP A 646 -26.90 13.85 -21.47
C TRP A 646 -26.38 14.18 -22.88
N PHE A 647 -25.09 14.53 -22.97
CA PHE A 647 -24.46 14.93 -24.22
C PHE A 647 -24.57 13.81 -25.28
N ASP A 648 -24.20 12.59 -24.90
CA ASP A 648 -24.27 11.42 -25.78
C ASP A 648 -25.68 11.15 -26.27
N LYS A 649 -26.67 11.19 -25.35
CA LYS A 649 -28.10 10.92 -25.68
C LYS A 649 -28.72 11.97 -26.64
N MET A 650 -28.51 13.26 -26.39
CA MET A 650 -29.04 14.33 -27.25
C MET A 650 -28.19 14.62 -28.49
N GLY A 651 -27.11 13.85 -28.69
CA GLY A 651 -26.19 14.12 -29.77
C GLY A 651 -25.57 15.52 -29.74
N ILE A 652 -25.25 16.05 -28.55
CA ILE A 652 -24.51 17.36 -28.42
C ILE A 652 -22.99 17.18 -28.36
N THR A 653 -22.27 17.92 -29.15
CA THR A 653 -20.83 17.75 -29.18
C THR A 653 -20.23 18.76 -28.20
N PRO A 654 -19.60 18.29 -27.08
CA PRO A 654 -19.03 19.23 -26.13
C PRO A 654 -17.80 19.80 -26.74
N ARG A 655 -17.28 20.87 -26.18
CA ARG A 655 -15.93 21.31 -26.53
C ARG A 655 -14.87 20.26 -26.16
N TYR A 656 -14.91 19.78 -24.93
CA TYR A 656 -13.98 18.71 -24.46
C TYR A 656 -14.82 17.71 -23.72
N GLU A 657 -14.75 16.46 -24.18
CA GLU A 657 -15.66 15.44 -23.69
C GLU A 657 -15.18 14.94 -22.32
N PHE A 658 -16.05 14.20 -21.61
CA PHE A 658 -15.67 13.50 -20.39
C PHE A 658 -14.55 12.53 -20.72
N GLY A 659 -13.46 12.62 -19.96
CA GLY A 659 -12.36 11.71 -20.07
C GLY A 659 -11.39 12.15 -21.11
N PHE A 660 -11.49 13.40 -21.57
CA PHE A 660 -10.51 13.96 -22.52
C PHE A 660 -9.29 14.56 -21.84
N GLY A 661 -8.12 14.13 -22.32
CA GLY A 661 -6.84 14.87 -22.11
C GLY A 661 -5.66 14.50 -23.06
N LEU A 662 -4.94 15.53 -23.48
CA LEU A 662 -3.79 15.33 -24.34
C LEU A 662 -2.53 15.00 -23.52
N SER A 663 -1.59 14.41 -24.24
CA SER A 663 -0.28 14.08 -23.72
C SER A 663 0.70 14.81 -24.65
N TYR A 664 1.99 14.67 -24.42
CA TYR A 664 2.95 15.02 -25.46
C TYR A 664 3.23 13.88 -26.44
N THR A 665 2.61 12.73 -26.27
CA THR A 665 2.75 11.60 -27.21
C THR A 665 1.37 11.09 -27.57
N THR A 666 1.30 10.08 -28.47
CA THR A 666 0.03 9.42 -28.79
C THR A 666 0.04 7.92 -28.47
N PHE A 667 -1.17 7.41 -28.25
CA PHE A 667 -1.36 6.00 -27.94
C PHE A 667 -2.34 5.31 -28.89
N THR A 668 -1.90 4.14 -29.35
CA THR A 668 -2.71 3.33 -30.22
C THR A 668 -3.28 2.14 -29.44
N TYR A 669 -4.57 1.89 -29.63
CA TYR A 669 -5.27 0.79 -28.93
C TYR A 669 -5.40 -0.43 -29.82
N SER A 670 -5.23 -1.62 -29.25
CA SER A 670 -5.28 -2.89 -30.03
C SER A 670 -5.57 -4.09 -29.15
N ASN A 671 -5.97 -5.19 -29.80
CA ASN A 671 -6.17 -6.51 -29.18
C ASN A 671 -7.11 -6.54 -27.93
N LEU A 672 -8.35 -6.14 -28.18
CA LEU A 672 -9.42 -6.20 -27.17
C LEU A 672 -9.78 -7.67 -26.89
N ILE A 673 -9.74 -8.07 -25.61
CA ILE A 673 -10.07 -9.43 -25.18
C ILE A 673 -11.07 -9.34 -24.02
N VAL A 674 -12.13 -10.16 -24.08
CA VAL A 674 -13.09 -10.30 -22.99
C VAL A 674 -12.80 -11.68 -22.49
N ASP A 675 -12.36 -11.76 -21.25
CA ASP A 675 -12.06 -13.05 -20.66
C ASP A 675 -13.17 -13.42 -19.71
N HIS A 676 -14.15 -14.20 -20.23
CA HIS A 676 -15.33 -14.74 -19.52
C HIS A 676 -14.91 -15.69 -18.40
N GLY A 677 -13.79 -16.38 -18.59
CA GLY A 677 -13.28 -17.30 -17.58
C GLY A 677 -12.64 -16.65 -16.37
N ARG A 678 -12.59 -15.31 -16.34
CA ARG A 678 -11.82 -14.56 -15.35
C ARG A 678 -12.72 -13.88 -14.30
N TRP A 679 -13.22 -14.70 -13.39
CA TRP A 679 -14.24 -14.28 -12.43
C TRP A 679 -13.75 -14.63 -11.03
N ALA A 680 -14.26 -13.94 -10.01
CA ALA A 680 -13.81 -14.19 -8.65
C ALA A 680 -14.82 -13.70 -7.59
N LYS A 681 -14.72 -14.31 -6.40
CA LYS A 681 -15.55 -13.91 -5.26
C LYS A 681 -15.08 -12.58 -4.72
N ASP A 682 -16.04 -11.80 -4.24
CA ASP A 682 -15.78 -10.57 -3.56
C ASP A 682 -15.43 -10.94 -2.11
N TYR A 683 -14.16 -10.84 -1.74
CA TYR A 683 -13.71 -11.17 -0.36
C TYR A 683 -13.24 -9.93 0.44
N SER A 684 -12.97 -8.84 -0.27
CA SER A 684 -12.13 -7.77 0.22
C SER A 684 -12.86 -6.58 0.92
N SER A 685 -14.17 -6.41 0.71
CA SER A 685 -14.92 -5.28 1.31
C SER A 685 -14.90 -5.29 2.85
N VAL A 686 -15.00 -4.09 3.38
CA VAL A 686 -15.03 -3.90 4.83
C VAL A 686 -16.44 -4.21 5.29
N MET A 687 -17.45 -3.73 4.60
CA MET A 687 -18.83 -4.01 4.95
C MET A 687 -19.60 -4.52 3.73
N GLU A 688 -20.74 -5.16 3.97
CA GLU A 688 -21.62 -5.60 2.90
C GLU A 688 -22.96 -4.90 2.93
N THR A 689 -23.53 -4.73 1.74
CA THR A 689 -24.84 -4.16 1.58
C THR A 689 -25.84 -5.34 1.61
N ALA A 690 -27.12 -5.06 1.58
CA ALA A 690 -28.14 -6.13 1.30
C ALA A 690 -28.96 -5.77 0.06
N GLU A 691 -28.28 -5.33 -1.01
CA GLU A 691 -28.98 -4.93 -2.24
C GLU A 691 -29.58 -6.15 -2.92
N PRO A 692 -30.90 -6.18 -3.12
CA PRO A 692 -31.45 -7.42 -3.76
C PRO A 692 -31.01 -7.57 -5.21
N PHE A 693 -30.75 -8.80 -5.63
CA PHE A 693 -30.48 -9.06 -7.04
C PHE A 693 -30.93 -10.42 -7.56
N ALA A 694 -31.29 -10.45 -8.85
CA ALA A 694 -32.02 -11.62 -9.43
C ALA A 694 -31.32 -12.96 -9.24
N GLU A 695 -30.00 -12.94 -9.35
CA GLU A 695 -29.18 -14.15 -9.37
C GLU A 695 -28.75 -14.56 -7.93
N TRP A 696 -29.26 -13.86 -6.91
CA TRP A 696 -28.88 -14.08 -5.51
C TRP A 696 -29.17 -15.55 -5.11
N ASP A 697 -28.17 -16.22 -4.51
CA ASP A 697 -28.29 -17.61 -4.01
C ASP A 697 -27.58 -17.92 -2.67
N GLY A 698 -27.34 -16.91 -1.82
CA GLY A 698 -26.76 -17.15 -0.50
C GLY A 698 -25.25 -17.06 -0.47
N THR A 699 -24.58 -17.71 -1.43
CA THR A 699 -23.10 -17.65 -1.60
C THR A 699 -22.59 -16.58 -2.59
N ASN A 700 -23.49 -15.74 -3.11
CA ASN A 700 -23.28 -14.94 -4.32
C ASN A 700 -23.17 -13.48 -3.91
N SER A 701 -22.72 -12.60 -4.81
CA SER A 701 -22.73 -11.15 -4.52
C SER A 701 -22.83 -10.31 -5.77
N LEU A 702 -23.49 -9.17 -5.62
CA LEU A 702 -23.62 -8.16 -6.65
C LEU A 702 -22.24 -7.59 -7.05
N TYR A 703 -21.26 -7.70 -6.17
CA TYR A 703 -19.92 -7.21 -6.43
C TYR A 703 -18.92 -8.29 -6.85
N ASP A 704 -19.40 -9.52 -7.07
CA ASP A 704 -18.55 -10.52 -7.71
C ASP A 704 -18.09 -10.05 -9.09
N VAL A 705 -16.84 -10.38 -9.41
CA VAL A 705 -16.30 -10.11 -10.74
C VAL A 705 -16.75 -11.26 -11.61
N ILE A 706 -17.47 -10.98 -12.67
CA ILE A 706 -18.01 -12.03 -13.53
C ILE A 706 -17.23 -12.22 -14.86
N PHE A 707 -16.53 -11.18 -15.33
CA PHE A 707 -15.44 -11.32 -16.32
C PHE A 707 -14.48 -10.14 -16.25
N THR A 708 -13.40 -10.19 -17.03
CA THR A 708 -12.37 -9.14 -17.07
C THR A 708 -12.10 -8.76 -18.53
N VAL A 709 -11.88 -7.47 -18.78
CA VAL A 709 -11.56 -6.99 -20.12
C VAL A 709 -10.12 -6.57 -20.16
N PHE A 710 -9.40 -6.98 -21.18
CA PHE A 710 -8.04 -6.69 -21.40
C PHE A 710 -7.93 -5.94 -22.71
N ALA A 711 -7.04 -4.97 -22.75
CA ALA A 711 -6.59 -4.42 -24.02
C ALA A 711 -5.17 -3.95 -23.91
N THR A 712 -4.65 -3.49 -25.04
CA THR A 712 -3.25 -3.18 -25.22
C THR A 712 -3.10 -1.75 -25.78
N ILE A 713 -2.13 -1.02 -25.20
CA ILE A 713 -1.76 0.30 -25.70
C ILE A 713 -0.31 0.32 -26.08
N THR A 714 -0.05 1.05 -27.15
CA THR A 714 1.30 1.24 -27.67
C THR A 714 1.55 2.72 -27.82
N ASN A 715 2.64 3.19 -27.23
CA ASN A 715 3.05 4.57 -27.42
C ASN A 715 3.58 4.73 -28.88
N THR A 716 2.77 5.36 -29.72
CA THR A 716 3.11 5.54 -31.13
C THR A 716 3.61 6.95 -31.50
N GLY A 717 4.04 7.72 -30.48
CA GLY A 717 4.60 9.05 -30.72
C GLY A 717 6.10 9.09 -30.49
N ASN A 718 6.63 10.28 -30.16
CA ASN A 718 8.09 10.54 -30.00
C ASN A 718 8.58 10.71 -28.55
N LEU A 719 7.67 10.69 -27.57
CA LEU A 719 8.06 10.96 -26.17
C LEU A 719 7.40 9.99 -25.24
N THR A 720 8.04 9.73 -24.12
CA THR A 720 7.46 8.87 -23.08
C THR A 720 6.26 9.57 -22.50
N GLY A 721 5.22 8.83 -22.14
CA GLY A 721 4.01 9.41 -21.53
C GLY A 721 3.15 8.36 -20.82
N SER A 722 2.25 8.84 -19.96
CA SER A 722 1.33 7.99 -19.24
C SER A 722 -0.02 8.10 -19.91
N GLU A 723 -0.87 7.12 -19.71
CA GLU A 723 -2.15 7.08 -20.41
C GLU A 723 -3.20 6.49 -19.50
N VAL A 724 -4.33 7.20 -19.41
CA VAL A 724 -5.53 6.70 -18.78
C VAL A 724 -6.41 6.00 -19.82
N ALA A 725 -6.56 4.68 -19.70
CA ALA A 725 -7.44 3.88 -20.59
C ALA A 725 -8.79 3.78 -19.92
N GLN A 726 -9.86 3.89 -20.68
CA GLN A 726 -11.24 3.99 -20.17
C GLN A 726 -12.10 2.94 -20.85
N LEU A 727 -12.99 2.34 -20.11
CA LEU A 727 -13.89 1.31 -20.63
C LEU A 727 -15.34 1.75 -20.45
N TYR A 728 -16.14 1.61 -21.49
CA TYR A 728 -17.57 1.98 -21.43
C TYR A 728 -18.39 0.76 -21.82
N ILE A 729 -19.52 0.53 -21.14
CA ILE A 729 -20.51 -0.50 -21.52
C ILE A 729 -21.86 0.16 -21.92
N SER A 730 -22.43 -0.31 -23.05
CA SER A 730 -23.82 -0.02 -23.42
C SER A 730 -24.68 -1.19 -22.93
N ILE A 731 -25.42 -0.95 -21.87
CA ILE A 731 -26.28 -1.97 -21.31
C ILE A 731 -27.57 -1.86 -22.11
N PRO A 732 -28.04 -3.00 -22.61
CA PRO A 732 -29.26 -2.95 -23.45
C PRO A 732 -30.48 -2.71 -22.57
N GLY A 733 -31.43 -1.93 -23.06
CA GLY A 733 -32.71 -1.68 -22.36
C GLY A 733 -33.48 -0.56 -23.04
N ASP A 734 -34.61 -0.16 -22.46
CA ASP A 734 -35.35 1.04 -22.92
C ASP A 734 -34.75 2.27 -22.22
N ASN A 735 -34.58 3.39 -22.92
CA ASN A 735 -34.09 4.62 -22.27
C ASN A 735 -32.76 4.37 -21.52
N GLN A 736 -31.82 3.69 -22.17
CA GLN A 736 -30.54 3.37 -21.55
C GLN A 736 -29.52 4.33 -22.14
N PRO A 737 -28.48 4.70 -21.37
CA PRO A 737 -27.45 5.58 -21.91
C PRO A 737 -26.78 4.90 -23.09
N VAL A 738 -26.40 5.67 -24.08
CA VAL A 738 -25.54 5.16 -25.16
C VAL A 738 -24.37 4.36 -24.58
N ARG A 739 -23.63 4.95 -23.63
CA ARG A 739 -22.60 4.20 -22.89
C ARG A 739 -22.30 4.75 -21.49
N GLN A 740 -21.74 3.89 -20.65
CA GLN A 740 -21.54 4.15 -19.22
C GLN A 740 -20.17 3.69 -18.87
N LEU A 741 -19.39 4.57 -18.23
CA LEU A 741 -18.05 4.22 -17.80
C LEU A 741 -18.13 3.08 -16.79
N ARG A 742 -17.33 2.07 -17.04
CA ARG A 742 -17.26 0.93 -16.17
C ARG A 742 -15.85 0.46 -15.96
N GLY A 743 -14.87 1.24 -16.43
CA GLY A 743 -13.47 0.89 -16.14
C GLY A 743 -12.53 1.99 -16.48
N PHE A 744 -11.43 2.07 -15.73
CA PHE A 744 -10.27 2.93 -16.05
C PHE A 744 -9.00 2.33 -15.48
N ASP A 745 -7.92 2.47 -16.23
CA ASP A 745 -6.59 1.99 -15.81
C ASP A 745 -5.54 2.93 -16.37
N LYS A 746 -4.56 3.31 -15.55
CA LYS A 746 -3.52 4.27 -15.94
C LYS A 746 -2.15 3.58 -16.05
N ILE A 747 -1.61 3.51 -17.27
CA ILE A 747 -0.23 3.04 -17.49
C ILE A 747 0.73 4.18 -17.26
N LYS A 748 1.75 3.94 -16.41
CA LYS A 748 2.72 5.00 -16.07
C LYS A 748 3.95 4.96 -16.98
N ASP A 749 4.28 6.08 -17.64
CA ASP A 749 5.59 6.34 -18.23
C ASP A 749 5.93 5.25 -19.27
N LEU A 750 5.05 5.12 -20.25
CA LEU A 750 5.19 4.12 -21.30
C LEU A 750 6.27 4.66 -22.26
N PRO A 751 7.44 3.99 -22.34
CA PRO A 751 8.44 4.44 -23.31
C PRO A 751 7.98 4.34 -24.79
N VAL A 752 8.69 5.08 -25.63
CA VAL A 752 8.39 5.19 -27.06
C VAL A 752 8.44 3.80 -27.69
N GLY A 753 7.38 3.43 -28.42
CA GLY A 753 7.28 2.12 -29.06
C GLY A 753 6.98 0.93 -28.14
N ASP A 754 6.91 1.14 -26.82
CA ASP A 754 6.57 0.02 -25.94
C ASP A 754 5.03 -0.11 -25.85
N SER A 755 4.60 -1.30 -25.44
CA SER A 755 3.25 -1.68 -25.22
C SER A 755 2.99 -2.10 -23.78
N ALA A 756 1.76 -1.94 -23.33
CA ALA A 756 1.36 -2.54 -22.06
C ALA A 756 -0.09 -2.91 -22.08
N VAL A 757 -0.46 -3.86 -21.23
CA VAL A 757 -1.79 -4.26 -21.11
C VAL A 757 -2.54 -3.48 -20.03
N VAL A 758 -3.75 -3.03 -20.36
CA VAL A 758 -4.69 -2.45 -19.41
C VAL A 758 -5.72 -3.52 -19.12
N THR A 759 -6.22 -3.51 -17.89
CA THR A 759 -7.07 -4.59 -17.35
C THR A 759 -8.27 -3.95 -16.64
N PHE A 760 -9.47 -4.42 -16.98
CA PHE A 760 -10.74 -3.98 -16.37
C PHE A 760 -11.60 -5.10 -15.74
N PRO A 761 -11.56 -5.25 -14.41
CA PRO A 761 -12.54 -6.20 -13.81
C PRO A 761 -13.99 -5.66 -13.91
N ILE A 762 -14.91 -6.51 -14.36
CA ILE A 762 -16.30 -6.10 -14.49
C ILE A 762 -17.15 -6.83 -13.43
N ARG A 763 -17.85 -6.11 -12.55
CA ARG A 763 -18.64 -6.75 -11.49
C ARG A 763 -20.01 -7.04 -12.00
N ARG A 764 -20.73 -7.85 -11.26
CA ARG A 764 -22.10 -8.12 -11.61
C ARG A 764 -22.84 -6.81 -11.73
N LYS A 765 -22.71 -5.95 -10.69
CA LYS A 765 -23.49 -4.70 -10.62
C LYS A 765 -23.28 -3.81 -11.81
N ASP A 766 -22.07 -3.89 -12.36
CA ASP A 766 -21.63 -3.13 -13.51
C ASP A 766 -22.35 -3.45 -14.79
N VAL A 767 -23.00 -4.60 -14.85
CA VAL A 767 -23.79 -4.92 -16.01
C VAL A 767 -25.25 -5.02 -15.67
N SER A 768 -25.59 -4.57 -14.49
CA SER A 768 -26.94 -4.69 -14.06
C SER A 768 -27.77 -3.48 -14.40
N SER A 769 -29.08 -3.69 -14.26
CA SER A 769 -30.09 -2.63 -14.18
C SER A 769 -30.95 -2.89 -12.93
N TRP A 770 -31.58 -1.83 -12.43
CA TRP A 770 -32.50 -1.95 -11.33
C TRP A 770 -33.94 -2.09 -11.84
N SER A 771 -34.63 -3.13 -11.40
CA SER A 771 -36.05 -3.33 -11.74
C SER A 771 -36.91 -2.58 -10.72
N VAL A 772 -37.55 -1.52 -11.18
CA VAL A 772 -38.52 -0.83 -10.33
C VAL A 772 -39.73 -1.73 -9.99
N VAL A 773 -40.21 -2.48 -10.96
CA VAL A 773 -41.35 -3.45 -10.75
C VAL A 773 -40.96 -4.47 -9.65
N ASP A 774 -39.80 -5.11 -9.80
CA ASP A 774 -39.36 -6.14 -8.88
C ASP A 774 -38.60 -5.65 -7.66
N GLN A 775 -38.01 -4.44 -7.72
CA GLN A 775 -37.19 -3.92 -6.63
C GLN A 775 -35.98 -4.80 -6.45
N LEU A 776 -35.26 -5.00 -7.54
CA LEU A 776 -33.93 -5.67 -7.46
C LEU A 776 -33.05 -5.40 -8.65
N TRP A 777 -31.77 -5.72 -8.52
CA TRP A 777 -30.81 -5.54 -9.61
C TRP A 777 -30.87 -6.77 -10.46
N TYR A 778 -30.84 -6.62 -11.77
CA TYR A 778 -30.84 -7.77 -12.66
C TYR A 778 -29.89 -7.49 -13.79
N VAL A 779 -29.32 -8.53 -14.39
CA VAL A 779 -28.54 -8.40 -15.61
C VAL A 779 -29.47 -8.62 -16.80
N PRO A 780 -29.81 -7.57 -17.55
CA PRO A 780 -30.73 -7.78 -18.70
C PRO A 780 -30.15 -8.64 -19.81
N ASN A 781 -31.01 -9.40 -20.48
CA ASN A 781 -30.61 -10.22 -21.60
C ASN A 781 -30.53 -9.29 -22.77
N GLY A 782 -29.64 -9.59 -23.68
CA GLY A 782 -29.41 -8.73 -24.82
C GLY A 782 -27.95 -8.56 -25.09
N ASP A 783 -27.67 -7.78 -26.13
CA ASP A 783 -26.33 -7.48 -26.58
C ASP A 783 -25.80 -6.31 -25.77
N PHE A 784 -24.65 -6.51 -25.13
CA PHE A 784 -23.89 -5.44 -24.46
C PHE A 784 -22.74 -5.02 -25.33
N LEU A 785 -22.61 -3.72 -25.61
CA LEU A 785 -21.43 -3.20 -26.29
C LEU A 785 -20.34 -2.82 -25.26
N ILE A 786 -19.13 -3.30 -25.48
CA ILE A 786 -17.97 -2.95 -24.68
C ILE A 786 -17.00 -2.17 -25.52
N SER A 787 -16.76 -0.93 -25.09
CA SER A 787 -15.82 -0.02 -25.75
C SER A 787 -14.60 0.33 -24.87
N VAL A 788 -13.42 0.42 -25.50
CA VAL A 788 -12.20 0.86 -24.80
C VAL A 788 -11.50 1.92 -25.63
N GLY A 789 -10.91 2.87 -24.93
CA GLY A 789 -10.09 3.87 -25.59
C GLY A 789 -9.71 5.00 -24.66
N GLY A 790 -9.31 6.14 -25.24
CA GLY A 790 -8.65 7.23 -24.51
C GLY A 790 -9.58 8.35 -24.01
N SER A 791 -10.84 8.35 -24.43
CA SER A 791 -11.85 9.26 -23.90
C SER A 791 -13.22 8.66 -24.15
N SER A 792 -14.27 9.33 -23.65
CA SER A 792 -15.63 8.93 -23.86
C SER A 792 -16.03 9.02 -25.31
N ARG A 793 -15.33 9.81 -26.13
CA ARG A 793 -15.56 9.87 -27.58
C ARG A 793 -14.41 9.44 -28.48
N ASP A 794 -13.46 8.70 -27.94
CA ASP A 794 -12.35 8.27 -28.74
C ASP A 794 -12.18 6.87 -28.25
N LEU A 795 -12.90 5.96 -28.91
CA LEU A 795 -13.05 4.56 -28.49
C LEU A 795 -12.76 3.66 -29.69
N PRO A 796 -11.48 3.52 -30.07
CA PRO A 796 -11.15 2.72 -31.28
C PRO A 796 -11.50 1.22 -31.24
N LEU A 797 -11.60 0.65 -30.04
CA LEU A 797 -11.89 -0.77 -29.85
C LEU A 797 -13.28 -0.97 -29.29
N ASN A 798 -13.98 -1.96 -29.85
CA ASN A 798 -15.26 -2.45 -29.30
C ASN A 798 -15.57 -3.91 -29.61
N THR A 799 -16.49 -4.47 -28.86
CA THR A 799 -16.87 -5.88 -28.99
C THR A 799 -18.20 -6.04 -28.28
N THR A 800 -18.89 -7.14 -28.58
CA THR A 800 -20.19 -7.49 -27.99
C THR A 800 -19.99 -8.59 -26.90
N TRP A 801 -20.78 -8.51 -25.85
CA TRP A 801 -20.82 -9.52 -24.80
C TRP A 801 -22.29 -9.80 -24.55
N THR A 802 -22.68 -11.08 -24.52
CA THR A 802 -24.05 -11.55 -24.14
C THR A 802 -23.87 -12.49 -22.91
N PRO A 803 -24.73 -12.36 -21.88
CA PRO A 803 -24.54 -13.17 -20.64
C PRO A 803 -24.46 -14.71 -20.83
N GLN B 48 0.40 -45.58 1.36
CA GLN B 48 -0.35 -45.01 2.52
C GLN B 48 -1.01 -43.64 2.25
N TRP B 49 -0.20 -42.58 2.14
CA TRP B 49 -0.70 -41.20 2.07
C TRP B 49 -1.07 -40.79 0.65
N PRO B 50 -2.38 -40.72 0.34
CA PRO B 50 -2.74 -40.41 -1.03
C PRO B 50 -2.68 -38.88 -1.30
N ALA B 51 -2.17 -38.52 -2.48
CA ALA B 51 -2.13 -37.12 -2.88
C ALA B 51 -3.56 -36.68 -3.17
N PRO B 52 -4.06 -35.64 -2.49
CA PRO B 52 -5.35 -35.13 -2.87
C PRO B 52 -5.26 -34.23 -4.13
N LEU B 53 -6.32 -34.22 -4.90
CA LEU B 53 -6.37 -33.43 -6.13
C LEU B 53 -6.57 -31.96 -5.78
N ALA B 54 -6.02 -31.11 -6.61
CA ALA B 54 -6.16 -29.67 -6.50
C ALA B 54 -7.55 -29.29 -6.91
N ASN B 55 -8.12 -28.33 -6.20
CA ASN B 55 -9.44 -27.78 -6.49
C ASN B 55 -9.42 -26.23 -6.59
N GLY B 56 -8.21 -25.65 -6.61
CA GLY B 56 -8.06 -24.24 -6.70
C GLY B 56 -8.32 -23.51 -5.41
N GLY B 57 -8.82 -24.19 -4.35
CA GLY B 57 -9.15 -23.57 -3.01
C GLY B 57 -9.76 -22.16 -3.06
N LYS B 58 -9.23 -21.20 -2.31
CA LYS B 58 -9.97 -19.92 -2.17
C LYS B 58 -9.78 -18.97 -3.38
N SER B 59 -8.63 -18.32 -3.53
CA SER B 59 -8.52 -17.26 -4.59
C SER B 59 -8.29 -17.76 -6.02
N TRP B 60 -8.03 -19.04 -6.17
CA TRP B 60 -7.64 -19.53 -7.47
C TRP B 60 -8.72 -20.34 -8.19
N ALA B 61 -10.00 -20.14 -7.86
CA ALA B 61 -11.09 -20.98 -8.39
C ALA B 61 -11.14 -20.91 -9.90
N SER B 62 -11.19 -19.70 -10.45
CA SER B 62 -11.37 -19.52 -11.87
C SER B 62 -10.15 -19.99 -12.67
N ALA B 63 -8.97 -19.79 -12.08
CA ALA B 63 -7.74 -20.15 -12.70
C ALA B 63 -7.60 -21.67 -12.71
N PHE B 64 -7.87 -22.31 -11.60
CA PHE B 64 -7.99 -23.79 -11.59
C PHE B 64 -8.86 -24.32 -12.74
N LYS B 65 -10.03 -23.70 -12.92
CA LYS B 65 -10.96 -24.15 -13.93
C LYS B 65 -10.27 -24.07 -15.29
N LYS B 66 -9.67 -22.91 -15.58
CA LYS B 66 -8.92 -22.74 -16.82
C LYS B 66 -7.76 -23.72 -16.90
N ALA B 67 -7.04 -23.99 -15.79
CA ALA B 67 -5.99 -25.00 -15.81
C ALA B 67 -6.51 -26.46 -16.09
N LYS B 68 -7.58 -26.91 -15.39
CA LYS B 68 -8.20 -28.21 -15.68
C LYS B 68 -8.62 -28.36 -17.15
N ALA B 69 -9.29 -27.35 -17.71
CA ALA B 69 -9.69 -27.36 -19.14
C ALA B 69 -8.49 -27.62 -20.06
N THR B 70 -7.42 -26.84 -19.86
CA THR B 70 -6.24 -26.98 -20.72
C THR B 70 -5.54 -28.32 -20.50
N VAL B 71 -5.42 -28.74 -19.26
CA VAL B 71 -4.78 -30.01 -18.98
C VAL B 71 -5.62 -31.20 -19.56
N THR B 72 -6.94 -31.04 -19.65
CA THR B 72 -7.79 -32.13 -20.16
C THR B 72 -7.48 -32.37 -21.62
N GLU B 73 -7.20 -31.32 -22.38
CA GLU B 73 -6.70 -31.44 -23.77
C GLU B 73 -5.34 -32.09 -23.97
N MET B 74 -4.52 -32.19 -22.95
CA MET B 74 -3.12 -32.44 -23.19
C MET B 74 -2.88 -33.93 -23.40
N THR B 75 -1.94 -34.25 -24.31
CA THR B 75 -1.42 -35.63 -24.46
C THR B 75 -0.44 -35.98 -23.32
N VAL B 76 -0.18 -37.28 -23.18
CA VAL B 76 0.81 -37.78 -22.24
C VAL B 76 2.18 -37.19 -22.51
N GLU B 77 2.51 -37.03 -23.81
CA GLU B 77 3.76 -36.39 -24.25
C GLU B 77 3.85 -34.95 -23.64
N GLU B 78 2.78 -34.20 -23.89
CA GLU B 78 2.59 -32.83 -23.41
C GLU B 78 2.58 -32.72 -21.87
N LEU B 79 2.00 -33.70 -21.21
CA LEU B 79 2.10 -33.77 -19.78
C LEU B 79 3.53 -33.94 -19.26
N ALA B 80 4.37 -34.74 -19.93
CA ALA B 80 5.72 -35.00 -19.45
C ALA B 80 6.63 -33.84 -19.77
N ASN B 81 6.24 -33.05 -20.77
CA ASN B 81 6.99 -31.89 -21.19
C ASN B 81 6.89 -30.74 -20.17
N ILE B 82 5.66 -30.48 -19.71
CA ILE B 82 5.41 -29.36 -18.87
C ILE B 82 5.93 -29.64 -17.49
N THR B 83 5.83 -30.91 -17.07
CA THR B 83 6.36 -31.30 -15.75
C THR B 83 7.85 -31.55 -15.61
N SER B 84 8.65 -31.26 -16.63
CA SER B 84 10.10 -31.47 -16.49
C SER B 84 10.87 -30.38 -17.23
N GLY B 85 12.05 -30.08 -16.73
CA GLY B 85 12.82 -28.97 -17.29
C GLY B 85 13.51 -29.18 -18.64
N VAL B 86 13.50 -28.09 -19.41
CA VAL B 86 14.19 -28.01 -20.69
C VAL B 86 15.32 -26.98 -20.64
N ILE B 87 16.14 -27.01 -21.69
CA ILE B 87 17.32 -26.19 -21.80
C ILE B 87 16.82 -24.79 -22.14
N GLY B 88 17.29 -23.80 -21.40
CA GLY B 88 16.97 -22.40 -21.74
C GLY B 88 17.87 -21.42 -20.99
N LEU B 89 17.57 -20.13 -21.16
CA LEU B 89 18.37 -19.06 -20.53
C LEU B 89 18.23 -18.92 -19.00
N CYS B 90 17.09 -19.37 -18.42
CA CYS B 90 16.86 -19.24 -16.97
C CYS B 90 17.32 -20.43 -16.14
N SER B 91 17.41 -20.20 -14.83
CA SER B 91 17.79 -21.23 -13.89
C SER B 91 17.04 -22.55 -14.22
N GLY B 92 15.77 -22.41 -14.61
CA GLY B 92 14.92 -23.54 -14.94
C GLY B 92 13.95 -23.12 -16.00
N VAL B 93 13.56 -24.04 -16.87
CA VAL B 93 12.58 -23.74 -17.92
C VAL B 93 11.66 -24.97 -18.12
N THR B 94 10.35 -24.78 -17.99
CA THR B 94 9.39 -25.83 -18.25
C THR B 94 9.25 -25.95 -19.78
N GLY B 95 8.96 -27.16 -20.26
CA GLY B 95 8.68 -27.40 -21.68
C GLY B 95 7.38 -26.72 -22.06
N ALA B 96 7.34 -26.23 -23.29
CA ALA B 96 6.12 -25.68 -23.86
C ALA B 96 5.10 -26.79 -24.10
N VAL B 97 3.83 -26.40 -24.21
CA VAL B 97 2.81 -27.26 -24.76
C VAL B 97 2.43 -26.53 -26.03
N THR B 98 3.22 -26.76 -27.08
CA THR B 98 3.18 -25.84 -28.22
C THR B 98 1.87 -25.92 -29.01
N ARG B 99 1.25 -27.09 -29.07
CA ARG B 99 -0.03 -27.29 -29.77
C ARG B 99 -1.16 -26.42 -29.16
N LEU B 100 -1.17 -26.34 -27.84
CA LEU B 100 -2.14 -25.51 -27.10
C LEU B 100 -1.69 -24.04 -26.82
N GLY B 101 -0.60 -23.58 -27.41
CA GLY B 101 -0.13 -22.20 -27.11
C GLY B 101 0.32 -21.91 -25.68
N ILE B 102 0.80 -22.92 -24.95
CA ILE B 102 1.33 -22.77 -23.59
C ILE B 102 2.84 -22.66 -23.76
N PRO B 103 3.41 -21.48 -23.46
CA PRO B 103 4.82 -21.30 -23.73
C PRO B 103 5.66 -21.88 -22.58
N GLU B 104 6.97 -21.87 -22.78
CA GLU B 104 7.95 -22.29 -21.79
C GLU B 104 7.82 -21.32 -20.64
N PHE B 105 7.92 -21.79 -19.42
CA PHE B 105 7.99 -20.86 -18.26
C PHE B 105 9.41 -20.70 -17.73
N CYS B 106 9.80 -19.47 -17.48
CA CYS B 106 11.16 -19.15 -16.99
C CYS B 106 11.13 -19.11 -15.44
N LEU B 107 11.81 -20.09 -14.83
CA LEU B 107 12.05 -20.16 -13.39
C LEU B 107 13.38 -19.52 -13.12
N GLN B 108 13.42 -18.58 -12.20
CA GLN B 108 14.68 -17.78 -12.00
C GLN B 108 14.98 -17.45 -10.55
N ASP B 109 16.23 -17.73 -10.15
CA ASP B 109 16.78 -17.30 -8.88
C ASP B 109 16.67 -15.75 -8.83
N GLY B 110 16.48 -15.14 -7.66
CA GLY B 110 16.67 -15.75 -6.38
C GLY B 110 16.08 -14.82 -5.33
N PRO B 111 16.35 -15.11 -4.05
CA PRO B 111 15.60 -14.36 -3.01
C PRO B 111 15.97 -12.88 -2.71
N ILE B 112 16.97 -12.33 -3.38
CA ILE B 112 17.15 -10.91 -3.45
C ILE B 112 16.75 -10.26 -4.81
N GLY B 113 16.12 -10.99 -5.73
CA GLY B 113 15.85 -10.44 -7.07
C GLY B 113 16.50 -11.29 -8.14
N PRO B 114 16.20 -11.03 -9.41
CA PRO B 114 16.65 -11.94 -10.44
C PRO B 114 18.17 -11.97 -10.53
N ARG B 115 18.72 -13.17 -10.52
CA ARG B 115 20.15 -13.43 -10.52
C ARG B 115 20.73 -13.58 -11.94
N GLY B 116 21.97 -13.11 -12.12
CA GLY B 116 22.70 -13.21 -13.37
C GLY B 116 22.22 -12.33 -14.50
N VAL B 117 21.48 -11.28 -14.17
CA VAL B 117 20.98 -10.32 -15.17
C VAL B 117 21.60 -8.96 -14.95
N HIS B 118 21.83 -8.22 -16.02
CA HIS B 118 22.27 -6.83 -15.95
C HIS B 118 21.00 -5.98 -16.06
N GLY B 119 21.16 -4.69 -15.85
CA GLY B 119 20.03 -3.83 -15.86
C GLY B 119 19.09 -3.91 -14.68
N SER B 120 19.49 -4.55 -13.59
CA SER B 120 18.67 -4.69 -12.39
C SER B 120 19.36 -4.10 -11.16
N SER B 121 18.70 -4.16 -9.99
CA SER B 121 19.18 -3.62 -8.77
C SER B 121 19.61 -4.73 -7.82
N GLN B 122 20.61 -4.45 -6.96
CA GLN B 122 21.02 -5.41 -5.93
C GLN B 122 20.29 -5.09 -4.59
N PHE B 123 19.24 -5.82 -4.27
CA PHE B 123 18.49 -5.54 -3.08
C PHE B 123 19.23 -6.13 -1.91
N PRO B 124 18.96 -5.59 -0.73
CA PRO B 124 19.36 -6.26 0.45
C PRO B 124 18.77 -7.64 0.65
N ALA B 125 19.56 -8.43 1.38
CA ALA B 125 19.17 -9.79 1.70
C ALA B 125 18.02 -9.86 2.69
N GLY B 126 17.43 -11.02 2.75
CA GLY B 126 16.31 -11.25 3.70
C GLY B 126 16.70 -10.97 5.11
N LEU B 127 17.94 -11.33 5.47
CA LEU B 127 18.50 -11.04 6.78
C LEU B 127 18.39 -9.55 7.17
N THR B 128 18.77 -8.69 6.23
CA THR B 128 18.73 -7.29 6.39
C THR B 128 17.31 -6.76 6.52
N VAL B 129 16.35 -7.19 5.68
CA VAL B 129 14.96 -6.68 5.85
C VAL B 129 14.42 -7.03 7.20
N ALA B 130 14.76 -8.24 7.66
CA ALA B 130 14.26 -8.78 8.92
C ALA B 130 14.73 -7.90 10.06
N ALA B 131 15.98 -7.46 9.95
CA ALA B 131 16.56 -6.60 10.98
C ALA B 131 15.89 -5.25 11.08
N THR B 132 15.03 -4.90 10.12
CA THR B 132 14.26 -3.63 10.14
C THR B 132 13.06 -3.72 11.07
N TRP B 133 12.57 -4.93 11.24
CA TRP B 133 11.33 -5.20 11.96
C TRP B 133 10.19 -4.36 11.46
N ASP B 134 10.18 -4.08 10.15
CA ASP B 134 9.25 -3.12 9.54
C ASP B 134 8.52 -3.84 8.39
N ARG B 135 7.25 -4.10 8.64
CA ARG B 135 6.39 -4.84 7.71
C ARG B 135 6.24 -4.14 6.37
N THR B 136 6.10 -2.82 6.39
CA THR B 136 5.98 -2.03 5.14
C THR B 136 7.23 -2.18 4.27
N LEU B 137 8.39 -2.30 4.87
CA LEU B 137 9.64 -2.52 4.10
C LEU B 137 9.79 -3.95 3.58
N MET B 138 9.54 -4.93 4.42
CA MET B 138 9.33 -6.33 3.95
C MET B 138 8.46 -6.39 2.67
N TYR B 139 7.26 -5.80 2.72
CA TYR B 139 6.38 -5.82 1.56
C TYR B 139 7.03 -5.02 0.37
N ALA B 140 7.42 -3.75 0.59
CA ALA B 140 7.89 -2.88 -0.51
C ALA B 140 9.10 -3.50 -1.21
N ARG B 141 9.94 -4.16 -0.43
CA ARG B 141 11.10 -4.85 -0.97
C ARG B 141 10.73 -5.94 -2.03
N ALA B 142 9.90 -6.86 -1.58
CA ALA B 142 9.48 -7.96 -2.42
C ALA B 142 8.71 -7.46 -3.61
N ARG B 143 7.86 -6.43 -3.44
CA ARG B 143 7.12 -5.81 -4.58
C ARG B 143 8.09 -5.17 -5.54
N GLY B 144 9.20 -4.61 -5.04
CA GLY B 144 10.24 -4.11 -5.92
C GLY B 144 10.95 -5.20 -6.73
N MET B 145 11.42 -6.22 -6.01
CA MET B 145 12.06 -7.42 -6.64
C MET B 145 11.02 -8.04 -7.60
N GLY B 146 9.80 -8.10 -7.14
CA GLY B 146 8.69 -8.46 -8.03
C GLY B 146 8.67 -7.78 -9.37
N GLN B 147 8.50 -6.47 -9.35
CA GLN B 147 8.70 -5.62 -10.54
C GLN B 147 9.93 -5.93 -11.38
N GLU B 148 11.06 -6.11 -10.76
CA GLU B 148 12.26 -6.36 -11.62
C GLU B 148 12.19 -7.75 -12.21
N PHE B 149 11.61 -8.72 -11.44
CA PHE B 149 11.41 -10.06 -11.97
C PHE B 149 10.47 -10.07 -13.20
N HIS B 150 9.28 -9.50 -13.03
CA HIS B 150 8.33 -9.40 -14.10
C HIS B 150 9.00 -8.78 -15.33
N ASP B 151 9.63 -7.62 -15.20
CA ASP B 151 10.14 -6.90 -16.37
C ASP B 151 11.33 -7.61 -17.06
N GLN B 152 11.99 -8.55 -16.39
CA GLN B 152 13.06 -9.31 -17.05
C GLN B 152 12.55 -10.58 -17.78
N GLY B 153 11.29 -10.94 -17.55
CA GLY B 153 10.62 -12.04 -18.27
C GLY B 153 10.54 -13.28 -17.43
N VAL B 154 10.67 -13.17 -16.13
CA VAL B 154 10.65 -14.32 -15.25
C VAL B 154 9.21 -14.67 -14.95
N HIS B 155 8.87 -15.95 -15.20
CA HIS B 155 7.54 -16.44 -14.92
C HIS B 155 7.36 -16.79 -13.42
N LEU B 156 8.32 -17.56 -12.89
CA LEU B 156 8.32 -18.05 -11.53
C LEU B 156 9.64 -17.64 -10.93
N ALA B 157 9.57 -16.91 -9.83
CA ALA B 157 10.73 -16.53 -9.06
C ALA B 157 11.11 -17.64 -8.09
N LEU B 158 12.38 -17.92 -7.91
CA LEU B 158 12.75 -18.99 -6.99
C LEU B 158 13.05 -18.33 -5.64
N ALA B 159 11.96 -17.89 -5.03
CA ALA B 159 11.95 -17.04 -3.85
C ALA B 159 10.53 -16.96 -3.34
N PRO B 160 10.30 -16.62 -2.08
CA PRO B 160 11.29 -16.26 -1.12
C PRO B 160 11.70 -17.47 -0.33
N VAL B 161 12.68 -17.34 0.56
CA VAL B 161 13.04 -18.43 1.50
C VAL B 161 12.16 -18.18 2.70
N THR B 162 11.30 -19.14 3.02
CA THR B 162 10.30 -19.01 4.06
C THR B 162 10.40 -20.14 5.11
N GLY B 163 11.55 -20.20 5.77
CA GLY B 163 11.77 -21.11 6.89
C GLY B 163 12.58 -22.39 6.64
N GLY B 164 13.18 -22.49 5.45
CA GLY B 164 14.22 -23.49 5.17
C GLY B 164 15.44 -22.90 4.44
N PRO B 165 16.54 -22.57 5.11
CA PRO B 165 16.77 -22.76 6.54
C PRO B 165 16.13 -21.67 7.41
N LEU B 166 15.73 -22.04 8.60
CA LEU B 166 15.04 -21.18 9.51
C LEU B 166 16.05 -20.65 10.48
N GLY B 167 16.85 -21.56 11.04
CA GLY B 167 17.99 -21.14 11.82
C GLY B 167 18.33 -22.03 12.99
N ARG B 168 18.46 -23.32 12.77
CA ARG B 168 18.75 -24.23 13.91
C ARG B 168 20.22 -24.09 14.26
N THR B 169 21.01 -23.76 13.24
CA THR B 169 22.43 -23.46 13.50
C THR B 169 22.77 -22.04 13.01
N PRO B 170 23.55 -21.33 13.79
CA PRO B 170 23.97 -20.02 13.34
C PRO B 170 25.13 -20.08 12.34
N LEU B 171 25.71 -21.24 12.07
CA LEU B 171 26.77 -21.34 11.07
C LEU B 171 26.28 -21.65 9.65
N ASN B 172 24.97 -21.64 9.43
CA ASN B 172 24.43 -22.07 8.17
C ASN B 172 24.89 -21.09 7.08
N GLY B 173 25.45 -21.66 6.00
CA GLY B 173 26.08 -20.86 4.98
C GLY B 173 25.13 -19.99 4.20
N ARG B 174 23.86 -20.35 4.18
CA ARG B 174 22.88 -19.55 3.51
C ARG B 174 21.74 -19.07 4.37
N GLY B 175 21.90 -18.98 5.70
CA GLY B 175 20.77 -18.51 6.57
C GLY B 175 20.40 -17.03 6.30
N TRP B 176 21.40 -16.29 5.80
CA TRP B 176 21.18 -14.95 5.34
C TRP B 176 20.08 -14.78 4.30
N GLU B 177 19.70 -15.84 3.62
CA GLU B 177 18.68 -15.77 2.57
C GLU B 177 17.31 -15.64 3.18
N GLY B 178 17.17 -16.30 4.33
CA GLY B 178 16.00 -16.22 5.17
C GLY B 178 15.92 -14.90 5.90
N THR B 179 15.28 -14.93 7.05
CA THR B 179 14.98 -13.70 7.76
C THR B 179 15.32 -13.82 9.22
N PHE B 180 14.36 -14.25 10.00
CA PHE B 180 14.52 -14.37 11.43
C PHE B 180 14.67 -15.82 11.81
N ALA B 181 15.46 -16.09 12.84
CA ALA B 181 15.56 -17.44 13.41
C ALA B 181 14.41 -17.64 14.40
N ASP B 182 13.18 -17.56 13.91
CA ASP B 182 12.00 -17.51 14.83
C ASP B 182 10.77 -17.68 14.04
N PRO B 183 9.95 -18.69 14.41
CA PRO B 183 8.84 -19.05 13.52
C PRO B 183 7.82 -17.92 13.30
N TYR B 184 7.42 -17.21 14.36
CA TYR B 184 6.42 -16.16 14.22
C TYR B 184 6.88 -15.12 13.20
N ALA B 185 8.06 -14.54 13.49
CA ALA B 185 8.59 -13.40 12.68
C ALA B 185 9.08 -13.81 11.27
N CYS B 186 9.71 -14.98 11.13
CA CYS B 186 9.99 -15.52 9.79
C CYS B 186 8.68 -15.73 9.08
N GLY B 187 7.66 -16.12 9.83
CA GLY B 187 6.31 -16.26 9.28
C GLY B 187 5.69 -14.97 8.72
N GLU B 188 5.65 -13.91 9.55
CA GLU B 188 5.08 -12.64 9.08
C GLU B 188 5.77 -12.12 7.87
N ALA B 189 7.10 -12.22 7.90
CA ALA B 189 8.01 -11.84 6.83
C ALA B 189 7.79 -12.67 5.58
N SER B 190 7.60 -13.95 5.75
CA SER B 190 7.22 -14.87 4.66
C SER B 190 5.94 -14.48 3.93
N TYR B 191 4.94 -14.15 4.72
CA TYR B 191 3.63 -13.81 4.16
C TYR B 191 3.81 -12.58 3.22
N LEU B 192 4.44 -11.57 3.77
CA LEU B 192 4.69 -10.28 3.06
C LEU B 192 5.59 -10.43 1.85
N SER B 193 6.60 -11.29 1.99
CA SER B 193 7.50 -11.52 0.83
C SER B 193 6.75 -12.08 -0.33
N VAL B 194 5.94 -13.08 -0.07
CA VAL B 194 5.17 -13.75 -1.09
C VAL B 194 4.18 -12.79 -1.69
N LYS B 195 3.44 -12.09 -0.83
CA LYS B 195 2.44 -11.13 -1.29
C LYS B 195 3.08 -10.06 -2.18
N GLY B 196 4.21 -9.54 -1.76
CA GLY B 196 4.93 -8.60 -2.64
C GLY B 196 5.24 -9.13 -4.02
N LEU B 197 5.74 -10.38 -4.10
CA LEU B 197 6.11 -10.95 -5.39
C LEU B 197 4.92 -11.20 -6.28
N THR B 198 3.84 -11.73 -5.72
CA THR B 198 2.70 -12.08 -6.58
C THR B 198 1.92 -10.87 -6.99
N ASP B 199 1.83 -9.86 -6.11
CA ASP B 199 1.26 -8.54 -6.49
C ASP B 199 2.00 -7.93 -7.68
N ALA B 200 3.28 -8.22 -7.87
CA ALA B 200 3.99 -7.76 -9.07
C ALA B 200 3.68 -8.54 -10.30
N GLY B 201 2.97 -9.65 -10.16
CA GLY B 201 2.65 -10.53 -11.26
C GLY B 201 3.66 -11.62 -11.53
N VAL B 202 4.58 -11.87 -10.61
N VAL B 202 4.55 -11.85 -10.55
CA VAL B 202 5.48 -12.99 -10.72
CA VAL B 202 5.54 -12.93 -10.54
C VAL B 202 5.09 -14.07 -9.72
C VAL B 202 5.05 -14.08 -9.67
N ALA B 203 5.08 -15.31 -10.21
CA ALA B 203 4.70 -16.49 -9.39
C ALA B 203 5.85 -16.87 -8.49
N THR B 204 5.56 -17.44 -7.32
CA THR B 204 6.57 -17.63 -6.31
C THR B 204 6.78 -19.11 -6.03
N VAL B 205 8.02 -19.45 -5.70
CA VAL B 205 8.37 -20.80 -5.39
C VAL B 205 9.07 -20.66 -4.08
N SER B 206 8.28 -20.75 -3.02
CA SER B 206 8.75 -20.53 -1.68
C SER B 206 9.58 -21.73 -1.29
N LYS B 207 10.74 -21.45 -0.70
CA LYS B 207 11.74 -22.50 -0.44
C LYS B 207 12.33 -22.48 0.99
N HIS B 208 12.88 -23.56 1.53
CA HIS B 208 12.91 -24.94 1.03
C HIS B 208 12.14 -25.89 1.99
N TRP B 209 11.15 -26.58 1.48
CA TRP B 209 10.39 -27.51 2.30
C TRP B 209 11.17 -28.83 2.39
N ILE B 210 11.70 -29.25 3.52
CA ILE B 210 11.47 -28.71 4.86
C ILE B 210 12.54 -29.27 5.80
N ALA B 211 12.82 -28.56 6.88
CA ALA B 211 13.89 -28.95 7.85
C ALA B 211 15.29 -29.00 7.18
N TYR B 212 15.46 -28.08 6.21
CA TYR B 212 16.69 -27.89 5.46
C TYR B 212 17.55 -26.95 6.31
N GLU B 213 18.29 -27.52 7.27
CA GLU B 213 18.98 -26.75 8.31
C GLU B 213 20.52 -26.86 8.30
N GLN B 214 21.10 -27.43 7.26
CA GLN B 214 22.55 -27.39 7.05
C GLN B 214 22.87 -27.68 5.58
N GLU B 215 23.86 -26.95 5.09
CA GLU B 215 24.48 -27.14 3.77
C GLU B 215 25.38 -28.35 3.67
N THR B 216 26.10 -28.65 4.77
CA THR B 216 27.01 -29.77 4.81
C THR B 216 26.23 -31.11 4.59
N SER B 217 26.74 -31.90 3.64
CA SER B 217 26.14 -33.19 3.25
C SER B 217 24.74 -33.01 2.68
N ARG B 218 24.43 -31.82 2.18
CA ARG B 218 23.10 -31.63 1.59
C ARG B 218 23.01 -32.58 0.36
N ASN B 219 24.18 -32.78 -0.29
CA ASN B 219 24.38 -33.90 -1.23
C ASN B 219 23.26 -33.97 -2.24
N LEU B 220 23.17 -32.92 -3.03
CA LEU B 220 22.22 -32.91 -4.12
C LEU B 220 22.58 -34.09 -5.02
N TYR B 221 21.61 -34.60 -5.79
CA TYR B 221 21.87 -35.65 -6.74
C TYR B 221 22.58 -35.05 -7.93
N ILE B 222 23.68 -35.69 -8.27
CA ILE B 222 24.49 -35.30 -9.42
C ILE B 222 25.28 -36.53 -9.88
N ASP B 223 25.39 -36.65 -11.20
CA ASP B 223 26.10 -37.74 -11.90
C ASP B 223 26.84 -37.06 -13.05
N ILE B 224 28.12 -36.78 -12.81
CA ILE B 224 28.97 -35.99 -13.68
C ILE B 224 30.38 -36.64 -13.79
N ASP B 225 30.87 -36.80 -15.03
CA ASP B 225 32.25 -37.35 -15.28
C ASP B 225 32.54 -38.72 -14.58
N GLY B 226 31.53 -39.59 -14.51
CA GLY B 226 31.68 -40.92 -13.91
C GLY B 226 31.34 -41.03 -12.43
N VAL B 227 31.34 -39.91 -11.72
CA VAL B 227 31.15 -39.89 -10.27
C VAL B 227 29.70 -39.48 -9.92
N SER B 228 29.02 -40.35 -9.20
CA SER B 228 27.63 -40.17 -8.78
C SER B 228 27.53 -39.95 -7.25
N GLN B 229 26.87 -38.85 -6.81
CA GLN B 229 26.61 -38.60 -5.36
C GLN B 229 25.95 -39.83 -4.67
N ALA B 230 25.02 -40.47 -5.39
CA ALA B 230 24.43 -41.76 -4.93
C ALA B 230 25.45 -42.82 -4.46
N ASP B 231 26.65 -42.83 -5.06
CA ASP B 231 27.71 -43.78 -4.73
C ASP B 231 28.65 -43.31 -3.64
N ILE B 232 28.47 -42.11 -3.11
CA ILE B 232 29.35 -41.59 -2.06
C ILE B 232 28.64 -41.31 -0.73
N GLN B 233 27.51 -40.64 -0.78
CA GLN B 233 26.81 -40.25 0.47
C GLN B 233 25.40 -39.79 0.18
N LEU B 234 24.47 -40.26 0.97
CA LEU B 234 23.11 -39.84 0.83
C LEU B 234 22.93 -38.48 1.52
N PRO B 235 21.81 -37.81 1.25
CA PRO B 235 21.63 -36.51 1.89
C PRO B 235 21.44 -36.63 3.39
N ILE B 236 21.96 -35.67 4.14
CA ILE B 236 21.64 -35.56 5.55
C ILE B 236 20.12 -35.78 5.84
N SER B 237 19.85 -36.61 6.86
CA SER B 237 18.53 -36.87 7.33
C SER B 237 18.18 -36.03 8.55
N SER B 238 17.23 -35.14 8.36
CA SER B 238 16.72 -34.32 9.46
C SER B 238 15.61 -35.17 10.07
N ASN B 239 15.80 -35.58 11.31
CA ASN B 239 14.91 -36.52 11.98
C ASN B 239 14.19 -35.72 13.00
N VAL B 240 12.93 -35.45 12.72
CA VAL B 240 12.19 -34.37 13.35
C VAL B 240 10.93 -34.96 13.96
N ASP B 241 10.71 -34.76 15.25
CA ASP B 241 9.45 -35.21 15.83
C ASP B 241 8.23 -34.37 15.34
N ASP B 242 7.01 -34.89 15.53
CA ASP B 242 5.80 -34.32 14.93
C ASP B 242 5.52 -32.99 15.55
N LEU B 243 5.73 -32.83 16.86
CA LEU B 243 5.48 -31.55 17.48
C LEU B 243 6.38 -30.40 16.92
N THR B 244 7.68 -30.59 16.97
CA THR B 244 8.65 -29.74 16.27
C THR B 244 8.29 -29.38 14.81
N MET B 245 7.96 -30.36 13.98
CA MET B 245 7.65 -30.05 12.60
C MET B 245 6.47 -29.10 12.54
N HIS B 246 5.46 -29.26 13.42
CA HIS B 246 4.26 -28.42 13.38
C HIS B 246 4.49 -27.03 13.96
N GLU B 247 5.14 -26.94 15.12
CA GLU B 247 5.22 -25.69 15.87
C GLU B 247 6.39 -24.80 15.40
N LEU B 248 7.49 -25.45 14.98
CA LEU B 248 8.72 -24.79 14.54
C LEU B 248 8.78 -24.61 13.01
N TYR B 249 9.07 -25.68 12.31
CA TYR B 249 9.38 -25.63 10.89
C TYR B 249 8.21 -25.36 9.91
N MET B 250 7.02 -25.90 10.16
CA MET B 250 5.88 -25.63 9.27
C MET B 250 5.30 -24.21 9.39
N TRP B 251 5.58 -23.51 10.53
CA TRP B 251 4.90 -22.25 10.85
C TRP B 251 4.98 -21.27 9.75
N SER B 252 6.19 -21.04 9.24
CA SER B 252 6.39 -20.09 8.09
C SER B 252 5.80 -20.55 6.77
N PHE B 253 5.95 -21.83 6.46
CA PHE B 253 5.35 -22.37 5.25
C PHE B 253 3.85 -22.26 5.26
N ALA B 254 3.24 -22.37 6.43
CA ALA B 254 1.79 -22.15 6.49
C ALA B 254 1.39 -20.74 6.05
N GLU B 255 2.16 -19.78 6.56
CA GLU B 255 1.98 -18.36 6.21
C GLU B 255 2.22 -18.12 4.71
N ALA B 256 3.27 -18.70 4.13
CA ALA B 256 3.48 -18.58 2.67
C ALA B 256 2.30 -19.13 1.91
N VAL B 257 1.75 -20.27 2.39
CA VAL B 257 0.58 -20.89 1.79
C VAL B 257 -0.60 -19.90 1.83
N ARG B 258 -0.88 -19.37 3.02
CA ARG B 258 -1.94 -18.35 3.22
C ARG B 258 -1.84 -17.07 2.41
N ALA B 259 -0.62 -16.59 2.17
CA ALA B 259 -0.38 -15.42 1.29
C ALA B 259 -0.48 -15.76 -0.20
N GLY B 260 -0.43 -17.04 -0.54
CA GLY B 260 -0.77 -17.51 -1.89
C GLY B 260 0.38 -17.88 -2.77
N THR B 261 1.41 -18.41 -2.12
CA THR B 261 2.57 -18.82 -2.88
C THR B 261 2.11 -19.78 -3.92
N ASN B 262 2.54 -19.59 -5.13
CA ASN B 262 1.99 -20.38 -6.23
C ASN B 262 2.59 -21.76 -6.29
N HIS B 263 3.84 -21.86 -5.81
CA HIS B 263 4.57 -23.09 -5.66
C HIS B 263 5.39 -23.17 -4.37
N ILE B 264 5.83 -24.42 -4.09
CA ILE B 264 6.78 -24.68 -3.02
C ILE B 264 7.90 -25.56 -3.59
N MET B 265 9.14 -25.25 -3.18
CA MET B 265 10.30 -26.02 -3.57
C MET B 265 10.68 -26.98 -2.45
N CYS B 266 10.72 -28.29 -2.73
CA CYS B 266 11.21 -29.34 -1.77
C CYS B 266 12.75 -29.33 -1.71
N SER B 267 13.24 -29.66 -0.53
CA SER B 267 14.60 -29.52 -0.19
C SER B 267 15.46 -30.73 -0.46
N TYR B 268 16.75 -30.52 -0.37
CA TYR B 268 17.78 -31.51 -0.63
C TYR B 268 17.88 -32.55 0.51
N ASN B 269 17.63 -32.12 1.73
CA ASN B 269 17.74 -33.06 2.85
C ASN B 269 16.69 -34.17 2.79
N ARG B 270 16.97 -35.23 3.53
CA ARG B 270 16.01 -36.28 3.77
C ARG B 270 15.32 -35.91 5.02
N ILE B 271 14.16 -36.50 5.26
CA ILE B 271 13.45 -36.36 6.51
C ILE B 271 13.11 -37.78 6.93
N ASN B 272 13.50 -38.19 8.15
CA ASN B 272 13.36 -39.57 8.61
C ASN B 272 13.84 -40.58 7.53
N ASN B 273 15.01 -40.31 7.01
CA ASN B 273 15.65 -41.04 5.92
C ASN B 273 14.89 -41.20 4.60
N THR B 274 13.97 -40.27 4.30
CA THR B 274 13.32 -40.24 2.97
C THR B 274 13.49 -38.86 2.38
N HIS B 275 13.97 -38.83 1.14
CA HIS B 275 14.18 -37.57 0.40
C HIS B 275 12.96 -36.65 0.55
N SER B 276 13.18 -35.36 0.79
CA SER B 276 12.04 -34.46 0.94
C SER B 276 11.14 -34.46 -0.31
N CYS B 277 11.76 -34.50 -1.49
CA CYS B 277 11.05 -34.48 -2.75
C CYS B 277 10.32 -35.79 -3.09
N SER B 278 10.47 -36.84 -2.26
CA SER B 278 9.62 -38.05 -2.43
C SER B 278 9.09 -38.52 -1.09
N ASN B 279 8.74 -37.56 -0.23
CA ASN B 279 8.31 -37.85 1.13
C ASN B 279 6.81 -37.59 1.22
N ALA B 280 6.05 -38.68 1.20
CA ALA B 280 4.60 -38.64 1.02
C ALA B 280 3.98 -37.98 2.22
N LYS B 281 4.48 -38.32 3.39
CA LYS B 281 4.11 -37.67 4.63
C LYS B 281 4.32 -36.13 4.57
N GLY B 282 5.48 -35.71 4.11
CA GLY B 282 5.81 -34.28 3.97
C GLY B 282 4.94 -33.56 2.95
N LEU B 283 4.94 -34.12 1.74
CA LEU B 283 4.30 -33.49 0.60
C LEU B 283 2.82 -33.75 0.45
N ASN B 284 2.43 -35.03 0.54
CA ASN B 284 1.05 -35.38 0.27
C ASN B 284 0.18 -35.15 1.46
N GLN B 285 0.72 -35.30 2.65
CA GLN B 285 -0.03 -35.10 3.83
C GLN B 285 0.13 -33.70 4.42
N LEU B 286 1.27 -33.42 5.05
CA LEU B 286 1.43 -32.10 5.70
C LEU B 286 1.28 -30.96 4.69
N LEU B 287 1.89 -31.04 3.52
CA LEU B 287 1.78 -29.88 2.62
C LEU B 287 0.42 -29.79 1.90
N LYS B 288 0.18 -30.82 1.13
CA LYS B 288 -1.03 -30.92 0.31
C LYS B 288 -2.29 -31.27 1.05
N THR B 289 -2.23 -31.87 2.24
CA THR B 289 -3.52 -32.17 2.94
C THR B 289 -3.80 -31.22 4.13
N GLU B 290 -2.91 -31.20 5.11
CA GLU B 290 -3.09 -30.37 6.29
C GLU B 290 -2.99 -28.83 5.94
N LEU B 291 -1.96 -28.40 5.23
CA LEU B 291 -1.91 -27.00 4.82
C LEU B 291 -2.73 -26.74 3.55
N ASN B 292 -3.39 -27.78 3.03
CA ASN B 292 -4.29 -27.62 1.86
C ASN B 292 -3.64 -26.99 0.59
N PHE B 293 -2.38 -27.29 0.39
CA PHE B 293 -1.62 -26.57 -0.63
C PHE B 293 -2.08 -26.96 -2.02
N GLN B 294 -2.53 -25.98 -2.77
CA GLN B 294 -3.12 -26.14 -4.08
C GLN B 294 -2.20 -25.99 -5.24
N GLY B 295 -0.98 -25.58 -4.97
CA GLY B 295 0.05 -25.28 -5.97
C GLY B 295 0.98 -26.47 -6.27
N GLY B 296 2.08 -26.16 -6.96
CA GLY B 296 3.07 -27.10 -7.47
C GLY B 296 4.26 -27.25 -6.54
N VAL B 297 4.68 -28.48 -6.32
CA VAL B 297 5.96 -28.76 -5.67
C VAL B 297 7.05 -28.88 -6.75
N VAL B 298 8.02 -27.95 -6.71
CA VAL B 298 9.09 -27.96 -7.64
C VAL B 298 10.26 -28.57 -6.92
N SER B 299 11.02 -29.42 -7.58
CA SER B 299 12.27 -29.93 -6.97
C SER B 299 13.32 -28.85 -6.83
N ASP B 300 14.11 -28.95 -5.77
CA ASP B 300 15.39 -28.32 -5.84
C ASP B 300 16.18 -29.01 -6.98
N TRP B 301 17.29 -28.40 -7.37
CA TRP B 301 18.02 -28.76 -8.59
C TRP B 301 18.90 -29.92 -8.16
N GLY B 302 18.47 -31.12 -8.49
CA GLY B 302 19.06 -32.36 -7.97
C GLY B 302 18.51 -32.82 -6.63
N GLY B 303 17.37 -32.28 -6.20
CA GLY B 303 16.65 -32.77 -5.03
C GLY B 303 15.82 -34.02 -5.33
N GLN B 304 15.68 -34.38 -6.61
CA GLN B 304 14.97 -35.56 -7.07
C GLN B 304 15.98 -36.71 -7.32
N TRP B 305 15.71 -37.82 -6.63
CA TRP B 305 16.60 -38.94 -6.60
C TRP B 305 16.07 -40.17 -7.33
N ASP B 306 14.82 -40.14 -7.76
CA ASP B 306 14.17 -41.31 -8.38
C ASP B 306 13.00 -40.87 -9.25
N SER B 307 12.42 -41.80 -10.00
CA SER B 307 11.34 -41.48 -10.93
C SER B 307 9.97 -41.72 -10.28
N VAL B 308 9.77 -42.94 -9.77
CA VAL B 308 8.43 -43.39 -9.40
C VAL B 308 8.01 -42.89 -8.02
N PRO B 309 8.85 -43.12 -6.98
CA PRO B 309 8.39 -42.64 -5.66
C PRO B 309 8.07 -41.11 -5.73
N ALA B 310 8.94 -40.35 -6.40
CA ALA B 310 8.73 -38.92 -6.58
C ALA B 310 7.36 -38.61 -7.15
N ALA B 311 7.01 -39.23 -8.27
CA ALA B 311 5.71 -39.03 -8.91
C ALA B 311 4.49 -39.39 -8.03
N GLU B 312 4.63 -40.37 -7.15
CA GLU B 312 3.55 -40.83 -6.32
C GLU B 312 3.43 -40.04 -5.03
N ASN B 313 4.58 -39.62 -4.52
CA ASN B 313 4.67 -39.02 -3.18
C ASN B 313 4.62 -37.47 -3.17
N GLY B 314 4.36 -36.87 -4.33
CA GLY B 314 3.94 -35.46 -4.40
C GLY B 314 4.79 -34.42 -5.11
N LEU B 315 5.87 -34.85 -5.78
CA LEU B 315 6.63 -33.95 -6.61
C LEU B 315 5.76 -33.62 -7.81
N ASP B 316 5.70 -32.33 -8.18
CA ASP B 316 4.98 -31.87 -9.41
C ASP B 316 5.93 -31.42 -10.56
N VAL B 317 7.13 -30.91 -10.26
CA VAL B 317 8.00 -30.47 -11.31
C VAL B 317 9.45 -30.90 -11.09
N ALA B 318 9.99 -31.54 -12.12
CA ALA B 318 11.37 -31.97 -12.13
C ALA B 318 12.25 -30.86 -12.76
N MET B 319 13.09 -30.27 -11.92
CA MET B 319 14.11 -29.28 -12.37
C MET B 319 15.51 -29.75 -11.97
N PRO B 320 16.53 -29.44 -12.76
CA PRO B 320 16.39 -28.62 -13.99
C PRO B 320 16.14 -29.45 -15.30
N GLY B 321 15.99 -30.76 -15.16
CA GLY B 321 15.60 -31.62 -16.29
C GLY B 321 16.77 -31.70 -17.25
N LYS B 322 16.54 -31.31 -18.49
CA LYS B 322 17.61 -31.26 -19.51
C LYS B 322 18.67 -30.15 -19.35
N GLY B 323 18.38 -29.16 -18.51
CA GLY B 323 19.31 -28.06 -18.23
C GLY B 323 20.47 -28.55 -17.36
N PHE B 324 21.57 -27.81 -17.44
CA PHE B 324 22.83 -28.17 -16.74
C PHE B 324 23.37 -29.53 -17.16
N LEU B 325 23.29 -29.74 -18.47
CA LEU B 325 23.82 -30.91 -19.12
C LEU B 325 23.09 -32.18 -18.68
N GLY B 326 21.90 -32.07 -18.04
CA GLY B 326 21.23 -33.27 -17.45
C GLY B 326 21.98 -33.94 -16.30
N ALA B 327 23.00 -33.27 -15.78
CA ALA B 327 23.92 -33.84 -14.80
C ALA B 327 23.32 -33.93 -13.40
N LEU B 328 22.19 -33.27 -13.16
CA LEU B 328 21.50 -33.26 -11.85
C LEU B 328 20.35 -34.29 -11.75
N GLY B 329 20.35 -35.23 -12.68
CA GLY B 329 19.31 -36.22 -12.81
C GLY B 329 18.29 -35.69 -13.80
N ASP B 330 17.68 -36.64 -14.49
CA ASP B 330 16.72 -36.37 -15.52
C ASP B 330 15.77 -37.57 -15.49
N PHE B 331 15.02 -37.64 -14.38
CA PHE B 331 14.23 -38.81 -14.00
C PHE B 331 12.86 -38.95 -14.64
N TRP B 332 12.38 -37.88 -15.26
CA TRP B 332 11.04 -37.81 -15.83
C TRP B 332 11.23 -37.55 -17.32
N GLY B 333 10.51 -36.60 -17.91
CA GLY B 333 10.57 -36.44 -19.35
C GLY B 333 10.13 -37.72 -20.06
N ALA B 334 10.90 -38.13 -21.06
CA ALA B 334 10.63 -39.35 -21.82
C ALA B 334 10.50 -40.59 -20.90
N THR B 335 11.26 -40.66 -19.82
CA THR B 335 11.13 -41.70 -18.81
C THR B 335 9.73 -41.74 -18.16
N LEU B 336 9.19 -40.56 -17.81
CA LEU B 336 7.85 -40.48 -17.26
C LEU B 336 6.79 -40.90 -18.28
N VAL B 337 6.98 -40.48 -19.54
CA VAL B 337 6.09 -40.95 -20.60
C VAL B 337 6.04 -42.49 -20.61
N GLU B 338 7.20 -43.15 -20.57
CA GLU B 338 7.24 -44.62 -20.64
C GLU B 338 6.54 -45.24 -19.40
N LEU B 339 6.73 -44.61 -18.24
CA LEU B 339 6.08 -45.03 -17.00
C LEU B 339 4.55 -44.93 -17.00
N ILE B 340 4.01 -43.90 -17.61
CA ILE B 340 2.56 -43.76 -17.71
C ILE B 340 2.01 -44.77 -18.74
N ASN B 341 2.71 -44.94 -19.86
CA ASN B 341 2.19 -45.73 -20.97
C ASN B 341 2.22 -47.18 -20.60
N ASN B 342 3.27 -47.60 -19.90
CA ASN B 342 3.36 -48.98 -19.45
C ASN B 342 2.56 -49.25 -18.16
N GLY B 343 1.82 -48.23 -17.71
CA GLY B 343 0.86 -48.38 -16.62
C GLY B 343 1.43 -48.43 -15.22
N THR B 344 2.69 -47.98 -15.01
CA THR B 344 3.31 -47.90 -13.66
C THR B 344 2.88 -46.63 -12.87
N VAL B 345 2.52 -45.57 -13.59
CA VAL B 345 2.20 -44.27 -12.98
C VAL B 345 0.85 -43.78 -13.50
N SER B 346 0.02 -43.35 -12.59
CA SER B 346 -1.33 -42.94 -12.95
C SER B 346 -1.32 -41.73 -13.87
N GLU B 347 -1.93 -41.82 -15.02
CA GLU B 347 -2.16 -40.64 -15.87
C GLU B 347 -2.96 -39.50 -15.10
N ASP B 348 -3.95 -39.86 -14.30
CA ASP B 348 -4.75 -38.88 -13.57
C ASP B 348 -3.85 -38.12 -12.62
N LEU B 349 -2.91 -38.83 -12.01
CA LEU B 349 -1.99 -38.24 -11.03
C LEU B 349 -1.01 -37.23 -11.68
N VAL B 350 -0.60 -37.51 -12.90
CA VAL B 350 0.29 -36.63 -13.61
C VAL B 350 -0.50 -35.46 -14.14
N ARG B 351 -1.78 -35.67 -14.43
CA ARG B 351 -2.62 -34.57 -14.89
C ARG B 351 -2.77 -33.54 -13.79
N ASP B 352 -2.88 -34.00 -12.54
CA ASP B 352 -2.96 -33.11 -11.37
C ASP B 352 -1.67 -32.28 -11.13
N LYS B 353 -0.51 -32.88 -11.39
CA LYS B 353 0.78 -32.15 -11.41
C LYS B 353 0.74 -30.96 -12.36
N ALA B 354 0.26 -31.24 -13.57
CA ALA B 354 0.19 -30.19 -14.59
C ALA B 354 -0.84 -29.13 -14.26
N VAL B 355 -1.96 -29.51 -13.62
CA VAL B 355 -3.00 -28.55 -13.22
C VAL B 355 -2.48 -27.57 -12.19
N ARG B 356 -1.70 -28.08 -11.23
CA ARG B 356 -0.98 -27.30 -10.21
C ARG B 356 -0.05 -26.27 -10.88
N ILE B 357 0.74 -26.71 -11.87
CA ILE B 357 1.65 -25.85 -12.59
C ILE B 357 0.89 -24.69 -13.24
N LEU B 358 -0.20 -25.04 -13.92
CA LEU B 358 -0.87 -24.07 -14.79
C LEU B 358 -1.82 -23.12 -14.07
N THR B 359 -2.21 -23.50 -12.86
CA THR B 359 -3.08 -22.68 -12.01
C THR B 359 -2.43 -21.32 -11.83
N GLY B 360 -1.16 -21.33 -11.40
CA GLY B 360 -0.36 -20.10 -11.33
C GLY B 360 -0.31 -19.25 -12.59
N TYR B 361 -0.05 -19.89 -13.72
CA TYR B 361 0.00 -19.20 -15.01
C TYR B 361 -1.29 -18.36 -15.28
N TYR B 362 -2.44 -18.97 -15.00
CA TYR B 362 -3.71 -18.30 -15.20
C TYR B 362 -4.10 -17.30 -14.08
N TYR B 363 -3.82 -17.64 -12.84
CA TYR B 363 -4.14 -16.75 -11.76
C TYR B 363 -3.44 -15.38 -11.98
N LEU B 364 -2.17 -15.43 -12.37
CA LEU B 364 -1.34 -14.22 -12.52
C LEU B 364 -1.47 -13.59 -13.89
N GLY B 365 -2.35 -14.12 -14.74
CA GLY B 365 -2.64 -13.51 -16.02
C GLY B 365 -1.47 -13.55 -16.97
N GLN B 366 -0.66 -14.59 -16.92
CA GLN B 366 0.54 -14.63 -17.79
C GLN B 366 0.24 -15.01 -19.24
N ASP B 367 -1.03 -15.36 -19.48
CA ASP B 367 -1.59 -15.56 -20.86
C ASP B 367 -2.10 -14.27 -21.52
N THR B 368 -2.82 -13.50 -20.72
CA THR B 368 -3.43 -12.24 -21.14
C THR B 368 -2.41 -11.07 -21.03
N ASN B 369 -1.44 -11.21 -20.11
CA ASN B 369 -0.33 -10.28 -19.96
C ASN B 369 1.02 -10.97 -19.83
N PRO B 370 1.52 -11.51 -20.95
CA PRO B 370 2.69 -12.36 -20.86
C PRO B 370 3.92 -11.54 -20.51
N PRO B 371 4.82 -12.10 -19.68
CA PRO B 371 6.13 -11.47 -19.47
C PRO B 371 6.88 -11.20 -20.79
N PRO B 372 7.66 -10.10 -20.87
CA PRO B 372 8.50 -9.92 -22.07
C PRO B 372 9.52 -11.07 -22.21
N PRO B 373 10.20 -11.18 -23.34
CA PRO B 373 11.27 -12.22 -23.44
C PRO B 373 12.36 -12.07 -22.37
N PHE B 374 12.85 -13.18 -21.79
CA PHE B 374 14.01 -13.17 -20.93
C PHE B 374 15.28 -13.23 -21.78
N VAL B 375 16.20 -12.27 -21.56
CA VAL B 375 17.30 -12.05 -22.52
C VAL B 375 18.69 -12.39 -22.07
N TYR B 376 18.91 -12.77 -20.83
CA TYR B 376 20.23 -13.03 -20.31
C TYR B 376 20.60 -14.53 -20.15
N ASN B 377 21.76 -14.92 -20.62
CA ASN B 377 22.32 -16.23 -20.32
C ASN B 377 22.73 -16.23 -18.85
N THR B 378 21.90 -16.80 -17.99
CA THR B 378 22.21 -16.88 -16.56
C THR B 378 22.82 -18.22 -16.14
N ILE B 379 22.99 -19.14 -17.10
CA ILE B 379 23.63 -20.44 -16.89
C ILE B 379 25.16 -20.34 -16.99
N GLY B 380 25.63 -19.81 -18.12
CA GLY B 380 27.04 -19.45 -18.35
C GLY B 380 27.67 -20.49 -19.26
N ALA B 381 28.52 -20.06 -20.19
CA ALA B 381 29.35 -20.99 -20.99
C ALA B 381 30.43 -21.64 -20.09
N PRO B 382 30.91 -22.86 -20.37
CA PRO B 382 30.49 -23.70 -21.53
C PRO B 382 29.22 -24.56 -21.28
N THR B 383 28.54 -24.39 -20.14
CA THR B 383 27.32 -25.19 -19.86
C THR B 383 26.17 -24.82 -20.83
N LEU B 384 26.04 -23.53 -21.09
CA LEU B 384 25.18 -23.04 -22.15
C LEU B 384 25.93 -21.96 -22.93
N ASN B 385 26.10 -22.18 -24.23
CA ASN B 385 26.69 -21.20 -25.15
C ASN B 385 25.53 -20.54 -25.84
N ALA B 386 25.44 -19.25 -25.74
CA ALA B 386 24.22 -18.56 -26.10
C ALA B 386 24.42 -17.14 -25.66
N THR B 387 24.15 -16.23 -26.56
CA THR B 387 24.47 -14.83 -26.33
C THR B 387 23.35 -14.21 -25.47
N SER B 388 23.70 -13.08 -24.85
CA SER B 388 22.81 -12.33 -23.96
C SER B 388 22.42 -11.05 -24.65
N GLY B 389 21.20 -10.61 -24.45
CA GLY B 389 20.84 -9.25 -24.87
C GLY B 389 21.03 -8.29 -23.71
N TYR B 390 20.25 -7.22 -23.75
CA TYR B 390 20.33 -6.22 -22.73
C TYR B 390 18.95 -5.61 -22.46
N ARG B 391 18.63 -5.45 -21.17
CA ARG B 391 17.46 -4.67 -20.80
C ARG B 391 17.64 -4.14 -19.42
N ASN B 392 17.24 -2.88 -19.24
CA ASN B 392 17.34 -2.15 -17.97
C ASN B 392 15.95 -1.95 -17.36
N VAL B 393 15.77 -2.39 -16.13
CA VAL B 393 14.45 -2.45 -15.51
C VAL B 393 14.43 -1.67 -14.21
N ARG B 394 15.54 -0.96 -13.91
CA ARG B 394 15.65 -0.11 -12.77
C ARG B 394 14.69 1.07 -12.90
N LYS B 395 13.81 1.18 -11.92
CA LYS B 395 12.72 2.11 -11.93
C LYS B 395 13.07 3.14 -10.90
N PRO B 396 12.72 4.42 -11.17
CA PRO B 396 12.76 5.46 -10.15
C PRO B 396 12.17 4.97 -8.82
N GLY B 397 12.83 5.31 -7.73
CA GLY B 397 12.40 4.91 -6.39
C GLY B 397 13.07 3.67 -5.82
N THR B 398 13.64 2.80 -6.67
CA THR B 398 14.20 1.56 -6.20
C THR B 398 15.49 1.76 -5.39
N ALA B 399 16.40 2.60 -5.88
CA ALA B 399 17.62 2.97 -5.08
C ALA B 399 17.31 3.55 -3.70
N GLU B 400 16.35 4.46 -3.70
CA GLU B 400 15.94 5.14 -2.48
C GLU B 400 15.31 4.11 -1.44
N LEU B 401 14.56 3.16 -1.93
CA LEU B 401 14.08 2.05 -1.11
C LEU B 401 15.18 1.10 -0.54
N ILE B 402 16.17 0.76 -1.37
CA ILE B 402 17.29 -0.08 -0.92
C ILE B 402 18.07 0.65 0.15
N LYS B 403 18.32 1.92 -0.09
CA LYS B 403 18.88 2.84 0.90
C LYS B 403 18.04 2.79 2.18
N GLU B 404 16.74 2.99 2.05
CA GLU B 404 15.89 3.04 3.28
C GLU B 404 15.97 1.73 4.09
N ILE B 405 16.08 0.58 3.41
CA ILE B 405 16.17 -0.72 4.09
C ILE B 405 17.49 -0.83 4.85
N GLY B 406 18.55 -0.32 4.27
CA GLY B 406 19.80 -0.20 5.01
C GLY B 406 19.68 0.62 6.29
N SER B 407 19.17 1.83 6.16
CA SER B 407 19.16 2.81 7.29
C SER B 407 18.31 2.25 8.37
N ALA B 408 17.26 1.53 7.96
CA ALA B 408 16.25 0.93 8.90
C ALA B 408 16.67 -0.34 9.61
N SER B 409 17.74 -0.97 9.10
CA SER B 409 18.23 -2.27 9.54
C SER B 409 19.51 -2.23 10.39
N VAL B 410 20.43 -1.33 10.08
N VAL B 410 20.43 -1.31 10.06
CA VAL B 410 21.73 -1.35 10.74
CA VAL B 410 21.66 -1.12 10.80
C VAL B 410 21.58 -1.15 12.27
C VAL B 410 21.41 -1.22 12.32
N THR B 411 22.17 -2.10 12.97
CA THR B 411 21.94 -2.36 14.40
C THR B 411 23.12 -1.92 15.22
N LEU B 412 22.86 -1.01 16.16
CA LEU B 412 23.83 -0.51 17.12
C LEU B 412 23.91 -1.47 18.28
N LEU B 413 25.04 -2.16 18.40
CA LEU B 413 25.23 -3.15 19.44
C LEU B 413 25.88 -2.61 20.71
N LYS B 414 26.76 -1.62 20.56
CA LYS B 414 27.52 -0.99 21.64
C LYS B 414 27.72 0.44 21.30
N ASN B 415 27.53 1.33 22.27
CA ASN B 415 27.89 2.72 22.10
C ASN B 415 28.23 3.40 23.42
N THR B 416 29.52 3.74 23.64
CA THR B 416 30.00 4.42 24.85
C THR B 416 30.07 5.94 24.75
N GLY B 417 29.33 6.53 23.82
CA GLY B 417 29.29 7.98 23.66
C GLY B 417 29.88 8.52 22.37
N SER B 418 30.52 7.68 21.55
CA SER B 418 31.18 8.20 20.37
C SER B 418 30.12 8.42 19.24
N LEU B 419 28.95 7.75 19.32
CA LEU B 419 27.92 7.93 18.32
C LEU B 419 26.66 8.58 18.90
N PRO B 420 26.01 9.49 18.14
CA PRO B 420 26.37 9.90 16.77
C PRO B 420 27.59 10.81 16.66
N LEU B 421 28.25 10.76 15.51
CA LEU B 421 29.35 11.67 15.22
C LEU B 421 28.87 13.12 15.14
N LYS B 422 29.72 14.02 15.56
CA LYS B 422 29.40 15.41 15.47
C LYS B 422 29.97 15.90 14.13
N HIS B 423 31.18 16.46 14.11
CA HIS B 423 31.79 16.98 12.88
C HIS B 423 33.29 16.67 12.96
N PRO B 424 33.67 15.40 13.18
CA PRO B 424 35.12 15.13 13.38
C PRO B 424 35.98 15.59 12.22
N GLN B 425 37.22 15.92 12.54
CA GLN B 425 38.09 16.60 11.55
C GLN B 425 39.15 15.74 10.91
N ARG B 426 39.55 14.62 11.54
CA ARG B 426 40.54 13.70 10.99
C ARG B 426 40.02 12.31 11.14
N ILE B 427 39.71 11.68 9.98
CA ILE B 427 39.00 10.41 10.00
C ILE B 427 39.92 9.31 9.45
N ALA B 428 39.97 8.17 10.12
CA ALA B 428 40.65 7.02 9.57
C ALA B 428 39.65 5.90 9.28
N VAL B 429 39.98 5.09 8.30
CA VAL B 429 39.09 4.00 7.85
C VAL B 429 40.00 2.80 7.55
N LEU B 430 39.65 1.62 8.05
CA LEU B 430 40.44 0.41 7.82
C LEU B 430 39.57 -0.67 7.19
N GLY B 431 40.15 -1.44 6.27
CA GLY B 431 39.51 -2.67 5.78
C GLY B 431 39.06 -2.61 4.34
N ASN B 432 39.33 -3.68 3.58
CA ASN B 432 38.82 -3.78 2.22
C ASN B 432 37.28 -3.65 2.09
N ASP B 433 36.58 -4.03 3.16
CA ASP B 433 35.16 -3.88 3.25
C ASP B 433 34.68 -2.47 3.10
N ALA B 434 35.55 -1.48 3.27
CA ALA B 434 35.15 -0.10 3.09
C ALA B 434 35.06 0.33 1.64
N THR B 435 35.63 -0.45 0.72
CA THR B 435 35.74 -0.05 -0.69
C THR B 435 35.35 -1.14 -1.71
N TYR B 436 35.68 -0.92 -2.97
CA TYR B 436 35.32 -1.90 -4.04
C TYR B 436 36.05 -3.19 -3.99
N ASN B 437 35.39 -4.22 -4.48
CA ASN B 437 36.07 -5.43 -4.93
C ASN B 437 37.15 -4.96 -5.87
N VAL B 438 38.38 -5.42 -5.69
CA VAL B 438 39.49 -5.03 -6.60
C VAL B 438 39.33 -5.42 -8.06
N LEU B 439 38.50 -6.42 -8.31
CA LEU B 439 38.26 -6.96 -9.66
C LEU B 439 36.99 -6.52 -10.25
N GLY B 440 36.26 -5.73 -9.49
CA GLY B 440 34.91 -5.28 -9.86
C GLY B 440 33.81 -5.93 -9.05
N PRO B 441 32.71 -5.19 -8.83
CA PRO B 441 31.60 -5.62 -7.96
C PRO B 441 30.94 -6.95 -8.28
N ASN B 442 31.01 -7.34 -9.55
CA ASN B 442 30.42 -8.54 -10.12
C ASN B 442 31.48 -9.47 -10.64
N ALA B 443 32.73 -9.25 -10.22
CA ALA B 443 33.84 -10.12 -10.67
C ALA B 443 33.76 -11.55 -10.20
N CYS B 444 33.03 -11.81 -9.10
CA CYS B 444 32.99 -13.19 -8.58
C CYS B 444 31.93 -14.05 -9.36
N GLY B 445 31.29 -13.46 -10.35
CA GLY B 445 30.53 -14.18 -11.31
C GLY B 445 29.04 -14.23 -11.02
N LEU B 446 28.39 -15.09 -11.77
CA LEU B 446 26.95 -15.24 -11.75
C LEU B 446 26.38 -15.62 -10.36
N ALA B 447 27.16 -16.23 -9.47
CA ALA B 447 26.68 -16.60 -8.12
C ALA B 447 27.51 -16.03 -7.01
N ASN B 448 28.31 -15.02 -7.31
CA ASN B 448 29.06 -14.31 -6.29
C ASN B 448 29.95 -15.22 -5.47
N SER B 449 30.52 -16.21 -6.16
CA SER B 449 31.26 -17.28 -5.47
C SER B 449 32.52 -17.78 -6.16
N ALA B 450 32.95 -17.15 -7.28
CA ALA B 450 34.07 -17.65 -8.10
C ALA B 450 35.40 -16.87 -7.92
N CYS B 451 35.44 -15.82 -7.10
CA CYS B 451 36.75 -15.15 -6.85
C CYS B 451 37.65 -16.04 -6.02
N ASP B 452 38.96 -15.80 -6.09
CA ASP B 452 39.93 -16.54 -5.32
C ASP B 452 39.67 -16.40 -3.81
N ILE B 453 39.98 -17.45 -3.06
CA ILE B 453 39.88 -17.49 -1.58
C ILE B 453 40.45 -16.25 -0.87
N ASP B 454 41.53 -15.67 -1.38
CA ASP B 454 42.12 -14.43 -0.75
C ASP B 454 41.71 -13.07 -1.36
N ASN B 455 40.87 -13.05 -2.38
CA ASN B 455 40.49 -11.81 -3.06
C ASN B 455 39.90 -10.77 -2.12
N LEU B 456 40.27 -9.51 -2.33
CA LEU B 456 39.67 -8.43 -1.58
C LEU B 456 38.34 -8.09 -2.25
N ASN B 457 37.26 -8.66 -1.69
CA ASN B 457 35.98 -8.61 -2.34
C ASN B 457 35.32 -7.27 -2.11
N GLY B 458 35.96 -6.35 -1.40
CA GLY B 458 35.31 -5.15 -1.08
C GLY B 458 34.09 -5.41 -0.20
N THR B 459 33.17 -4.44 -0.22
CA THR B 459 32.05 -4.40 0.71
C THR B 459 31.15 -5.63 0.49
N LEU B 460 30.88 -6.34 1.57
CA LEU B 460 30.03 -7.50 1.52
C LEU B 460 28.57 -7.08 1.41
N THR B 461 28.06 -6.93 0.17
CA THR B 461 26.65 -6.50 -0.05
C THR B 461 25.59 -7.67 -0.16
N THR B 462 26.09 -8.86 -0.46
CA THR B 462 25.31 -10.06 -0.52
C THR B 462 26.20 -11.26 -0.31
N GLY B 463 25.56 -12.40 -0.03
CA GLY B 463 26.28 -13.67 0.24
C GLY B 463 26.52 -14.41 -1.06
N GLY B 464 27.15 -15.56 -0.95
CA GLY B 464 27.47 -16.35 -2.13
C GLY B 464 26.40 -17.37 -2.44
N GLY B 465 26.19 -17.57 -3.74
CA GLY B 465 25.32 -18.61 -4.21
C GLY B 465 24.18 -18.12 -5.07
N SER B 466 23.21 -19.01 -5.18
CA SER B 466 22.00 -18.88 -6.02
C SER B 466 21.07 -17.73 -5.62
N GLY B 467 21.18 -17.26 -4.37
CA GLY B 467 20.49 -16.05 -3.90
C GLY B 467 21.22 -14.73 -3.92
N SER B 468 22.32 -14.66 -4.65
CA SER B 468 23.03 -13.41 -4.92
C SER B 468 22.35 -12.81 -6.13
N ALA B 469 22.82 -11.63 -6.48
CA ALA B 469 22.46 -10.92 -7.70
C ALA B 469 23.63 -9.97 -8.01
N LEU B 470 23.72 -9.67 -9.31
CA LEU B 470 24.67 -8.67 -9.81
C LEU B 470 24.27 -7.26 -9.36
N SER B 471 25.22 -6.37 -9.53
CA SER B 471 25.16 -5.02 -8.99
C SER B 471 25.50 -4.02 -10.12
N PRO B 472 24.69 -2.98 -10.31
CA PRO B 472 24.96 -1.97 -11.27
C PRO B 472 26.04 -1.02 -10.78
N TYR B 473 26.26 -1.04 -9.47
CA TYR B 473 27.37 -0.29 -8.84
C TYR B 473 27.44 -0.63 -7.34
N THR B 474 28.49 -0.18 -6.66
CA THR B 474 28.58 -0.16 -5.20
C THR B 474 28.78 1.23 -4.64
N ILE B 475 27.84 1.69 -3.81
CA ILE B 475 28.06 2.84 -2.96
C ILE B 475 28.81 2.31 -1.71
N THR B 476 30.10 2.68 -1.66
CA THR B 476 31.02 2.15 -0.72
C THR B 476 30.95 2.97 0.55
N PRO B 477 31.27 2.36 1.68
CA PRO B 477 31.29 3.13 2.90
C PRO B 477 32.29 4.27 2.87
N LEU B 478 33.42 4.02 2.25
CA LEU B 478 34.42 5.05 2.09
C LEU B 478 33.95 6.21 1.20
N GLU B 479 33.19 5.97 0.12
CA GLU B 479 32.71 7.06 -0.74
C GLU B 479 31.82 7.96 0.10
N ALA B 480 30.92 7.32 0.83
CA ALA B 480 29.87 8.02 1.55
C ALA B 480 30.42 8.81 2.75
N LEU B 481 31.34 8.23 3.51
CA LEU B 481 32.10 8.90 4.59
C LEU B 481 33.00 10.08 4.04
N GLN B 482 33.71 9.85 2.93
CA GLN B 482 34.39 10.95 2.28
C GLN B 482 33.45 12.12 1.93
N LYS B 483 32.25 11.85 1.40
CA LYS B 483 31.37 12.94 0.99
C LYS B 483 31.04 13.83 2.21
N ARG B 484 30.87 13.16 3.34
CA ARG B 484 30.63 13.84 4.58
C ARG B 484 31.83 14.61 5.14
N ALA B 485 33.02 14.00 5.11
CA ALA B 485 34.33 14.66 5.50
C ALA B 485 34.54 15.97 4.78
N ILE B 486 34.33 15.94 3.49
CA ILE B 486 34.31 17.11 2.63
C ILE B 486 33.25 18.20 3.06
N GLU B 487 32.03 17.82 3.40
CA GLU B 487 31.08 18.85 3.90
C GLU B 487 31.58 19.47 5.18
N ASP B 488 32.33 18.74 6.02
CA ASP B 488 32.84 19.28 7.27
C ASP B 488 34.24 19.86 7.15
N ASN B 489 34.70 20.10 5.95
CA ASN B 489 36.07 20.62 5.68
C ASN B 489 37.18 19.80 6.36
N ALA B 490 36.94 18.48 6.41
CA ALA B 490 37.76 17.54 7.13
C ALA B 490 38.66 16.78 6.17
N GLU B 491 39.48 15.93 6.76
CA GLU B 491 40.31 14.99 6.00
C GLU B 491 39.99 13.52 6.44
N ILE B 492 40.24 12.60 5.50
CA ILE B 492 39.86 11.20 5.60
C ILE B 492 40.82 10.36 4.81
N ALA B 493 41.28 9.26 5.45
CA ALA B 493 42.21 8.36 4.81
C ALA B 493 41.88 6.93 5.18
N ALA B 494 41.92 6.05 4.18
CA ALA B 494 41.62 4.64 4.35
C ALA B 494 42.82 3.74 4.01
N VAL B 495 43.00 2.72 4.84
CA VAL B 495 43.81 1.55 4.49
C VAL B 495 42.87 0.33 4.09
N VAL B 496 42.94 -0.04 2.82
CA VAL B 496 42.06 -1.04 2.31
C VAL B 496 42.80 -2.23 1.73
N ALA B 497 44.13 -2.22 1.92
CA ALA B 497 44.89 -3.43 1.61
C ALA B 497 44.63 -4.49 2.68
N ASN B 498 45.18 -5.67 2.40
CA ASN B 498 45.29 -6.76 3.38
C ASN B 498 46.38 -6.37 4.32
N SER B 499 46.01 -6.14 5.56
CA SER B 499 46.95 -5.74 6.55
C SER B 499 47.99 -6.79 6.98
N ASN B 500 47.80 -8.06 6.66
CA ASN B 500 48.83 -9.06 6.94
C ASN B 500 49.85 -9.21 5.79
N THR B 501 49.37 -9.22 4.55
CA THR B 501 50.15 -9.62 3.37
C THR B 501 50.62 -8.49 2.44
N THR B 502 50.20 -7.24 2.68
CA THR B 502 50.63 -6.13 1.79
C THR B 502 51.79 -5.38 2.46
N THR B 503 52.94 -5.32 1.78
CA THR B 503 54.10 -4.58 2.27
C THR B 503 53.71 -3.16 2.65
N GLY B 504 54.03 -2.76 3.89
CA GLY B 504 53.76 -1.40 4.39
C GLY B 504 52.41 -1.15 5.04
N ALA B 505 51.46 -2.09 4.98
CA ALA B 505 50.10 -1.80 5.44
C ALA B 505 50.03 -1.58 6.94
N GLU B 506 50.62 -2.49 7.71
CA GLU B 506 50.74 -2.36 9.16
C GLU B 506 51.40 -1.04 9.59
N ASP B 507 52.51 -0.66 8.94
CA ASP B 507 53.20 0.63 9.24
C ASP B 507 52.33 1.85 8.86
N ALA B 508 51.62 1.74 7.74
CA ALA B 508 50.70 2.77 7.33
C ALA B 508 49.59 2.97 8.35
N ILE B 509 49.06 1.86 8.85
CA ILE B 509 48.04 1.91 9.87
C ILE B 509 48.60 2.59 11.14
N ALA B 510 49.79 2.19 11.55
CA ALA B 510 50.41 2.71 12.78
C ALA B 510 50.64 4.23 12.70
N ALA B 511 51.07 4.70 11.52
CA ALA B 511 51.32 6.10 11.31
C ALA B 511 50.02 6.90 11.19
N LEU B 512 48.92 6.24 10.80
CA LEU B 512 47.63 6.91 10.49
C LEU B 512 46.75 7.11 11.73
N LEU B 513 46.61 6.07 12.53
CA LEU B 513 45.56 6.07 13.53
C LEU B 513 45.77 6.99 14.77
N PRO B 514 47.02 7.21 15.23
CA PRO B 514 47.13 7.97 16.48
C PRO B 514 46.57 9.40 16.42
N ASP B 515 46.61 10.05 15.26
CA ASP B 515 46.09 11.40 15.10
C ASP B 515 44.63 11.50 14.68
N ALA B 516 44.04 10.43 14.21
CA ALA B 516 42.62 10.40 13.85
C ALA B 516 41.66 10.74 15.03
N ASP B 517 40.64 11.59 14.79
CA ASP B 517 39.60 11.83 15.81
C ASP B 517 38.72 10.53 15.99
N VAL B 518 38.54 9.83 14.86
CA VAL B 518 37.79 8.57 14.84
C VAL B 518 38.39 7.63 13.77
N THR B 519 38.36 6.34 14.09
CA THR B 519 38.83 5.23 13.25
C THR B 519 37.64 4.29 13.02
N PHE B 520 37.12 4.26 11.79
CA PHE B 520 36.11 3.25 11.40
C PHE B 520 36.84 1.99 10.98
N VAL B 521 36.43 0.83 11.52
CA VAL B 521 36.90 -0.42 11.04
C VAL B 521 35.73 -1.19 10.39
N PHE B 522 35.95 -1.56 9.14
CA PHE B 522 34.97 -2.26 8.38
C PHE B 522 35.39 -3.66 8.30
N LEU B 523 34.56 -4.53 8.82
CA LEU B 523 34.79 -5.99 8.81
C LEU B 523 33.76 -6.72 7.98
N ASN B 524 34.16 -7.88 7.47
CA ASN B 524 33.19 -8.77 6.92
C ASN B 524 33.38 -10.24 7.14
N ARG B 525 32.31 -11.01 6.83
CA ARG B 525 32.30 -12.47 6.85
C ARG B 525 31.43 -13.05 5.75
N TYR B 526 32.06 -13.33 4.63
CA TYR B 526 31.45 -14.07 3.55
C TYR B 526 31.07 -15.53 3.94
N SER B 527 29.92 -15.99 3.45
CA SER B 527 29.54 -17.40 3.46
C SER B 527 28.62 -17.61 2.27
N GLU B 528 28.36 -18.85 1.99
CA GLU B 528 27.74 -19.21 0.74
C GLU B 528 27.01 -20.55 0.82
N GLN B 529 26.19 -20.77 -0.21
CA GLN B 529 25.53 -22.01 -0.46
C GLN B 529 26.61 -23.07 -0.69
N GLY B 530 26.32 -24.30 -0.25
CA GLY B 530 27.19 -25.45 -0.45
C GLY B 530 28.14 -25.70 0.70
N ALA B 531 28.25 -24.75 1.62
CA ALA B 531 29.09 -24.93 2.78
C ALA B 531 28.46 -24.24 3.95
N ASP B 532 28.79 -24.74 5.13
CA ASP B 532 28.53 -24.08 6.40
C ASP B 532 29.82 -23.42 6.85
N ALA B 533 29.73 -22.28 7.52
CA ALA B 533 30.91 -21.64 8.09
C ALA B 533 31.49 -22.59 9.12
N PRO B 534 32.83 -22.75 9.16
CA PRO B 534 33.44 -23.67 10.15
C PRO B 534 33.32 -23.23 11.59
N ASP B 535 33.18 -21.91 11.81
CA ASP B 535 33.18 -21.26 13.13
C ASP B 535 32.74 -19.77 12.98
N PHE B 536 32.86 -18.96 14.04
CA PHE B 536 32.45 -17.53 14.03
C PHE B 536 33.52 -16.50 13.61
N SER B 537 34.60 -16.98 13.05
CA SER B 537 35.72 -16.14 12.77
C SER B 537 35.48 -15.16 11.56
N LEU B 538 36.02 -13.96 11.74
CA LEU B 538 35.92 -12.93 10.76
C LEU B 538 36.57 -13.35 9.46
N GLY B 539 36.04 -12.84 8.36
CA GLY B 539 36.61 -13.08 7.05
C GLY B 539 37.86 -12.25 6.92
N GLY B 540 38.76 -12.73 6.03
CA GLY B 540 39.99 -12.04 5.65
C GLY B 540 40.88 -11.72 6.81
N ASP B 541 41.49 -10.52 6.78
CA ASP B 541 42.36 -10.04 7.84
C ASP B 541 41.61 -9.34 8.97
N GLY B 542 40.31 -9.58 9.15
CA GLY B 542 39.53 -8.89 10.16
C GLY B 542 40.08 -8.91 11.59
N ASP B 543 40.58 -10.07 12.04
CA ASP B 543 41.17 -10.24 13.38
C ASP B 543 42.37 -9.31 13.51
N ASN B 544 43.24 -9.38 12.52
CA ASN B 544 44.41 -8.51 12.48
C ASN B 544 44.02 -7.03 12.48
N LEU B 545 43.03 -6.64 11.67
CA LEU B 545 42.67 -5.23 11.60
C LEU B 545 42.21 -4.72 12.98
N MET B 546 41.49 -5.56 13.71
CA MET B 546 40.99 -5.18 14.99
C MET B 546 42.09 -5.11 16.01
N ASP B 547 43.03 -6.05 16.01
CA ASP B 547 44.22 -5.96 16.88
C ASP B 547 45.01 -4.66 16.64
N LEU B 548 45.19 -4.27 15.37
CA LEU B 548 45.91 -3.03 15.04
C LEU B 548 45.09 -1.78 15.44
N ALA B 549 43.78 -1.82 15.24
CA ALA B 549 42.96 -0.64 15.50
C ALA B 549 42.97 -0.21 17.00
N VAL B 550 42.77 -1.17 17.87
CA VAL B 550 42.78 -0.91 19.34
C VAL B 550 44.18 -0.65 19.92
N THR B 551 45.22 -1.04 19.21
CA THR B 551 46.58 -0.72 19.62
C THR B 551 46.84 0.78 19.42
N TYR B 552 46.37 1.33 18.29
CA TYR B 552 46.71 2.69 17.89
C TYR B 552 45.62 3.76 18.04
N SER B 553 44.39 3.39 18.45
CA SER B 553 43.31 4.37 18.51
C SER B 553 42.43 4.07 19.66
N SER B 554 42.01 5.11 20.36
CA SER B 554 41.05 4.92 21.41
C SER B 554 39.62 5.34 21.00
N ASN B 555 39.31 5.27 19.72
CA ASN B 555 37.98 5.64 19.35
C ASN B 555 37.67 5.04 18.00
N VAL B 556 37.50 3.72 18.07
CA VAL B 556 37.31 2.84 16.95
C VAL B 556 35.81 2.51 16.90
N VAL B 557 35.22 2.63 15.72
CA VAL B 557 33.78 2.35 15.53
C VAL B 557 33.81 1.16 14.62
N VAL B 558 33.17 0.08 14.99
CA VAL B 558 33.23 -1.09 14.16
C VAL B 558 31.93 -1.27 13.42
N VAL B 559 32.01 -1.46 12.12
CA VAL B 559 30.83 -1.80 11.34
C VAL B 559 31.07 -3.15 10.68
N ILE B 560 30.12 -4.10 10.84
CA ILE B 560 30.24 -5.44 10.35
C ILE B 560 29.22 -5.67 9.23
N HIS B 561 29.71 -6.06 8.06
CA HIS B 561 28.90 -6.54 7.01
C HIS B 561 29.02 -8.03 7.04
N THR B 562 27.92 -8.75 7.23
CA THR B 562 28.00 -10.19 7.39
C THR B 562 26.72 -10.93 7.06
N THR B 563 26.91 -12.25 6.80
CA THR B 563 25.86 -13.21 6.59
C THR B 563 25.35 -13.84 7.91
N GLY B 564 25.99 -13.53 9.02
CA GLY B 564 25.60 -14.06 10.32
C GLY B 564 26.55 -13.67 11.44
N VAL B 565 26.48 -14.39 12.53
CA VAL B 565 27.12 -14.03 13.73
C VAL B 565 28.58 -14.27 13.56
N VAL B 566 29.34 -13.33 14.10
CA VAL B 566 30.81 -13.42 14.13
C VAL B 566 31.35 -13.22 15.54
N ASP B 567 32.60 -13.62 15.69
CA ASP B 567 33.28 -13.68 16.95
C ASP B 567 34.02 -12.37 17.14
N ILE B 568 33.52 -11.56 18.05
CA ILE B 568 34.10 -10.27 18.38
C ILE B 568 34.56 -10.26 19.83
N GLU B 569 34.67 -11.44 20.42
CA GLU B 569 34.92 -11.56 21.86
C GLU B 569 36.22 -10.94 22.26
N LYS B 570 37.19 -11.04 21.37
CA LYS B 570 38.51 -10.54 21.62
C LYS B 570 38.51 -9.01 21.94
N TRP B 571 37.57 -8.24 21.38
CA TRP B 571 37.56 -6.76 21.43
C TRP B 571 36.25 -6.06 21.85
N ALA B 572 35.10 -6.73 21.84
CA ALA B 572 33.82 -6.08 22.18
C ALA B 572 33.88 -5.31 23.52
N ASP B 573 34.62 -5.84 24.49
CA ASP B 573 34.75 -5.28 25.83
C ASP B 573 35.98 -4.37 26.02
N ASN B 574 36.82 -4.25 25.00
CA ASN B 574 37.88 -3.27 24.96
C ASN B 574 37.33 -1.83 24.95
N PRO B 575 37.82 -0.96 25.86
CA PRO B 575 37.19 0.36 25.83
C PRO B 575 37.64 1.23 24.65
N ASN B 576 38.64 0.80 23.87
CA ASN B 576 39.00 1.50 22.65
C ASN B 576 37.97 1.32 21.52
N VAL B 577 37.14 0.26 21.59
CA VAL B 577 36.05 0.09 20.68
C VAL B 577 34.88 0.80 21.31
N THR B 578 34.58 2.00 20.80
CA THR B 578 33.53 2.84 21.42
C THR B 578 32.16 2.60 20.86
N ALA B 579 32.10 2.01 19.69
CA ALA B 579 30.83 1.64 19.14
C ALA B 579 30.99 0.49 18.19
N ILE B 580 30.00 -0.38 18.17
CA ILE B 580 29.97 -1.47 17.25
C ILE B 580 28.56 -1.50 16.64
N LEU B 581 28.52 -1.69 15.32
CA LEU B 581 27.25 -1.88 14.55
C LEU B 581 27.29 -3.06 13.56
N VAL B 582 26.13 -3.72 13.36
CA VAL B 582 26.00 -4.75 12.36
C VAL B 582 25.09 -4.22 11.26
N ALA B 583 25.61 -4.21 10.03
CA ALA B 583 24.87 -3.75 8.85
C ALA B 583 24.43 -4.89 7.93
N TYR B 584 24.79 -6.14 8.27
CA TYR B 584 24.22 -7.30 7.59
C TYR B 584 24.60 -7.27 6.08
N LEU B 585 23.66 -7.32 5.16
CA LEU B 585 24.03 -7.45 3.73
C LEU B 585 23.21 -6.38 3.02
N PRO B 586 23.75 -5.14 2.91
CA PRO B 586 22.92 -4.04 2.50
C PRO B 586 22.63 -3.89 1.04
N GLY B 587 23.14 -4.74 0.15
CA GLY B 587 22.86 -4.50 -1.27
C GLY B 587 23.65 -3.30 -1.81
N GLN B 588 23.16 -2.64 -2.85
CA GLN B 588 23.95 -1.68 -3.62
C GLN B 588 24.19 -0.36 -2.91
N GLU B 589 23.28 0.02 -1.99
CA GLU B 589 23.41 1.30 -1.30
C GLU B 589 24.08 1.16 0.05
N ALA B 590 25.20 0.49 0.11
CA ALA B 590 25.76 0.15 1.39
C ALA B 590 26.24 1.34 2.18
N GLY B 591 26.97 2.23 1.50
CA GLY B 591 27.66 3.37 2.20
C GLY B 591 26.68 4.48 2.54
N ASN B 592 25.87 4.88 1.57
CA ASN B 592 24.90 5.97 1.80
C ASN B 592 23.71 5.59 2.74
N SER B 593 23.38 4.31 2.87
CA SER B 593 22.46 3.83 3.94
C SER B 593 23.07 3.93 5.34
N LEU B 594 24.36 3.69 5.45
CA LEU B 594 25.07 3.64 6.76
C LEU B 594 25.41 5.01 7.41
N VAL B 595 25.98 5.87 6.60
CA VAL B 595 26.54 7.10 7.04
C VAL B 595 25.57 8.09 7.65
N PRO B 596 24.33 8.20 7.14
CA PRO B 596 23.38 9.06 7.82
C PRO B 596 23.15 8.67 9.27
N VAL B 597 23.20 7.36 9.49
CA VAL B 597 22.99 6.78 10.82
C VAL B 597 24.17 7.11 11.71
N LEU B 598 25.37 6.93 11.22
CA LEU B 598 26.64 7.27 11.96
C LEU B 598 26.70 8.71 12.45
N TYR B 599 26.28 9.63 11.56
CA TYR B 599 26.29 11.08 11.78
C TYR B 599 25.04 11.66 12.47
N GLY B 600 24.09 10.81 12.78
CA GLY B 600 22.89 11.28 13.45
C GLY B 600 21.77 11.82 12.62
N ASP B 601 21.87 11.84 11.29
CA ASP B 601 20.75 12.28 10.51
C ASP B 601 19.49 11.55 10.90
N VAL B 602 19.65 10.22 11.10
CA VAL B 602 18.64 9.25 11.62
C VAL B 602 19.24 8.39 12.75
N ALA B 603 18.44 8.11 13.76
CA ALA B 603 18.86 7.31 14.86
C ALA B 603 18.82 5.84 14.37
N PRO B 604 19.75 4.99 14.82
CA PRO B 604 19.63 3.60 14.38
C PRO B 604 18.35 3.04 14.94
N SER B 605 17.70 2.16 14.18
CA SER B 605 16.48 1.53 14.63
C SER B 605 16.46 0.04 14.46
N GLY B 606 17.48 -0.53 13.84
CA GLY B 606 17.45 -1.98 13.64
C GLY B 606 17.64 -2.77 14.91
N LYS B 607 17.09 -3.99 14.94
CA LYS B 607 17.42 -4.94 15.97
C LYS B 607 17.69 -6.37 15.39
N LEU B 608 18.49 -7.13 16.15
CA LEU B 608 18.94 -8.47 15.83
C LEU B 608 17.78 -9.48 15.65
N PRO B 609 17.77 -10.17 14.49
CA PRO B 609 16.77 -11.13 14.17
C PRO B 609 17.24 -12.53 14.47
N TRP B 610 18.38 -12.68 15.13
CA TRP B 610 18.75 -13.90 15.82
C TRP B 610 19.54 -13.59 17.14
N THR B 611 20.05 -14.63 17.79
CA THR B 611 20.82 -14.52 19.01
C THR B 611 22.32 -14.49 18.66
N TRP B 612 23.02 -13.60 19.35
CA TRP B 612 24.44 -13.40 19.22
C TRP B 612 25.04 -13.89 20.53
N GLY B 613 25.34 -15.16 20.55
CA GLY B 613 26.07 -15.77 21.68
C GLY B 613 27.57 -15.50 21.75
N LYS B 614 28.11 -15.58 22.95
CA LYS B 614 29.57 -15.46 23.20
C LYS B 614 30.37 -16.57 22.55
N SER B 615 29.79 -17.74 22.45
CA SER B 615 30.50 -18.91 21.94
C SER B 615 29.56 -19.78 21.15
N ILE B 616 30.12 -20.44 20.12
CA ILE B 616 29.40 -21.43 19.37
C ILE B 616 28.88 -22.57 20.26
N ASP B 617 29.54 -22.85 21.37
CA ASP B 617 29.13 -23.91 22.29
C ASP B 617 27.82 -23.65 22.99
N ASP B 618 27.44 -22.36 23.06
CA ASP B 618 26.18 -21.91 23.65
C ASP B 618 24.92 -22.16 22.85
N TYR B 619 25.04 -22.53 21.59
CA TYR B 619 23.85 -22.73 20.78
C TYR B 619 23.43 -24.24 20.83
N VAL B 620 22.26 -24.55 20.26
CA VAL B 620 21.81 -25.93 19.92
C VAL B 620 23.01 -26.81 19.53
N PRO B 621 23.23 -27.94 20.23
CA PRO B 621 24.38 -28.81 19.85
C PRO B 621 24.12 -29.66 18.62
N ASN B 622 25.20 -30.07 17.96
CA ASN B 622 25.15 -30.87 16.74
C ASN B 622 24.46 -30.06 15.66
N GLY B 623 24.69 -28.74 15.70
CA GLY B 623 24.08 -27.85 14.72
C GLY B 623 24.49 -28.20 13.30
N VAL B 624 25.76 -28.61 13.15
CA VAL B 624 26.31 -29.09 11.89
C VAL B 624 26.91 -30.47 12.12
N VAL B 625 26.25 -31.48 11.55
CA VAL B 625 26.77 -32.86 11.54
C VAL B 625 27.77 -33.03 10.40
N TYR B 626 29.01 -33.34 10.74
CA TYR B 626 30.06 -33.70 9.78
C TYR B 626 30.31 -35.19 9.91
N THR B 627 30.19 -35.95 8.83
CA THR B 627 30.46 -37.40 8.92
C THR B 627 30.67 -38.02 7.56
N ASP B 628 31.34 -39.18 7.54
CA ASP B 628 31.58 -39.93 6.30
C ASP B 628 30.59 -41.09 6.14
N ALA B 629 29.68 -41.26 7.10
CA ALA B 629 28.69 -42.34 7.02
C ALA B 629 27.83 -42.19 5.75
N TYR B 630 27.59 -43.30 5.05
CA TYR B 630 26.81 -43.28 3.81
C TYR B 630 25.38 -42.66 3.98
N SER B 631 24.78 -42.88 5.15
CA SER B 631 23.45 -42.34 5.51
C SER B 631 23.59 -41.47 6.74
N PRO B 632 23.99 -40.18 6.54
CA PRO B 632 24.31 -39.32 7.67
C PRO B 632 23.04 -38.79 8.35
N GLN B 633 23.09 -38.66 9.67
CA GLN B 633 21.91 -38.37 10.49
C GLN B 633 22.07 -37.06 11.29
N SER B 634 20.99 -36.28 11.31
CA SER B 634 20.86 -35.14 12.23
C SER B 634 19.57 -35.32 13.04
N ASN B 635 19.70 -35.70 14.31
CA ASN B 635 18.56 -35.86 15.21
C ASN B 635 18.21 -34.52 15.86
N PHE B 636 17.01 -34.01 15.58
CA PHE B 636 16.58 -32.70 16.09
C PHE B 636 16.03 -32.88 17.54
N THR B 637 16.94 -33.30 18.42
CA THR B 637 16.69 -33.64 19.85
C THR B 637 16.24 -32.42 20.67
N GLU B 638 16.77 -31.24 20.32
CA GLU B 638 16.34 -29.96 20.89
C GLU B 638 14.84 -29.63 20.68
N GLY B 639 14.22 -30.18 19.65
CA GLY B 639 12.78 -29.97 19.45
C GLY B 639 12.55 -28.52 19.04
N VAL B 640 11.59 -27.83 19.68
CA VAL B 640 11.29 -26.44 19.33
C VAL B 640 12.32 -25.45 19.83
N PHE B 641 13.29 -25.89 20.64
CA PHE B 641 14.23 -25.02 21.29
C PHE B 641 15.43 -24.69 20.37
N ILE B 642 15.24 -23.75 19.44
CA ILE B 642 16.39 -23.19 18.70
C ILE B 642 16.59 -21.74 19.05
N ASP B 643 17.74 -21.21 18.62
CA ASP B 643 18.05 -19.83 18.80
C ASP B 643 17.67 -19.44 20.23
N TYR B 644 16.87 -18.40 20.41
CA TYR B 644 16.71 -17.82 21.75
C TYR B 644 15.99 -18.74 22.68
N ARG B 645 15.09 -19.56 22.17
CA ARG B 645 14.40 -20.47 23.03
C ARG B 645 15.40 -21.42 23.69
N TRP B 646 16.49 -21.77 23.00
CA TRP B 646 17.53 -22.60 23.60
C TRP B 646 18.27 -21.84 24.72
N PHE B 647 18.72 -20.63 24.40
CA PHE B 647 19.44 -19.80 25.36
C PHE B 647 18.58 -19.54 26.61
N ASP B 648 17.28 -19.23 26.42
CA ASP B 648 16.37 -18.94 27.57
C ASP B 648 16.18 -20.20 28.41
N LYS B 649 15.89 -21.33 27.76
CA LYS B 649 15.72 -22.60 28.50
C LYS B 649 16.97 -23.07 29.29
N MET B 650 18.16 -22.99 28.69
CA MET B 650 19.38 -23.44 29.36
C MET B 650 19.95 -22.41 30.28
N GLY B 651 19.30 -21.25 30.44
CA GLY B 651 19.84 -20.18 31.27
C GLY B 651 21.16 -19.60 30.83
N ILE B 652 21.42 -19.57 29.49
CA ILE B 652 22.69 -19.03 28.92
C ILE B 652 22.50 -17.56 28.54
N THR B 653 23.51 -16.75 28.87
CA THR B 653 23.44 -15.33 28.61
C THR B 653 24.18 -15.05 27.29
N PRO B 654 23.46 -14.58 26.23
CA PRO B 654 24.16 -14.15 25.02
C PRO B 654 24.83 -12.79 25.23
N ARG B 655 25.81 -12.48 24.39
CA ARG B 655 26.34 -11.11 24.37
C ARG B 655 25.18 -10.18 23.92
N TYR B 656 24.51 -10.52 22.82
CA TYR B 656 23.40 -9.70 22.41
C TYR B 656 22.23 -10.58 22.10
N GLU B 657 21.15 -10.31 22.79
CA GLU B 657 19.97 -11.16 22.69
C GLU B 657 19.20 -10.91 21.40
N PHE B 658 18.27 -11.87 21.12
CA PHE B 658 17.29 -11.77 20.04
C PHE B 658 16.42 -10.54 20.28
N GLY B 659 16.29 -9.75 19.23
CA GLY B 659 15.58 -8.51 19.27
C GLY B 659 16.30 -7.38 19.95
N PHE B 660 17.61 -7.47 20.05
CA PHE B 660 18.36 -6.40 20.67
C PHE B 660 18.89 -5.43 19.61
N GLY B 661 18.85 -4.17 19.99
CA GLY B 661 19.48 -3.09 19.28
C GLY B 661 19.25 -1.77 20.01
N LEU B 662 20.31 -0.98 20.07
CA LEU B 662 20.29 0.32 20.68
C LEU B 662 19.87 1.41 19.69
N SER B 663 19.50 2.54 20.27
CA SER B 663 19.07 3.71 19.52
C SER B 663 19.97 4.81 20.06
N TYR B 664 19.75 6.07 19.67
CA TYR B 664 20.53 7.17 20.31
C TYR B 664 19.73 7.85 21.41
N THR B 665 18.58 7.22 21.76
CA THR B 665 17.66 7.67 22.81
C THR B 665 17.16 6.39 23.54
N THR B 666 16.27 6.57 24.51
CA THR B 666 15.73 5.48 25.30
C THR B 666 14.22 5.60 25.37
N PHE B 667 13.60 4.45 25.59
CA PHE B 667 12.14 4.31 25.54
C PHE B 667 11.68 3.70 26.86
N THR B 668 10.60 4.23 27.41
CA THR B 668 10.01 3.64 28.61
C THR B 668 8.68 3.01 28.22
N TYR B 669 8.44 1.79 28.69
CA TYR B 669 7.15 1.08 28.48
C TYR B 669 6.15 1.27 29.62
N SER B 670 4.87 1.48 29.29
CA SER B 670 3.85 1.59 30.33
C SER B 670 2.50 1.08 29.86
N ASN B 671 1.59 0.89 30.82
CA ASN B 671 0.14 0.77 30.56
C ASN B 671 -0.28 -0.39 29.61
N LEU B 672 0.09 -1.60 30.00
CA LEU B 672 -0.21 -2.82 29.24
C LEU B 672 -1.70 -3.19 29.44
N ILE B 673 -2.38 -3.44 28.32
CA ILE B 673 -3.79 -3.70 28.24
C ILE B 673 -4.01 -4.90 27.33
N VAL B 674 -4.76 -5.87 27.81
CA VAL B 674 -5.17 -6.97 26.97
C VAL B 674 -6.62 -6.69 26.71
N ASP B 675 -6.97 -6.47 25.46
CA ASP B 675 -8.35 -6.15 25.09
C ASP B 675 -9.00 -7.45 24.57
N HIS B 676 -9.59 -8.22 25.51
CA HIS B 676 -10.40 -9.44 25.28
C HIS B 676 -11.53 -9.23 24.25
N GLY B 677 -12.07 -8.02 24.15
CA GLY B 677 -13.10 -7.66 23.20
C GLY B 677 -12.67 -7.32 21.77
N ARG B 678 -11.40 -7.07 21.52
CA ARG B 678 -10.93 -6.76 20.16
C ARG B 678 -10.50 -8.05 19.43
N TRP B 679 -11.46 -8.64 18.73
CA TRP B 679 -11.32 -9.89 17.98
C TRP B 679 -12.02 -9.73 16.63
N ALA B 680 -11.64 -10.56 15.67
CA ALA B 680 -12.17 -10.48 14.31
C ALA B 680 -11.95 -11.79 13.57
N LYS B 681 -12.76 -12.04 12.54
CA LYS B 681 -12.50 -13.13 11.64
C LYS B 681 -11.43 -12.66 10.67
N ASP B 682 -10.54 -13.52 10.21
CA ASP B 682 -9.57 -13.07 9.21
C ASP B 682 -10.31 -13.26 7.91
N TYR B 683 -10.55 -12.16 7.19
CA TYR B 683 -11.24 -12.21 5.91
C TYR B 683 -10.20 -12.08 4.78
N SER B 684 -8.92 -11.93 5.14
CA SER B 684 -7.91 -11.26 4.31
C SER B 684 -6.97 -12.19 3.53
N SER B 685 -6.78 -13.41 4.01
CA SER B 685 -5.82 -14.32 3.42
C SER B 685 -6.11 -14.61 1.94
N VAL B 686 -5.08 -14.95 1.21
CA VAL B 686 -5.26 -15.33 -0.18
C VAL B 686 -5.72 -16.79 -0.26
N MET B 687 -5.14 -17.66 0.56
CA MET B 687 -5.56 -19.05 0.56
C MET B 687 -5.80 -19.48 1.99
N GLU B 688 -6.52 -20.57 2.17
CA GLU B 688 -6.72 -21.18 3.47
C GLU B 688 -6.04 -22.51 3.49
N THR B 689 -5.69 -22.93 4.68
CA THR B 689 -5.22 -24.24 4.98
C THR B 689 -6.43 -25.05 5.54
N ALA B 690 -6.14 -26.32 5.85
CA ALA B 690 -7.11 -27.22 6.53
C ALA B 690 -6.43 -27.74 7.78
N GLU B 691 -5.79 -26.84 8.52
CA GLU B 691 -5.09 -27.24 9.72
C GLU B 691 -6.17 -27.56 10.75
N PRO B 692 -6.24 -28.83 11.21
CA PRO B 692 -7.28 -29.13 12.23
C PRO B 692 -7.06 -28.39 13.54
N PHE B 693 -8.14 -28.09 14.25
CA PHE B 693 -8.00 -27.53 15.59
C PHE B 693 -9.23 -27.74 16.42
N ALA B 694 -9.01 -27.80 17.73
CA ALA B 694 -10.04 -28.24 18.72
C ALA B 694 -11.36 -27.47 18.64
N GLU B 695 -11.24 -26.16 18.42
CA GLU B 695 -12.35 -25.20 18.52
C GLU B 695 -13.07 -25.02 17.17
N TRP B 696 -12.76 -25.83 16.16
CA TRP B 696 -13.37 -25.71 14.83
C TRP B 696 -14.88 -25.97 14.86
N ASP B 697 -15.65 -25.10 14.19
CA ASP B 697 -17.11 -25.25 14.01
C ASP B 697 -17.64 -24.88 12.57
N GLY B 698 -16.74 -24.66 11.60
CA GLY B 698 -17.13 -24.32 10.21
C GLY B 698 -17.59 -22.88 9.98
N THR B 699 -17.29 -22.00 10.93
CA THR B 699 -17.49 -20.54 10.82
C THR B 699 -16.22 -19.80 11.41
N ASN B 700 -15.11 -20.52 11.37
CA ASN B 700 -14.06 -20.42 12.39
C ASN B 700 -12.70 -20.63 11.73
N SER B 701 -11.67 -20.08 12.35
CA SER B 701 -10.31 -20.24 11.82
C SER B 701 -9.27 -20.17 12.92
N LEU B 702 -8.22 -20.97 12.74
CA LEU B 702 -7.03 -20.86 13.55
C LEU B 702 -6.36 -19.50 13.51
N TYR B 703 -6.67 -18.69 12.49
CA TYR B 703 -6.04 -17.35 12.29
C TYR B 703 -7.00 -16.21 12.69
N ASP B 704 -8.12 -16.53 13.32
CA ASP B 704 -9.03 -15.48 13.82
C ASP B 704 -8.23 -14.74 14.87
N VAL B 705 -8.43 -13.45 14.97
CA VAL B 705 -7.85 -12.68 16.10
C VAL B 705 -8.83 -12.87 17.22
N ILE B 706 -8.30 -13.32 18.35
CA ILE B 706 -9.12 -13.61 19.51
C ILE B 706 -8.93 -12.61 20.64
N PHE B 707 -7.81 -11.91 20.67
CA PHE B 707 -7.70 -10.65 21.43
C PHE B 707 -6.50 -9.82 20.93
N THR B 708 -6.33 -8.61 21.47
CA THR B 708 -5.33 -7.68 21.01
C THR B 708 -4.68 -7.09 22.23
N VAL B 709 -3.35 -6.97 22.24
CA VAL B 709 -2.65 -6.30 23.31
C VAL B 709 -2.11 -4.96 22.84
N PHE B 710 -2.09 -4.03 23.79
CA PHE B 710 -1.67 -2.66 23.63
C PHE B 710 -0.72 -2.27 24.75
N ALA B 711 0.15 -1.30 24.44
CA ALA B 711 1.10 -0.75 25.40
C ALA B 711 1.50 0.54 24.83
N THR B 712 2.17 1.32 25.63
CA THR B 712 2.47 2.67 25.34
C THR B 712 3.97 2.78 25.49
N ILE B 713 4.63 3.53 24.60
CA ILE B 713 6.06 3.79 24.76
C ILE B 713 6.23 5.31 24.83
N THR B 714 7.20 5.76 25.58
CA THR B 714 7.51 7.19 25.73
C THR B 714 8.98 7.30 25.50
N ASN B 715 9.36 8.22 24.63
CA ASN B 715 10.78 8.58 24.42
C ASN B 715 11.27 9.42 25.62
N THR B 716 12.16 8.84 26.41
CA THR B 716 12.64 9.42 27.66
C THR B 716 14.10 9.81 27.61
N GLY B 717 14.65 9.89 26.40
CA GLY B 717 15.97 10.48 26.19
C GLY B 717 15.95 11.86 25.56
N ASN B 718 17.04 12.20 24.88
CA ASN B 718 17.29 13.56 24.36
C ASN B 718 17.16 13.70 22.86
N LEU B 719 16.85 12.62 22.13
CA LEU B 719 16.71 12.64 20.67
C LEU B 719 15.49 11.87 20.16
N THR B 720 14.91 12.37 19.09
CA THR B 720 13.94 11.59 18.30
C THR B 720 14.49 10.22 17.93
N GLY B 721 13.63 9.20 17.87
CA GLY B 721 14.02 7.82 17.51
C GLY B 721 12.85 6.91 17.18
N SER B 722 13.15 5.87 16.41
CA SER B 722 12.14 4.81 16.14
C SER B 722 12.36 3.66 17.11
N GLU B 723 11.30 2.89 17.38
CA GLU B 723 11.39 1.87 18.40
C GLU B 723 10.55 0.76 17.90
N VAL B 724 11.18 -0.42 17.87
CA VAL B 724 10.57 -1.69 17.57
C VAL B 724 10.13 -2.34 18.89
N ALA B 725 8.83 -2.50 19.08
CA ALA B 725 8.24 -3.03 20.32
C ALA B 725 7.97 -4.49 20.05
N GLN B 726 8.24 -5.35 21.03
CA GLN B 726 8.09 -6.81 20.87
C GLN B 726 7.17 -7.39 21.98
N LEU B 727 6.36 -8.38 21.61
CA LEU B 727 5.49 -9.09 22.51
C LEU B 727 5.93 -10.55 22.53
N TYR B 728 5.98 -11.11 23.73
CA TYR B 728 6.24 -12.57 23.96
C TYR B 728 5.11 -13.18 24.81
N ILE B 729 4.75 -14.43 24.49
CA ILE B 729 3.81 -15.25 25.28
C ILE B 729 4.52 -16.50 25.79
N SER B 730 4.40 -16.72 27.10
CA SER B 730 4.69 -18.02 27.71
C SER B 730 3.42 -18.85 27.61
N ILE B 731 3.40 -19.80 26.71
CA ILE B 731 2.26 -20.67 26.58
C ILE B 731 2.47 -21.79 27.62
N PRO B 732 1.52 -21.97 28.54
CA PRO B 732 1.76 -23.00 29.57
C PRO B 732 1.68 -24.38 28.96
N GLY B 733 2.37 -25.34 29.56
CA GLY B 733 2.30 -26.71 29.07
C GLY B 733 3.52 -27.47 29.50
N ASP B 734 3.81 -28.54 28.78
CA ASP B 734 4.70 -29.58 29.29
C ASP B 734 6.15 -29.11 29.28
N ASN B 735 6.71 -29.02 28.08
CA ASN B 735 8.14 -28.83 27.89
C ASN B 735 8.23 -27.60 26.96
N GLN B 736 7.81 -26.46 27.49
CA GLN B 736 7.47 -25.29 26.67
C GLN B 736 8.53 -24.18 26.73
N PRO B 737 8.71 -23.44 25.63
CA PRO B 737 9.70 -22.38 25.73
C PRO B 737 9.28 -21.41 26.81
N VAL B 738 10.27 -20.79 27.42
CA VAL B 738 10.04 -19.76 28.41
C VAL B 738 9.13 -18.70 27.82
N ARG B 739 9.50 -18.21 26.64
CA ARG B 739 8.71 -17.20 25.96
C ARG B 739 8.88 -17.27 24.44
N GLN B 740 7.80 -17.05 23.71
CA GLN B 740 7.81 -17.14 22.25
C GLN B 740 7.32 -15.84 21.70
N LEU B 741 8.05 -15.28 20.75
CA LEU B 741 7.61 -14.06 20.09
C LEU B 741 6.26 -14.28 19.43
N ARG B 742 5.35 -13.34 19.63
CA ARG B 742 4.03 -13.31 19.00
C ARG B 742 3.59 -11.88 18.62
N GLY B 743 4.49 -10.90 18.72
CA GLY B 743 4.22 -9.65 18.05
C GLY B 743 5.41 -8.74 18.02
N PHE B 744 5.34 -7.77 17.09
CA PHE B 744 6.30 -6.65 16.94
C PHE B 744 5.60 -5.53 16.23
N ASP B 745 5.93 -4.32 16.61
CA ASP B 745 5.36 -3.13 16.01
C ASP B 745 6.46 -2.07 16.03
N LYS B 746 6.69 -1.41 14.89
CA LYS B 746 7.69 -0.39 14.82
C LYS B 746 7.04 1.01 14.85
N ILE B 747 7.28 1.78 15.94
CA ILE B 747 6.95 3.23 15.97
C ILE B 747 8.07 4.08 15.32
N LYS B 748 7.71 4.91 14.33
CA LYS B 748 8.68 5.66 13.52
C LYS B 748 8.82 7.08 14.10
N ASP B 749 10.06 7.48 14.42
CA ASP B 749 10.41 8.89 14.61
C ASP B 749 9.66 9.58 15.79
N LEU B 750 9.64 8.90 16.92
CA LEU B 750 8.93 9.36 18.12
C LEU B 750 9.70 10.62 18.69
N PRO B 751 9.07 11.82 18.62
CA PRO B 751 9.74 12.99 19.20
C PRO B 751 9.99 12.89 20.74
N VAL B 752 10.95 13.68 21.19
CA VAL B 752 11.42 13.67 22.55
C VAL B 752 10.26 14.01 23.45
N GLY B 753 10.00 13.13 24.41
CA GLY B 753 8.93 13.31 25.36
C GLY B 753 7.55 12.87 24.93
N ASP B 754 7.40 12.32 23.73
CA ASP B 754 6.08 12.01 23.20
C ASP B 754 5.82 10.56 23.48
N SER B 755 4.56 10.20 23.41
CA SER B 755 4.13 8.85 23.58
C SER B 755 3.42 8.27 22.36
N ALA B 756 3.35 6.96 22.32
CA ALA B 756 2.63 6.27 21.26
C ALA B 756 2.28 4.88 21.73
N VAL B 757 1.18 4.38 21.16
CA VAL B 757 0.60 3.09 21.49
C VAL B 757 1.05 2.09 20.43
N VAL B 758 1.57 0.97 20.88
CA VAL B 758 1.88 -0.17 20.04
C VAL B 758 0.76 -1.20 20.22
N THR B 759 0.46 -1.89 19.14
CA THR B 759 -0.71 -2.67 19.05
C THR B 759 -0.32 -4.07 18.52
N PHE B 760 -0.88 -5.14 19.10
CA PHE B 760 -0.46 -6.53 18.84
C PHE B 760 -1.68 -7.45 18.68
N PRO B 761 -2.20 -7.62 17.43
CA PRO B 761 -3.25 -8.67 17.30
C PRO B 761 -2.74 -10.11 17.57
N ILE B 762 -3.41 -10.86 18.45
CA ILE B 762 -3.09 -12.24 18.74
C ILE B 762 -4.16 -13.20 18.15
N ARG B 763 -3.70 -14.09 17.29
CA ARG B 763 -4.52 -15.09 16.64
C ARG B 763 -4.70 -16.29 17.51
N ARG B 764 -5.71 -17.10 17.21
CA ARG B 764 -5.92 -18.40 17.90
C ARG B 764 -4.66 -19.25 17.82
N LYS B 765 -4.13 -19.43 16.60
CA LYS B 765 -2.85 -20.18 16.43
C LYS B 765 -1.68 -19.71 17.31
N ASP B 766 -1.66 -18.40 17.58
CA ASP B 766 -0.62 -17.76 18.41
C ASP B 766 -0.61 -18.20 19.84
N VAL B 767 -1.75 -18.73 20.32
CA VAL B 767 -1.84 -19.25 21.70
C VAL B 767 -2.05 -20.75 21.76
N SER B 768 -1.82 -21.44 20.63
CA SER B 768 -2.09 -22.85 20.54
C SER B 768 -0.82 -23.69 20.69
N SER B 769 -1.03 -24.98 20.91
CA SER B 769 -0.01 -26.02 20.85
C SER B 769 -0.56 -27.14 19.96
N TRP B 770 0.34 -27.90 19.32
CA TRP B 770 -0.03 -29.08 18.60
C TRP B 770 -0.07 -30.27 19.63
N SER B 771 -1.20 -30.98 19.62
CA SER B 771 -1.42 -32.25 20.34
C SER B 771 -1.01 -33.37 19.37
N VAL B 772 0.08 -34.05 19.70
CA VAL B 772 0.55 -35.15 18.87
C VAL B 772 -0.45 -36.28 18.95
N VAL B 773 -1.08 -36.46 20.11
CA VAL B 773 -2.02 -37.54 20.34
C VAL B 773 -3.26 -37.29 19.47
N ASP B 774 -3.83 -36.09 19.54
CA ASP B 774 -5.07 -35.81 18.80
C ASP B 774 -4.86 -35.31 17.39
N GLN B 775 -3.62 -35.00 17.02
CA GLN B 775 -3.32 -34.46 15.68
C GLN B 775 -4.18 -33.27 15.37
N LEU B 776 -4.11 -32.30 16.27
CA LEU B 776 -4.76 -31.02 16.07
C LEU B 776 -4.15 -29.97 16.97
N TRP B 777 -4.43 -28.72 16.61
CA TRP B 777 -4.06 -27.57 17.40
C TRP B 777 -5.14 -27.31 18.49
N TYR B 778 -4.69 -26.91 19.65
CA TYR B 778 -5.57 -26.56 20.75
C TYR B 778 -4.96 -25.44 21.59
N VAL B 779 -5.81 -24.69 22.28
CA VAL B 779 -5.37 -23.71 23.24
C VAL B 779 -5.28 -24.35 24.61
N PRO B 780 -4.07 -24.61 25.14
CA PRO B 780 -4.01 -25.31 26.42
C PRO B 780 -4.64 -24.50 27.53
N ASN B 781 -5.06 -25.17 28.60
CA ASN B 781 -5.66 -24.45 29.73
C ASN B 781 -4.53 -24.12 30.69
N GLY B 782 -4.63 -22.97 31.34
CA GLY B 782 -3.56 -22.51 32.19
C GLY B 782 -3.37 -21.03 32.07
N ASP B 783 -2.35 -20.54 32.79
CA ASP B 783 -2.00 -19.12 32.82
C ASP B 783 -0.90 -18.84 31.78
N PHE B 784 -1.22 -17.96 30.84
CA PHE B 784 -0.32 -17.50 29.78
C PHE B 784 0.30 -16.23 30.24
N LEU B 785 1.63 -16.14 30.25
CA LEU B 785 2.28 -14.86 30.54
C LEU B 785 2.50 -14.07 29.23
N ILE B 786 2.03 -12.83 29.22
CA ILE B 786 2.23 -11.93 28.11
C ILE B 786 3.25 -10.89 28.57
N SER B 787 4.38 -10.81 27.86
CA SER B 787 5.45 -9.83 28.15
C SER B 787 5.65 -8.88 26.95
N VAL B 788 5.80 -7.60 27.26
CA VAL B 788 6.04 -6.59 26.24
C VAL B 788 7.29 -5.79 26.56
N GLY B 789 8.08 -5.49 25.56
CA GLY B 789 9.25 -4.62 25.75
C GLY B 789 10.12 -4.54 24.50
N GLY B 790 11.32 -4.02 24.69
CA GLY B 790 12.26 -3.65 23.62
C GLY B 790 13.23 -4.73 23.12
N SER B 791 13.32 -5.86 23.80
CA SER B 791 14.15 -7.04 23.42
C SER B 791 13.57 -8.35 24.04
N SER B 792 14.08 -9.50 23.60
CA SER B 792 13.72 -10.80 24.21
C SER B 792 14.09 -10.81 25.69
N ARG B 793 15.05 -10.00 26.16
CA ARG B 793 15.41 -9.93 27.60
C ARG B 793 15.26 -8.58 28.27
N ASP B 794 14.30 -7.80 27.82
CA ASP B 794 14.12 -6.44 28.32
C ASP B 794 12.64 -6.26 28.10
N LEU B 795 11.93 -6.83 29.07
CA LEU B 795 10.51 -6.94 29.07
C LEU B 795 9.96 -6.35 30.37
N PRO B 796 9.93 -5.01 30.47
CA PRO B 796 9.41 -4.39 31.71
C PRO B 796 7.90 -4.55 31.98
N LEU B 797 7.10 -4.88 30.97
CA LEU B 797 5.66 -5.05 31.14
C LEU B 797 5.27 -6.53 31.04
N ASN B 798 4.43 -6.97 31.97
CA ASN B 798 3.81 -8.29 31.84
C ASN B 798 2.46 -8.36 32.54
N THR B 799 1.67 -9.34 32.14
CA THR B 799 0.32 -9.56 32.65
C THR B 799 0.03 -11.02 32.36
N THR B 800 -1.09 -11.51 32.88
CA THR B 800 -1.48 -12.92 32.71
C THR B 800 -2.81 -12.95 31.96
N TRP B 801 -2.98 -13.92 31.07
CA TRP B 801 -4.22 -14.10 30.38
C TRP B 801 -4.59 -15.56 30.53
N THR B 802 -5.85 -15.85 30.83
CA THR B 802 -6.39 -17.21 30.87
C THR B 802 -7.59 -17.22 29.90
N PRO B 803 -7.86 -18.36 29.22
CA PRO B 803 -9.17 -18.51 28.55
C PRO B 803 -10.27 -18.97 29.52
#